data_1SXM
#
_entry.id   1SXM
#
_cell.length_a   1.000
_cell.length_b   1.000
_cell.length_c   1.000
_cell.angle_alpha   90.00
_cell.angle_beta   90.00
_cell.angle_gamma   90.00
#
_symmetry.space_group_name_H-M   'P 1'
#
_entity_poly.entity_id   1
_entity_poly.type   'polypeptide(L)'
_entity_poly.pdbx_seq_one_letter_code
;TIINVKCTSPKQCSKPCKELYGSSAGAKCMNGKCKCYNN(NH2)
;
_entity_poly.pdbx_strand_id   A
#
loop_
_chem_comp.id
_chem_comp.type
_chem_comp.name
_chem_comp.formula
NH2 non-polymer 'AMINO GROUP' 'H2 N'
#
# COMPACT_ATOMS: atom_id res chain seq x y z
N THR A 1 -9.18 -2.08 5.51
CA THR A 1 -7.77 -2.52 5.48
C THR A 1 -6.91 -1.38 5.03
N ILE A 2 -6.52 -0.51 6.01
CA ILE A 2 -5.75 0.71 5.84
C ILE A 2 -4.60 0.56 6.82
N ILE A 3 -3.33 0.79 6.34
CA ILE A 3 -2.11 0.75 7.15
C ILE A 3 -1.60 2.18 7.34
N ASN A 4 -0.40 2.32 7.96
CA ASN A 4 0.21 3.60 8.30
C ASN A 4 1.65 3.55 7.82
N VAL A 5 1.85 3.79 6.49
CA VAL A 5 3.14 3.94 5.84
C VAL A 5 2.98 5.19 5.02
N LYS A 6 3.93 6.15 5.14
CA LYS A 6 3.94 7.45 4.48
C LYS A 6 4.42 7.30 3.03
N CYS A 7 3.74 7.97 2.07
CA CYS A 7 3.94 7.74 0.66
C CYS A 7 3.79 9.07 -0.07
N THR A 8 4.13 9.05 -1.39
CA THR A 8 3.97 10.15 -2.31
C THR A 8 3.83 9.51 -3.69
N SER A 9 3.41 8.22 -3.73
CA SER A 9 3.33 7.40 -4.91
C SER A 9 2.62 6.13 -4.47
N PRO A 10 1.84 5.39 -5.29
CA PRO A 10 1.33 4.05 -4.98
C PRO A 10 2.40 2.95 -5.01
N LYS A 11 3.58 3.19 -5.64
CA LYS A 11 4.78 2.34 -5.65
C LYS A 11 5.63 2.42 -4.40
N GLN A 12 5.37 3.41 -3.48
CA GLN A 12 5.93 3.56 -2.14
C GLN A 12 5.07 2.84 -1.11
N CYS A 13 3.85 2.40 -1.55
CA CYS A 13 2.84 1.72 -0.78
C CYS A 13 2.76 0.27 -1.24
N SER A 14 3.36 -0.10 -2.41
CA SER A 14 3.47 -1.48 -2.94
C SER A 14 4.65 -2.22 -2.32
N LYS A 15 5.41 -1.52 -1.45
CA LYS A 15 6.51 -1.97 -0.61
C LYS A 15 5.98 -2.67 0.66
N PRO A 16 5.17 -2.05 1.57
CA PRO A 16 4.57 -2.70 2.74
C PRO A 16 3.45 -3.67 2.38
N CYS A 17 2.55 -3.37 1.38
CA CYS A 17 1.41 -4.15 0.95
C CYS A 17 1.75 -5.45 0.22
N LYS A 18 2.89 -5.50 -0.54
CA LYS A 18 3.43 -6.72 -1.15
C LYS A 18 4.36 -7.49 -0.25
N GLU A 19 4.70 -6.90 0.94
CA GLU A 19 5.32 -7.57 2.07
C GLU A 19 4.26 -8.21 3.00
N LEU A 20 2.99 -7.74 2.89
CA LEU A 20 1.81 -8.19 3.62
C LEU A 20 1.05 -9.25 2.84
N TYR A 21 0.44 -8.84 1.69
CA TYR A 21 -0.54 -9.55 0.89
C TYR A 21 0.10 -10.33 -0.25
N GLY A 22 1.42 -10.12 -0.52
CA GLY A 22 2.25 -10.97 -1.35
C GLY A 22 2.51 -10.38 -2.72
N SER A 23 1.50 -10.47 -3.62
CA SER A 23 1.58 -10.04 -5.00
C SER A 23 0.16 -9.69 -5.43
N SER A 24 -0.83 -10.01 -4.56
CA SER A 24 -2.25 -9.71 -4.70
C SER A 24 -2.53 -8.57 -3.72
N ALA A 25 -2.00 -7.36 -4.05
CA ALA A 25 -2.05 -6.18 -3.21
C ALA A 25 -2.58 -5.07 -4.06
N GLY A 26 -3.69 -4.42 -3.61
CA GLY A 26 -4.27 -3.22 -4.19
C GLY A 26 -3.80 -2.05 -3.37
N ALA A 27 -2.58 -1.54 -3.70
CA ALA A 27 -1.84 -0.56 -2.94
C ALA A 27 -2.13 0.82 -3.44
N LYS A 28 -2.78 1.66 -2.58
CA LYS A 28 -3.32 2.95 -2.93
C LYS A 28 -2.69 3.96 -2.00
N CYS A 29 -2.37 5.15 -2.54
CA CYS A 29 -1.72 6.24 -1.82
C CYS A 29 -2.65 7.41 -1.94
N MET A 30 -3.23 7.82 -0.78
CA MET A 30 -4.12 8.94 -0.60
C MET A 30 -3.44 9.83 0.42
N ASN A 31 -3.16 11.15 0.10
CA ASN A 31 -2.58 12.18 0.96
C ASN A 31 -1.08 12.01 1.10
N GLY A 32 -0.69 11.13 2.05
CA GLY A 32 0.64 10.64 2.21
C GLY A 32 0.56 9.54 3.22
N LYS A 33 -0.34 8.55 2.96
CA LYS A 33 -0.54 7.37 3.79
C LYS A 33 -1.07 6.31 2.87
N CYS A 34 -0.78 5.03 3.24
CA CYS A 34 -0.87 3.83 2.44
C CYS A 34 -2.08 3.04 2.86
N LYS A 35 -2.73 2.39 1.86
CA LYS A 35 -3.83 1.47 2.01
C LYS A 35 -3.42 0.19 1.33
N CYS A 36 -3.75 -0.97 1.95
CA CYS A 36 -3.44 -2.29 1.43
C CYS A 36 -4.71 -3.08 1.33
N TYR A 37 -5.14 -3.36 0.08
CA TYR A 37 -6.31 -4.12 -0.28
C TYR A 37 -5.81 -5.41 -0.91
N ASN A 38 -6.59 -5.97 -1.88
CA ASN A 38 -6.26 -7.16 -2.64
C ASN A 38 -6.58 -6.82 -4.08
N ASN A 39 -5.92 -7.53 -5.03
CA ASN A 39 -6.20 -7.49 -6.45
C ASN A 39 -7.26 -8.56 -6.74
N NH2 A 40 -8.40 -8.15 -7.36
HN1 NH2 A 40 -9.13 -8.80 -7.58
HN2 NH2 A 40 -8.51 -7.18 -7.60
N THR A 1 -6.75 -3.26 5.37
CA THR A 1 -7.52 -2.29 4.54
C THR A 1 -6.76 -0.99 4.41
N ILE A 2 -6.43 -0.34 5.57
CA ILE A 2 -5.73 0.92 5.67
C ILE A 2 -4.61 0.64 6.66
N ILE A 3 -3.34 0.92 6.26
CA ILE A 3 -2.15 0.82 7.10
C ILE A 3 -1.60 2.24 7.29
N ASN A 4 -0.40 2.37 7.91
CA ASN A 4 0.24 3.64 8.22
C ASN A 4 1.67 3.56 7.75
N VAL A 5 1.88 3.77 6.42
CA VAL A 5 3.18 3.91 5.77
C VAL A 5 3.02 5.14 4.94
N LYS A 6 3.99 6.11 5.06
CA LYS A 6 3.98 7.41 4.42
C LYS A 6 4.48 7.31 2.98
N CYS A 7 3.77 7.96 2.02
CA CYS A 7 3.96 7.74 0.60
C CYS A 7 3.80 9.07 -0.10
N THR A 8 4.14 9.11 -1.41
CA THR A 8 3.91 10.20 -2.32
C THR A 8 3.76 9.57 -3.70
N SER A 9 3.38 8.27 -3.74
CA SER A 9 3.28 7.44 -4.92
C SER A 9 2.60 6.17 -4.48
N PRO A 10 1.82 5.42 -5.29
CA PRO A 10 1.34 4.07 -4.96
C PRO A 10 2.41 2.97 -4.99
N LYS A 11 3.61 3.23 -5.61
CA LYS A 11 4.79 2.39 -5.60
C LYS A 11 5.68 2.56 -4.35
N GLN A 12 5.30 3.49 -3.41
CA GLN A 12 5.87 3.69 -2.10
C GLN A 12 4.96 3.07 -1.05
N CYS A 13 3.91 2.34 -1.53
CA CYS A 13 2.89 1.67 -0.77
C CYS A 13 2.81 0.23 -1.24
N SER A 14 3.41 -0.17 -2.40
CA SER A 14 3.49 -1.54 -2.91
C SER A 14 4.66 -2.30 -2.30
N LYS A 15 5.46 -1.62 -1.43
CA LYS A 15 6.51 -2.13 -0.58
C LYS A 15 5.95 -2.79 0.68
N PRO A 16 5.16 -2.14 1.59
CA PRO A 16 4.53 -2.76 2.76
C PRO A 16 3.39 -3.72 2.40
N CYS A 17 2.52 -3.41 1.41
CA CYS A 17 1.36 -4.18 0.96
C CYS A 17 1.71 -5.49 0.25
N LYS A 18 2.85 -5.56 -0.49
CA LYS A 18 3.38 -6.78 -1.10
C LYS A 18 4.29 -7.57 -0.17
N GLU A 19 4.60 -6.98 1.01
CA GLU A 19 5.20 -7.65 2.16
C GLU A 19 4.13 -8.26 3.08
N LEU A 20 2.86 -7.77 2.95
CA LEU A 20 1.67 -8.20 3.68
C LEU A 20 0.90 -9.25 2.90
N TYR A 21 0.32 -8.84 1.73
CA TYR A 21 -0.65 -9.55 0.91
C TYR A 21 -0.01 -10.34 -0.21
N GLY A 22 1.31 -10.12 -0.47
CA GLY A 22 2.15 -10.98 -1.30
C GLY A 22 2.42 -10.42 -2.66
N SER A 23 1.43 -10.57 -3.58
CA SER A 23 1.51 -10.19 -4.98
C SER A 23 0.13 -9.74 -5.40
N SER A 24 -0.90 -10.07 -4.56
CA SER A 24 -2.29 -9.71 -4.72
C SER A 24 -2.55 -8.58 -3.74
N ALA A 25 -2.03 -7.37 -4.06
CA ALA A 25 -2.05 -6.20 -3.21
C ALA A 25 -2.58 -5.07 -4.05
N GLY A 26 -3.70 -4.43 -3.60
CA GLY A 26 -4.27 -3.24 -4.17
C GLY A 26 -3.80 -2.07 -3.36
N ALA A 27 -2.59 -1.55 -3.71
CA ALA A 27 -1.83 -0.57 -2.95
C ALA A 27 -2.15 0.82 -3.46
N LYS A 28 -2.78 1.65 -2.59
CA LYS A 28 -3.31 2.96 -2.93
C LYS A 28 -2.66 3.95 -2.01
N CYS A 29 -2.36 5.16 -2.54
CA CYS A 29 -1.72 6.24 -1.82
C CYS A 29 -2.66 7.41 -1.94
N MET A 30 -3.22 7.84 -0.77
CA MET A 30 -4.11 8.97 -0.60
C MET A 30 -3.41 9.86 0.41
N ASN A 31 -3.12 11.16 0.08
CA ASN A 31 -2.53 12.20 0.95
C ASN A 31 -1.04 12.00 1.09
N GLY A 32 -0.66 11.12 2.06
CA GLY A 32 0.66 10.61 2.22
C GLY A 32 0.57 9.53 3.23
N LYS A 33 -0.34 8.54 2.98
CA LYS A 33 -0.52 7.35 3.80
C LYS A 33 -1.05 6.28 2.87
N CYS A 34 -0.75 5.02 3.23
CA CYS A 34 -0.84 3.82 2.41
C CYS A 34 -2.04 3.03 2.83
N LYS A 35 -2.68 2.38 1.84
CA LYS A 35 -3.80 1.47 1.99
C LYS A 35 -3.41 0.20 1.30
N CYS A 36 -3.72 -0.97 1.94
CA CYS A 36 -3.42 -2.29 1.41
C CYS A 36 -4.69 -3.08 1.34
N TYR A 37 -5.12 -3.39 0.09
CA TYR A 37 -6.30 -4.13 -0.25
C TYR A 37 -5.81 -5.42 -0.90
N ASN A 38 -6.58 -5.94 -1.89
CA ASN A 38 -6.26 -7.12 -2.68
C ASN A 38 -6.60 -6.76 -4.10
N ASN A 39 -5.93 -7.46 -5.07
CA ASN A 39 -6.23 -7.39 -6.49
C ASN A 39 -7.32 -8.43 -6.80
N NH2 A 40 -8.47 -7.96 -7.35
HN1 NH2 A 40 -9.21 -8.60 -7.57
HN2 NH2 A 40 -8.57 -6.98 -7.54
N THR A 1 -8.28 -2.61 4.43
CA THR A 1 -7.27 -2.38 5.49
C THR A 1 -6.51 -1.12 5.11
N ILE A 2 -6.31 -0.22 6.10
CA ILE A 2 -5.60 1.04 5.99
C ILE A 2 -4.45 0.90 6.97
N ILE A 3 -3.18 0.95 6.46
CA ILE A 3 -1.95 0.75 7.22
C ILE A 3 -1.30 2.10 7.54
N ASN A 4 -0.16 2.04 8.30
CA ASN A 4 0.57 3.19 8.83
C ASN A 4 1.92 3.25 8.14
N VAL A 5 1.92 3.63 6.82
CA VAL A 5 3.09 3.90 6.01
C VAL A 5 2.74 5.19 5.33
N LYS A 6 3.77 6.06 5.12
CA LYS A 6 3.69 7.36 4.50
C LYS A 6 4.25 7.22 3.10
N CYS A 7 3.63 7.87 2.08
CA CYS A 7 3.94 7.66 0.68
C CYS A 7 3.84 8.99 -0.04
N THR A 8 4.14 8.97 -1.36
CA THR A 8 4.01 10.09 -2.27
C THR A 8 3.83 9.47 -3.66
N SER A 9 3.38 8.19 -3.71
CA SER A 9 3.30 7.38 -4.90
C SER A 9 2.60 6.10 -4.45
N PRO A 10 1.79 5.38 -5.27
CA PRO A 10 1.33 4.02 -4.99
C PRO A 10 2.41 2.94 -5.11
N LYS A 11 3.59 3.27 -5.72
CA LYS A 11 4.83 2.50 -5.80
C LYS A 11 5.63 2.45 -4.49
N GLN A 12 5.42 3.42 -3.56
CA GLN A 12 5.98 3.53 -2.22
C GLN A 12 5.12 2.77 -1.22
N CYS A 13 3.86 2.42 -1.63
CA CYS A 13 2.85 1.76 -0.84
C CYS A 13 2.75 0.30 -1.27
N SER A 14 3.33 -0.12 -2.43
CA SER A 14 3.38 -1.50 -2.89
C SER A 14 4.62 -2.22 -2.34
N LYS A 15 5.41 -1.52 -1.49
CA LYS A 15 6.51 -1.97 -0.66
C LYS A 15 5.99 -2.66 0.61
N PRO A 16 5.21 -2.05 1.54
CA PRO A 16 4.62 -2.70 2.70
C PRO A 16 3.49 -3.69 2.36
N CYS A 17 2.60 -3.38 1.38
CA CYS A 17 1.44 -4.15 0.96
C CYS A 17 1.77 -5.44 0.21
N LYS A 18 2.90 -5.50 -0.56
CA LYS A 18 3.43 -6.71 -1.18
C LYS A 18 4.37 -7.48 -0.28
N GLU A 19 4.72 -6.90 0.90
CA GLU A 19 5.36 -7.58 2.03
C GLU A 19 4.32 -8.21 2.96
N LEU A 20 3.03 -7.74 2.86
CA LEU A 20 1.86 -8.20 3.59
C LEU A 20 1.10 -9.26 2.81
N TYR A 21 0.50 -8.86 1.65
CA TYR A 21 -0.48 -9.57 0.85
C TYR A 21 0.15 -10.34 -0.29
N GLY A 22 1.47 -10.12 -0.56
CA GLY A 22 2.30 -10.97 -1.40
C GLY A 22 2.55 -10.38 -2.76
N SER A 23 1.55 -10.51 -3.67
CA SER A 23 1.62 -10.08 -5.06
C SER A 23 0.23 -9.64 -5.46
N SER A 24 -0.79 -10.01 -4.62
CA SER A 24 -2.19 -9.68 -4.76
C SER A 24 -2.48 -8.57 -3.76
N ALA A 25 -1.98 -7.34 -4.07
CA ALA A 25 -2.05 -6.18 -3.22
C ALA A 25 -2.59 -5.07 -4.06
N GLY A 26 -3.71 -4.42 -3.59
CA GLY A 26 -4.29 -3.23 -4.16
C GLY A 26 -3.81 -2.06 -3.34
N ALA A 27 -2.60 -1.55 -3.68
CA ALA A 27 -1.87 -0.56 -2.91
C ALA A 27 -2.18 0.83 -3.42
N LYS A 28 -2.80 1.67 -2.54
CA LYS A 28 -3.35 2.96 -2.88
C LYS A 28 -2.69 3.95 -1.98
N CYS A 29 -2.36 5.14 -2.54
CA CYS A 29 -1.70 6.23 -1.86
C CYS A 29 -2.64 7.41 -1.98
N MET A 30 -3.22 7.83 -0.84
CA MET A 30 -4.10 8.97 -0.69
C MET A 30 -3.40 9.88 0.30
N ASN A 31 -3.12 11.18 -0.07
CA ASN A 31 -2.52 12.24 0.75
C ASN A 31 -1.02 12.04 0.86
N GLY A 32 -0.63 11.20 1.83
CA GLY A 32 0.70 10.68 1.97
C GLY A 32 0.61 9.62 3.02
N LYS A 33 -0.30 8.63 2.80
CA LYS A 33 -0.55 7.50 3.68
C LYS A 33 -1.05 6.40 2.79
N CYS A 34 -0.73 5.14 3.20
CA CYS A 34 -0.80 3.93 2.42
C CYS A 34 -1.98 3.09 2.89
N LYS A 35 -2.64 2.43 1.92
CA LYS A 35 -3.72 1.49 2.10
C LYS A 35 -3.33 0.22 1.40
N CYS A 36 -3.69 -0.95 1.99
CA CYS A 36 -3.42 -2.27 1.45
C CYS A 36 -4.73 -3.01 1.34
N TYR A 37 -5.08 -3.42 0.10
CA TYR A 37 -6.27 -4.16 -0.24
C TYR A 37 -5.77 -5.43 -0.89
N ASN A 38 -6.55 -5.97 -1.87
CA ASN A 38 -6.22 -7.16 -2.65
C ASN A 38 -6.55 -6.81 -4.08
N ASN A 39 -5.90 -7.52 -5.04
CA ASN A 39 -6.19 -7.46 -6.46
C ASN A 39 -7.25 -8.54 -6.74
N NH2 A 40 -8.38 -8.12 -7.39
HN1 NH2 A 40 -9.10 -8.78 -7.61
HN2 NH2 A 40 -8.48 -7.16 -7.65
N THR A 1 -7.87 -3.14 4.14
CA THR A 1 -7.27 -2.49 5.33
C THR A 1 -6.65 -1.16 4.96
N ILE A 2 -6.39 -0.33 6.01
CA ILE A 2 -5.74 0.96 5.95
C ILE A 2 -4.58 0.82 6.91
N ILE A 3 -3.32 0.92 6.40
CA ILE A 3 -2.08 0.84 7.18
C ILE A 3 -1.52 2.25 7.34
N ASN A 4 -0.32 2.38 7.98
CA ASN A 4 0.32 3.64 8.29
C ASN A 4 1.74 3.58 7.79
N VAL A 5 1.91 3.77 6.46
CA VAL A 5 3.19 3.92 5.77
C VAL A 5 3.01 5.17 4.96
N LYS A 6 3.96 6.14 5.09
CA LYS A 6 3.94 7.45 4.47
C LYS A 6 4.47 7.35 3.04
N CYS A 7 3.77 7.98 2.07
CA CYS A 7 3.99 7.76 0.65
C CYS A 7 3.83 9.08 -0.06
N THR A 8 4.16 9.09 -1.38
CA THR A 8 3.89 10.18 -2.30
C THR A 8 3.80 9.54 -3.68
N SER A 9 3.42 8.24 -3.72
CA SER A 9 3.33 7.42 -4.90
C SER A 9 2.63 6.14 -4.45
N PRO A 10 1.82 5.42 -5.26
CA PRO A 10 1.30 4.09 -4.94
C PRO A 10 2.36 2.97 -4.98
N LYS A 11 3.55 3.20 -5.60
CA LYS A 11 4.73 2.34 -5.59
C LYS A 11 5.60 2.45 -4.34
N GLN A 12 5.30 3.43 -3.43
CA GLN A 12 5.88 3.59 -2.09
C GLN A 12 4.99 2.91 -1.06
N CYS A 13 3.83 2.37 -1.53
CA CYS A 13 2.81 1.70 -0.76
C CYS A 13 2.74 0.24 -1.23
N SER A 14 3.34 -0.11 -2.41
CA SER A 14 3.47 -1.48 -2.94
C SER A 14 4.66 -2.20 -2.33
N LYS A 15 5.42 -1.50 -1.45
CA LYS A 15 6.51 -1.95 -0.62
C LYS A 15 5.98 -2.65 0.65
N PRO A 16 5.17 -2.05 1.57
CA PRO A 16 4.58 -2.72 2.73
C PRO A 16 3.47 -3.70 2.35
N CYS A 17 2.56 -3.40 1.38
CA CYS A 17 1.42 -4.18 0.94
C CYS A 17 1.77 -5.45 0.19
N LYS A 18 2.90 -5.49 -0.58
CA LYS A 18 3.44 -6.70 -1.21
C LYS A 18 4.38 -7.48 -0.32
N GLU A 19 4.73 -6.92 0.86
CA GLU A 19 5.37 -7.60 1.98
C GLU A 19 4.33 -8.24 2.91
N LEU A 20 3.06 -7.76 2.85
CA LEU A 20 1.89 -8.21 3.60
C LEU A 20 1.11 -9.26 2.81
N TYR A 21 0.51 -8.83 1.67
CA TYR A 21 -0.49 -9.53 0.87
C TYR A 21 0.13 -10.27 -0.31
N GLY A 22 1.45 -10.06 -0.57
CA GLY A 22 2.26 -10.89 -1.44
C GLY A 22 2.46 -10.32 -2.82
N SER A 23 1.43 -10.49 -3.68
CA SER A 23 1.43 -10.10 -5.09
C SER A 23 0.01 -9.72 -5.44
N SER A 24 -0.95 -10.02 -4.53
CA SER A 24 -2.37 -9.71 -4.62
C SER A 24 -2.62 -8.57 -3.65
N ALA A 25 -2.08 -7.37 -4.00
CA ALA A 25 -2.10 -6.17 -3.20
C ALA A 25 -2.66 -5.09 -4.05
N GLY A 26 -3.73 -4.40 -3.54
CA GLY A 26 -4.30 -3.21 -4.10
C GLY A 26 -3.81 -2.05 -3.29
N ALA A 27 -2.60 -1.53 -3.66
CA ALA A 27 -1.84 -0.56 -2.91
C ALA A 27 -2.15 0.83 -3.42
N LYS A 28 -2.81 1.65 -2.55
CA LYS A 28 -3.35 2.95 -2.88
C LYS A 28 -2.70 3.94 -1.96
N CYS A 29 -2.40 5.14 -2.49
CA CYS A 29 -1.73 6.22 -1.79
C CYS A 29 -2.60 7.44 -2.00
N MET A 30 -3.26 7.89 -0.90
CA MET A 30 -4.05 9.11 -0.82
C MET A 30 -3.33 9.93 0.24
N ASN A 31 -2.97 11.24 -0.06
CA ASN A 31 -2.39 12.24 0.85
C ASN A 31 -0.91 12.00 1.05
N GLY A 32 -0.60 11.11 2.02
CA GLY A 32 0.72 10.58 2.22
C GLY A 32 0.57 9.51 3.24
N LYS A 33 -0.33 8.52 2.96
CA LYS A 33 -0.55 7.34 3.78
C LYS A 33 -1.06 6.27 2.86
N CYS A 34 -0.77 5.00 3.24
CA CYS A 34 -0.86 3.80 2.44
C CYS A 34 -2.07 3.00 2.89
N LYS A 35 -2.72 2.32 1.90
CA LYS A 35 -3.80 1.40 2.08
C LYS A 35 -3.42 0.13 1.37
N CYS A 36 -3.70 -1.05 1.98
CA CYS A 36 -3.44 -2.36 1.42
C CYS A 36 -4.75 -3.09 1.32
N TYR A 37 -5.14 -3.46 0.08
CA TYR A 37 -6.33 -4.17 -0.27
C TYR A 37 -5.87 -5.47 -0.91
N ASN A 38 -6.77 -6.15 -1.67
CA ASN A 38 -6.51 -7.42 -2.34
C ASN A 38 -6.97 -7.24 -3.77
N ASN A 39 -6.03 -6.87 -4.66
CA ASN A 39 -6.27 -6.74 -6.08
C ASN A 39 -5.00 -7.32 -6.76
N NH2 A 40 -5.06 -8.63 -7.14
HN1 NH2 A 40 -5.89 -9.15 -6.97
HN2 NH2 A 40 -4.27 -9.06 -7.58
N THR A 1 -6.74 -3.25 5.38
CA THR A 1 -7.51 -2.29 4.54
C THR A 1 -6.76 -0.98 4.42
N ILE A 2 -6.43 -0.34 5.57
CA ILE A 2 -5.73 0.92 5.67
C ILE A 2 -4.62 0.66 6.66
N ILE A 3 -3.34 0.94 6.26
CA ILE A 3 -2.15 0.87 7.09
C ILE A 3 -1.61 2.28 7.27
N ASN A 4 -0.39 2.43 7.85
CA ASN A 4 0.24 3.71 8.11
C ASN A 4 1.69 3.64 7.67
N VAL A 5 1.91 3.81 6.34
CA VAL A 5 3.21 3.94 5.69
C VAL A 5 3.08 5.19 4.87
N LYS A 6 4.03 6.15 5.04
CA LYS A 6 4.05 7.47 4.42
C LYS A 6 4.53 7.39 2.97
N CYS A 7 3.83 8.06 2.04
CA CYS A 7 3.99 7.85 0.61
C CYS A 7 3.78 9.17 -0.09
N THR A 8 4.12 9.21 -1.41
CA THR A 8 3.81 10.28 -2.33
C THR A 8 3.71 9.62 -3.70
N SER A 9 3.39 8.31 -3.73
CA SER A 9 3.31 7.48 -4.92
C SER A 9 2.63 6.19 -4.46
N PRO A 10 1.86 5.44 -5.28
CA PRO A 10 1.38 4.09 -4.96
C PRO A 10 2.47 3.00 -5.00
N LYS A 11 3.68 3.29 -5.58
CA LYS A 11 4.88 2.46 -5.54
C LYS A 11 5.76 2.70 -4.31
N GLN A 12 5.26 3.52 -3.32
CA GLN A 12 5.83 3.75 -2.00
C GLN A 12 4.84 3.16 -0.99
N CYS A 13 4.00 2.22 -1.49
CA CYS A 13 2.92 1.58 -0.78
C CYS A 13 2.81 0.13 -1.24
N SER A 14 3.37 -0.27 -2.43
CA SER A 14 3.42 -1.65 -2.92
C SER A 14 4.58 -2.42 -2.33
N LYS A 15 5.39 -1.75 -1.46
CA LYS A 15 6.47 -2.25 -0.64
C LYS A 15 5.93 -2.86 0.67
N PRO A 16 5.16 -2.19 1.57
CA PRO A 16 4.52 -2.79 2.74
C PRO A 16 3.38 -3.76 2.39
N CYS A 17 2.50 -3.46 1.40
CA CYS A 17 1.33 -4.22 0.98
C CYS A 17 1.66 -5.54 0.28
N LYS A 18 2.80 -5.64 -0.47
CA LYS A 18 3.31 -6.88 -1.05
C LYS A 18 4.22 -7.65 -0.12
N GLU A 19 4.56 -7.05 1.06
CA GLU A 19 5.16 -7.71 2.21
C GLU A 19 4.08 -8.29 3.14
N LEU A 20 2.82 -7.79 3.02
CA LEU A 20 1.62 -8.19 3.75
C LEU A 20 0.85 -9.25 2.99
N TYR A 21 0.26 -8.87 1.83
CA TYR A 21 -0.73 -9.58 1.04
C TYR A 21 -0.10 -10.39 -0.08
N GLY A 22 1.22 -10.20 -0.35
CA GLY A 22 2.04 -11.09 -1.16
C GLY A 22 2.32 -10.54 -2.54
N SER A 23 1.34 -10.68 -3.46
CA SER A 23 1.42 -10.32 -4.86
C SER A 23 0.05 -9.85 -5.28
N SER A 24 -0.99 -10.16 -4.46
CA SER A 24 -2.37 -9.78 -4.62
C SER A 24 -2.63 -8.64 -3.65
N ALA A 25 -2.11 -7.43 -3.99
CA ALA A 25 -2.13 -6.25 -3.17
C ALA A 25 -2.63 -5.12 -4.03
N GLY A 26 -3.73 -4.46 -3.59
CA GLY A 26 -4.29 -3.25 -4.18
C GLY A 26 -3.80 -2.08 -3.36
N ALA A 27 -2.60 -1.57 -3.72
CA ALA A 27 -1.85 -0.59 -2.95
C ALA A 27 -2.14 0.79 -3.46
N LYS A 28 -2.76 1.65 -2.59
CA LYS A 28 -3.28 2.96 -2.93
C LYS A 28 -2.63 3.94 -2.01
N CYS A 29 -2.32 5.15 -2.53
CA CYS A 29 -1.68 6.23 -1.81
C CYS A 29 -2.64 7.40 -1.92
N MET A 30 -3.19 7.83 -0.76
CA MET A 30 -4.11 8.94 -0.61
C MET A 30 -3.47 9.82 0.44
N ASN A 31 -3.21 11.14 0.15
CA ASN A 31 -2.65 12.17 1.04
C ASN A 31 -1.16 12.02 1.18
N GLY A 32 -0.76 11.12 2.10
CA GLY A 32 0.59 10.64 2.24
C GLY A 32 0.54 9.53 3.23
N LYS A 33 -0.36 8.53 2.98
CA LYS A 33 -0.50 7.33 3.78
C LYS A 33 -1.02 6.27 2.85
N CYS A 34 -0.73 5.00 3.21
CA CYS A 34 -0.81 3.81 2.39
C CYS A 34 -2.02 3.01 2.82
N LYS A 35 -2.67 2.35 1.83
CA LYS A 35 -3.78 1.46 1.98
C LYS A 35 -3.41 0.18 1.29
N CYS A 36 -3.74 -0.97 1.93
CA CYS A 36 -3.44 -2.30 1.41
C CYS A 36 -4.71 -3.09 1.34
N TYR A 37 -5.14 -3.39 0.10
CA TYR A 37 -6.33 -4.14 -0.24
C TYR A 37 -5.85 -5.43 -0.88
N ASN A 38 -6.63 -5.96 -1.87
CA ASN A 38 -6.32 -7.15 -2.64
C ASN A 38 -6.63 -6.81 -4.08
N ASN A 39 -5.98 -7.53 -5.03
CA ASN A 39 -6.26 -7.46 -6.45
C ASN A 39 -7.35 -8.51 -6.74
N NH2 A 40 -8.48 -8.05 -7.35
HN1 NH2 A 40 -8.57 -7.07 -7.56
HN2 NH2 A 40 -9.23 -8.68 -7.56
N THR A 1 -7.88 -3.13 4.17
CA THR A 1 -7.23 -2.45 5.33
C THR A 1 -6.65 -1.12 4.91
N ILE A 2 -6.38 -0.26 5.92
CA ILE A 2 -5.74 1.04 5.81
C ILE A 2 -4.61 0.94 6.81
N ILE A 3 -3.33 0.99 6.32
CA ILE A 3 -2.12 0.89 7.12
C ILE A 3 -1.51 2.27 7.32
N ASN A 4 -0.33 2.34 7.99
CA ASN A 4 0.32 3.58 8.38
C ASN A 4 1.75 3.55 7.87
N VAL A 5 1.92 3.78 6.54
CA VAL A 5 3.19 3.92 5.86
C VAL A 5 3.02 5.17 5.03
N LYS A 6 3.99 6.12 5.10
CA LYS A 6 4.01 7.40 4.42
C LYS A 6 4.46 7.23 2.98
N CYS A 7 3.78 7.92 2.02
CA CYS A 7 3.98 7.71 0.60
C CYS A 7 3.82 9.04 -0.11
N THR A 8 4.12 9.06 -1.43
CA THR A 8 3.86 10.15 -2.33
C THR A 8 3.77 9.51 -3.71
N SER A 9 3.38 8.22 -3.76
CA SER A 9 3.29 7.39 -4.94
C SER A 9 2.60 6.12 -4.49
N PRO A 10 1.80 5.38 -5.30
CA PRO A 10 1.29 4.05 -4.97
C PRO A 10 2.35 2.93 -4.99
N LYS A 11 3.54 3.16 -5.62
CA LYS A 11 4.72 2.29 -5.62
C LYS A 11 5.60 2.42 -4.37
N GLN A 12 5.31 3.41 -3.46
CA GLN A 12 5.90 3.58 -2.13
C GLN A 12 5.02 2.91 -1.08
N CYS A 13 3.85 2.38 -1.53
CA CYS A 13 2.84 1.72 -0.75
C CYS A 13 2.75 0.27 -1.21
N SER A 14 3.36 -0.11 -2.38
CA SER A 14 3.49 -1.48 -2.89
C SER A 14 4.69 -2.19 -2.27
N LYS A 15 5.43 -1.48 -1.38
CA LYS A 15 6.52 -1.91 -0.53
C LYS A 15 5.99 -2.62 0.72
N PRO A 16 5.17 -2.02 1.63
CA PRO A 16 4.56 -2.69 2.77
C PRO A 16 3.45 -3.68 2.38
N CYS A 17 2.55 -3.37 1.39
CA CYS A 17 1.42 -4.16 0.95
C CYS A 17 1.79 -5.44 0.20
N LYS A 18 2.93 -5.47 -0.56
CA LYS A 18 3.48 -6.68 -1.18
C LYS A 18 4.41 -7.46 -0.28
N GLU A 19 4.75 -6.88 0.91
CA GLU A 19 5.38 -7.56 2.05
C GLU A 19 4.34 -8.20 2.97
N LEU A 20 3.06 -7.72 2.89
CA LEU A 20 1.89 -8.18 3.63
C LEU A 20 1.13 -9.24 2.85
N TYR A 21 0.53 -8.83 1.70
CA TYR A 21 -0.45 -9.54 0.89
C TYR A 21 0.20 -10.30 -0.25
N GLY A 22 1.51 -10.03 -0.55
CA GLY A 22 2.36 -10.86 -1.37
C GLY A 22 2.52 -10.35 -2.78
N SER A 23 1.46 -10.53 -3.60
CA SER A 23 1.47 -10.31 -5.04
C SER A 23 0.13 -9.70 -5.39
N SER A 24 -0.94 -10.16 -4.69
CA SER A 24 -2.31 -9.72 -4.77
C SER A 24 -2.52 -8.60 -3.75
N ALA A 25 -2.00 -7.38 -4.07
CA ALA A 25 -2.00 -6.21 -3.24
C ALA A 25 -2.55 -5.09 -4.07
N GLY A 26 -3.63 -4.42 -3.56
CA GLY A 26 -4.21 -3.23 -4.13
C GLY A 26 -3.73 -2.07 -3.31
N ALA A 27 -2.55 -1.53 -3.68
CA ALA A 27 -1.81 -0.53 -2.93
C ALA A 27 -2.15 0.85 -3.45
N LYS A 28 -2.79 1.68 -2.59
CA LYS A 28 -3.34 2.97 -2.93
C LYS A 28 -2.71 3.96 -2.00
N CYS A 29 -2.40 5.17 -2.53
CA CYS A 29 -1.74 6.25 -1.80
C CYS A 29 -2.67 7.43 -1.91
N MET A 30 -3.23 7.86 -0.74
CA MET A 30 -4.07 9.03 -0.57
C MET A 30 -3.33 9.89 0.43
N ASN A 31 -3.01 11.19 0.08
CA ASN A 31 -2.41 12.22 0.94
C ASN A 31 -0.92 12.01 1.09
N GLY A 32 -0.57 11.15 2.06
CA GLY A 32 0.75 10.62 2.22
C GLY A 32 0.64 9.53 3.23
N LYS A 33 -0.26 8.54 2.97
CA LYS A 33 -0.48 7.37 3.80
C LYS A 33 -1.03 6.31 2.88
N CYS A 34 -0.76 5.04 3.25
CA CYS A 34 -0.87 3.84 2.44
C CYS A 34 -2.09 3.05 2.85
N LYS A 35 -2.71 2.38 1.85
CA LYS A 35 -3.81 1.46 2.00
C LYS A 35 -3.40 0.18 1.32
N CYS A 36 -3.77 -0.99 1.92
CA CYS A 36 -3.50 -2.30 1.37
C CYS A 36 -4.79 -3.05 1.25
N TYR A 37 -5.12 -3.50 0.01
CA TYR A 37 -6.30 -4.24 -0.34
C TYR A 37 -5.81 -5.53 -0.96
N ASN A 38 -6.67 -6.21 -1.75
CA ASN A 38 -6.38 -7.47 -2.43
C ASN A 38 -6.85 -7.28 -3.85
N ASN A 39 -5.94 -6.79 -4.74
CA ASN A 39 -6.20 -6.61 -6.15
C ASN A 39 -4.92 -7.08 -6.86
N NH2 A 40 -4.89 -8.39 -7.27
HN1 NH2 A 40 -5.67 -8.98 -7.09
HN2 NH2 A 40 -4.08 -8.75 -7.73
N THR A 1 -7.91 -3.15 4.01
CA THR A 1 -7.37 -2.47 5.22
C THR A 1 -6.71 -1.15 4.85
N ILE A 2 -6.44 -0.32 5.89
CA ILE A 2 -5.76 0.95 5.82
C ILE A 2 -4.62 0.79 6.81
N ILE A 3 -3.35 0.91 6.33
CA ILE A 3 -2.13 0.82 7.13
C ILE A 3 -1.56 2.22 7.33
N ASN A 4 -0.38 2.33 8.01
CA ASN A 4 0.26 3.59 8.37
C ASN A 4 1.67 3.55 7.87
N VAL A 5 1.85 3.75 6.53
CA VAL A 5 3.13 3.92 5.86
C VAL A 5 2.96 5.16 5.05
N LYS A 6 3.93 6.11 5.16
CA LYS A 6 3.96 7.40 4.48
C LYS A 6 4.44 7.24 3.05
N CYS A 7 3.77 7.93 2.09
CA CYS A 7 3.98 7.72 0.67
C CYS A 7 3.83 9.04 -0.04
N THR A 8 4.12 9.06 -1.36
CA THR A 8 3.84 10.16 -2.26
C THR A 8 3.74 9.52 -3.65
N SER A 9 3.34 8.23 -3.69
CA SER A 9 3.27 7.40 -4.87
C SER A 9 2.60 6.11 -4.43
N PRO A 10 1.79 5.40 -5.24
CA PRO A 10 1.32 4.03 -4.96
C PRO A 10 2.42 2.95 -5.07
N LYS A 11 3.60 3.29 -5.67
CA LYS A 11 4.85 2.52 -5.72
C LYS A 11 5.61 2.47 -4.39
N GLN A 12 5.38 3.47 -3.46
CA GLN A 12 5.94 3.59 -2.14
C GLN A 12 5.06 2.88 -1.10
N CYS A 13 3.86 2.44 -1.55
CA CYS A 13 2.84 1.77 -0.78
C CYS A 13 2.74 0.32 -1.21
N SER A 14 3.31 -0.10 -2.39
CA SER A 14 3.35 -1.48 -2.85
C SER A 14 4.58 -2.22 -2.31
N LYS A 15 5.38 -1.51 -1.47
CA LYS A 15 6.48 -1.97 -0.66
C LYS A 15 5.99 -2.64 0.63
N PRO A 16 5.18 -2.03 1.56
CA PRO A 16 4.59 -2.69 2.71
C PRO A 16 3.47 -3.67 2.36
N CYS A 17 2.57 -3.38 1.37
CA CYS A 17 1.43 -4.16 0.95
C CYS A 17 1.77 -5.46 0.22
N LYS A 18 2.91 -5.51 -0.54
CA LYS A 18 3.44 -6.72 -1.17
C LYS A 18 4.39 -7.49 -0.26
N GLU A 19 4.74 -6.89 0.91
CA GLU A 19 5.39 -7.55 2.05
C GLU A 19 4.36 -8.18 2.99
N LEU A 20 3.08 -7.71 2.91
CA LEU A 20 1.91 -8.18 3.65
C LEU A 20 1.17 -9.25 2.89
N TYR A 21 0.56 -8.87 1.72
CA TYR A 21 -0.42 -9.60 0.95
C TYR A 21 0.22 -10.35 -0.21
N GLY A 22 1.52 -10.09 -0.51
CA GLY A 22 2.34 -10.90 -1.38
C GLY A 22 2.48 -10.34 -2.77
N SER A 23 1.43 -10.55 -3.60
CA SER A 23 1.37 -10.18 -5.00
C SER A 23 -0.07 -9.85 -5.32
N SER A 24 -1.00 -10.10 -4.34
CA SER A 24 -2.42 -9.84 -4.41
C SER A 24 -2.68 -8.65 -3.49
N ALA A 25 -2.09 -7.48 -3.86
CA ALA A 25 -2.09 -6.25 -3.11
C ALA A 25 -2.67 -5.18 -4.00
N GLY A 26 -3.70 -4.47 -3.49
CA GLY A 26 -4.26 -3.27 -4.09
C GLY A 26 -3.77 -2.10 -3.28
N ALA A 27 -2.57 -1.58 -3.66
CA ALA A 27 -1.82 -0.59 -2.93
C ALA A 27 -2.14 0.79 -3.45
N LYS A 28 -2.78 1.63 -2.58
CA LYS A 28 -3.33 2.91 -2.94
C LYS A 28 -2.70 3.92 -2.00
N CYS A 29 -2.37 5.11 -2.55
CA CYS A 29 -1.73 6.20 -1.83
C CYS A 29 -2.65 7.40 -2.01
N MET A 30 -3.16 7.93 -0.87
CA MET A 30 -3.95 9.14 -0.79
C MET A 30 -3.25 9.98 0.26
N ASN A 31 -2.89 11.29 -0.05
CA ASN A 31 -2.32 12.29 0.86
C ASN A 31 -0.85 12.05 1.07
N GLY A 32 -0.55 11.15 2.03
CA GLY A 32 0.75 10.59 2.23
C GLY A 32 0.60 9.53 3.26
N LYS A 33 -0.31 8.54 2.99
CA LYS A 33 -0.53 7.36 3.81
C LYS A 33 -1.08 6.31 2.87
N CYS A 34 -0.79 5.03 3.25
CA CYS A 34 -0.89 3.85 2.43
C CYS A 34 -2.08 3.04 2.87
N LYS A 35 -2.71 2.35 1.88
CA LYS A 35 -3.81 1.42 2.04
C LYS A 35 -3.40 0.15 1.35
N CYS A 36 -3.71 -1.02 1.97
CA CYS A 36 -3.42 -2.34 1.43
C CYS A 36 -4.72 -3.10 1.35
N TYR A 37 -5.14 -3.45 0.11
CA TYR A 37 -6.34 -4.18 -0.21
C TYR A 37 -5.90 -5.50 -0.80
N ASN A 38 -6.85 -6.25 -1.41
CA ASN A 38 -6.65 -7.57 -1.98
C ASN A 38 -7.10 -7.48 -3.42
N ASN A 39 -6.17 -7.11 -4.34
CA ASN A 39 -6.42 -7.00 -5.76
C ASN A 39 -5.17 -7.61 -6.43
N NH2 A 40 -5.26 -8.93 -6.79
HN1 NH2 A 40 -6.11 -9.44 -6.61
HN2 NH2 A 40 -4.48 -9.38 -7.23
N THR A 1 -7.79 -3.29 4.20
CA THR A 1 -7.35 -2.55 5.41
C THR A 1 -6.69 -1.25 5.02
N ILE A 2 -6.49 -0.36 6.03
CA ILE A 2 -5.81 0.91 5.94
C ILE A 2 -4.65 0.77 6.90
N ILE A 3 -3.39 0.90 6.38
CA ILE A 3 -2.15 0.82 7.15
C ILE A 3 -1.61 2.24 7.35
N ASN A 4 -0.38 2.37 7.92
CA ASN A 4 0.24 3.65 8.24
C ASN A 4 1.68 3.60 7.80
N VAL A 5 1.89 3.79 6.46
CA VAL A 5 3.17 3.94 5.80
C VAL A 5 3.00 5.19 4.99
N LYS A 6 3.96 6.16 5.14
CA LYS A 6 3.96 7.47 4.50
C LYS A 6 4.46 7.35 3.07
N CYS A 7 3.77 8.01 2.10
CA CYS A 7 3.97 7.77 0.68
C CYS A 7 3.81 9.07 -0.06
N THR A 8 4.18 9.05 -1.36
CA THR A 8 4.02 10.14 -2.30
C THR A 8 3.81 9.49 -3.67
N SER A 9 3.43 8.19 -3.69
CA SER A 9 3.26 7.38 -4.87
C SER A 9 2.57 6.11 -4.41
N PRO A 10 1.76 5.38 -5.23
CA PRO A 10 1.29 4.02 -4.95
C PRO A 10 2.38 2.94 -5.06
N LYS A 11 3.55 3.25 -5.69
CA LYS A 11 4.78 2.47 -5.76
C LYS A 11 5.59 2.45 -4.47
N GLN A 12 5.36 3.43 -3.54
CA GLN A 12 5.92 3.57 -2.20
C GLN A 12 5.08 2.83 -1.17
N CYS A 13 3.84 2.44 -1.58
CA CYS A 13 2.84 1.77 -0.78
C CYS A 13 2.75 0.32 -1.20
N SER A 14 3.33 -0.11 -2.36
CA SER A 14 3.40 -1.49 -2.81
C SER A 14 4.64 -2.20 -2.26
N LYS A 15 5.41 -1.48 -1.39
CA LYS A 15 6.50 -1.93 -0.55
C LYS A 15 5.97 -2.63 0.71
N PRO A 16 5.16 -2.04 1.63
CA PRO A 16 4.53 -2.71 2.77
C PRO A 16 3.43 -3.68 2.39
N CYS A 17 2.55 -3.38 1.38
CA CYS A 17 1.40 -4.16 0.93
C CYS A 17 1.75 -5.44 0.19
N LYS A 18 2.90 -5.49 -0.54
CA LYS A 18 3.45 -6.71 -1.16
C LYS A 18 4.35 -7.49 -0.23
N GLU A 19 4.69 -6.90 0.95
CA GLU A 19 5.30 -7.57 2.10
C GLU A 19 4.24 -8.20 3.02
N LEU A 20 2.96 -7.71 2.91
CA LEU A 20 1.78 -8.16 3.65
C LEU A 20 1.02 -9.20 2.86
N TYR A 21 0.41 -8.78 1.71
CA TYR A 21 -0.56 -9.49 0.90
C TYR A 21 0.08 -10.25 -0.25
N GLY A 22 1.40 -10.03 -0.51
CA GLY A 22 2.26 -10.87 -1.33
C GLY A 22 2.47 -10.34 -2.72
N SER A 23 1.47 -10.56 -3.60
CA SER A 23 1.51 -10.26 -5.02
C SER A 23 0.12 -9.83 -5.43
N SER A 24 -0.89 -10.11 -4.57
CA SER A 24 -2.28 -9.75 -4.71
C SER A 24 -2.53 -8.61 -3.73
N ALA A 25 -1.99 -7.39 -4.07
CA ALA A 25 -2.01 -6.21 -3.24
C ALA A 25 -2.55 -5.10 -4.10
N GLY A 26 -3.67 -4.46 -3.64
CA GLY A 26 -4.26 -3.27 -4.21
C GLY A 26 -3.80 -2.10 -3.40
N ALA A 27 -2.58 -1.57 -3.71
CA ALA A 27 -1.86 -0.59 -2.94
C ALA A 27 -2.18 0.80 -3.44
N LYS A 28 -2.80 1.63 -2.57
CA LYS A 28 -3.35 2.93 -2.90
C LYS A 28 -2.72 3.92 -1.96
N CYS A 29 -2.38 5.11 -2.49
CA CYS A 29 -1.73 6.20 -1.78
C CYS A 29 -2.64 7.39 -1.96
N MET A 30 -3.14 7.94 -0.82
CA MET A 30 -3.96 9.14 -0.75
C MET A 30 -3.28 9.97 0.32
N ASN A 31 -2.92 11.27 0.02
CA ASN A 31 -2.37 12.29 0.93
C ASN A 31 -0.89 12.05 1.16
N GLY A 32 -0.60 11.16 2.13
CA GLY A 32 0.71 10.61 2.35
C GLY A 32 0.53 9.53 3.36
N LYS A 33 -0.35 8.53 3.05
CA LYS A 33 -0.56 7.34 3.84
C LYS A 33 -1.09 6.28 2.89
N CYS A 34 -0.81 5.01 3.26
CA CYS A 34 -0.89 3.82 2.45
C CYS A 34 -2.08 3.01 2.89
N LYS A 35 -2.73 2.33 1.90
CA LYS A 35 -3.81 1.40 2.08
C LYS A 35 -3.42 0.14 1.36
N CYS A 36 -3.71 -1.04 1.96
CA CYS A 36 -3.42 -2.34 1.40
C CYS A 36 -4.73 -3.09 1.28
N TYR A 37 -5.09 -3.46 0.04
CA TYR A 37 -6.28 -4.19 -0.33
C TYR A 37 -5.79 -5.46 -0.99
N ASN A 38 -6.57 -6.00 -1.95
CA ASN A 38 -6.25 -7.19 -2.72
C ASN A 38 -6.59 -6.85 -4.16
N ASN A 39 -5.92 -7.55 -5.12
CA ASN A 39 -6.20 -7.49 -6.54
C ASN A 39 -7.27 -8.55 -6.85
N NH2 A 40 -8.43 -8.09 -7.41
HN1 NH2 A 40 -8.54 -7.12 -7.60
HN2 NH2 A 40 -9.17 -8.74 -7.64
N THR A 1 -7.80 -2.71 7.22
CA THR A 1 -6.89 -3.13 6.12
C THR A 1 -5.98 -1.98 5.67
N ILE A 2 -6.06 -0.80 6.35
CA ILE A 2 -5.38 0.44 6.00
C ILE A 2 -4.26 0.58 7.00
N ILE A 3 -3.02 0.73 6.47
CA ILE A 3 -1.76 0.71 7.22
C ILE A 3 -1.22 2.11 7.41
N ASN A 4 -0.07 2.23 8.12
CA ASN A 4 0.54 3.47 8.56
C ASN A 4 1.92 3.56 7.95
N VAL A 5 1.99 3.73 6.61
CA VAL A 5 3.21 3.95 5.84
C VAL A 5 2.94 5.19 5.06
N LYS A 6 3.90 6.17 5.12
CA LYS A 6 3.82 7.48 4.49
C LYS A 6 4.38 7.37 3.08
N CYS A 7 3.66 7.95 2.08
CA CYS A 7 3.92 7.72 0.66
C CYS A 7 3.82 9.04 -0.07
N THR A 8 4.13 9.00 -1.39
CA THR A 8 4.00 10.10 -2.32
C THR A 8 3.86 9.47 -3.70
N SER A 9 3.40 8.18 -3.73
CA SER A 9 3.30 7.35 -4.91
C SER A 9 2.59 6.10 -4.45
N PRO A 10 1.80 5.36 -5.27
CA PRO A 10 1.29 4.02 -4.96
C PRO A 10 2.35 2.92 -4.99
N LYS A 11 3.54 3.16 -5.61
CA LYS A 11 4.72 2.31 -5.63
C LYS A 11 5.58 2.35 -4.37
N GLN A 12 5.36 3.36 -3.46
CA GLN A 12 5.92 3.51 -2.13
C GLN A 12 5.06 2.78 -1.10
N CYS A 13 3.84 2.35 -1.54
CA CYS A 13 2.82 1.69 -0.76
C CYS A 13 2.73 0.24 -1.24
N SER A 14 3.35 -0.13 -2.39
CA SER A 14 3.49 -1.49 -2.92
C SER A 14 4.70 -2.19 -2.33
N LYS A 15 5.46 -1.47 -1.46
CA LYS A 15 6.56 -1.91 -0.64
C LYS A 15 6.06 -2.62 0.63
N PRO A 16 5.24 -2.04 1.56
CA PRO A 16 4.68 -2.71 2.71
C PRO A 16 3.57 -3.72 2.35
N CYS A 17 2.64 -3.42 1.40
CA CYS A 17 1.50 -4.23 0.99
C CYS A 17 1.86 -5.49 0.20
N LYS A 18 3.00 -5.50 -0.58
CA LYS A 18 3.55 -6.70 -1.21
C LYS A 18 4.50 -7.48 -0.33
N GLU A 19 4.87 -6.90 0.84
CA GLU A 19 5.53 -7.57 1.96
C GLU A 19 4.53 -8.24 2.90
N LEU A 20 3.24 -7.78 2.86
CA LEU A 20 2.10 -8.25 3.63
C LEU A 20 1.31 -9.29 2.86
N TYR A 21 0.67 -8.87 1.74
CA TYR A 21 -0.34 -9.58 0.96
C TYR A 21 0.27 -10.33 -0.22
N GLY A 22 1.58 -10.13 -0.50
CA GLY A 22 2.40 -10.98 -1.38
C GLY A 22 2.61 -10.39 -2.74
N SER A 23 1.58 -10.50 -3.61
CA SER A 23 1.60 -10.09 -5.01
C SER A 23 0.16 -9.77 -5.38
N SER A 24 -0.80 -10.09 -4.47
CA SER A 24 -2.22 -9.80 -4.56
C SER A 24 -2.46 -8.66 -3.59
N ALA A 25 -1.95 -7.45 -3.95
CA ALA A 25 -1.98 -6.25 -3.15
C ALA A 25 -2.53 -5.16 -4.03
N GLY A 26 -3.58 -4.46 -3.51
CA GLY A 26 -4.16 -3.27 -4.09
C GLY A 26 -3.69 -2.11 -3.27
N ALA A 27 -2.52 -1.53 -3.66
CA ALA A 27 -1.82 -0.51 -2.91
C ALA A 27 -2.17 0.86 -3.43
N LYS A 28 -2.82 1.68 -2.55
CA LYS A 28 -3.37 2.98 -2.90
C LYS A 28 -2.72 3.98 -1.99
N CYS A 29 -2.41 5.18 -2.53
CA CYS A 29 -1.75 6.26 -1.83
C CYS A 29 -2.68 7.45 -1.95
N MET A 30 -3.28 7.84 -0.79
CA MET A 30 -4.14 8.99 -0.62
C MET A 30 -3.42 9.88 0.38
N ASN A 31 -3.10 11.17 0.02
CA ASN A 31 -2.50 12.22 0.86
C ASN A 31 -1.00 11.99 0.97
N GLY A 32 -0.62 11.13 1.95
CA GLY A 32 0.69 10.60 2.10
C GLY A 32 0.57 9.55 3.14
N LYS A 33 -0.32 8.56 2.92
CA LYS A 33 -0.56 7.41 3.77
C LYS A 33 -1.06 6.33 2.87
N CYS A 34 -0.76 5.07 3.24
CA CYS A 34 -0.84 3.86 2.45
C CYS A 34 -2.03 3.05 2.89
N LYS A 35 -2.71 2.43 1.89
CA LYS A 35 -3.78 1.47 2.05
C LYS A 35 -3.33 0.21 1.38
N CYS A 36 -3.75 -0.96 1.95
CA CYS A 36 -3.58 -2.27 1.35
C CYS A 36 -4.95 -2.85 1.16
N TYR A 37 -5.14 -3.58 0.03
CA TYR A 37 -6.34 -4.27 -0.33
C TYR A 37 -5.84 -5.59 -0.89
N ASN A 38 -6.68 -6.29 -1.68
CA ASN A 38 -6.36 -7.56 -2.32
C ASN A 38 -6.79 -7.42 -3.75
N ASN A 39 -5.83 -7.08 -4.65
CA ASN A 39 -6.04 -6.96 -6.08
C ASN A 39 -4.79 -7.59 -6.72
N NH2 A 40 -4.93 -8.89 -7.14
HN1 NH2 A 40 -4.15 -9.36 -7.57
HN2 NH2 A 40 -5.79 -9.37 -7.03
N THR A 1 -9.08 -2.20 5.74
CA THR A 1 -7.66 -2.64 5.62
C THR A 1 -6.83 -1.47 5.17
N ILE A 2 -6.47 -0.59 6.16
CA ILE A 2 -5.73 0.64 5.99
C ILE A 2 -4.54 0.50 6.93
N ILE A 3 -3.29 0.73 6.42
CA ILE A 3 -2.06 0.72 7.19
C ILE A 3 -1.55 2.14 7.35
N ASN A 4 -0.34 2.32 7.95
CA ASN A 4 0.25 3.61 8.24
C ASN A 4 1.68 3.57 7.75
N VAL A 5 1.87 3.76 6.43
CA VAL A 5 3.15 3.93 5.75
C VAL A 5 2.95 5.16 4.93
N LYS A 6 3.86 6.17 5.09
CA LYS A 6 3.80 7.48 4.46
C LYS A 6 4.42 7.40 3.08
N CYS A 7 3.78 8.06 2.09
CA CYS A 7 4.00 7.81 0.67
C CYS A 7 3.84 9.10 -0.08
N THR A 8 4.20 9.08 -1.38
CA THR A 8 4.04 10.17 -2.33
C THR A 8 3.87 9.52 -3.70
N SER A 9 3.46 8.22 -3.71
CA SER A 9 3.35 7.39 -4.89
C SER A 9 2.62 6.13 -4.44
N PRO A 10 1.82 5.42 -5.25
CA PRO A 10 1.29 4.08 -4.94
C PRO A 10 2.34 2.96 -4.96
N LYS A 11 3.53 3.19 -5.58
CA LYS A 11 4.70 2.31 -5.59
C LYS A 11 5.57 2.39 -4.33
N GLN A 12 5.34 3.38 -3.43
CA GLN A 12 5.89 3.55 -2.10
C GLN A 12 5.02 2.83 -1.07
N CYS A 13 3.81 2.39 -1.50
CA CYS A 13 2.80 1.69 -0.74
C CYS A 13 2.75 0.25 -1.22
N SER A 14 3.35 -0.10 -2.41
CA SER A 14 3.49 -1.46 -2.93
C SER A 14 4.71 -2.16 -2.35
N LYS A 15 5.46 -1.45 -1.48
CA LYS A 15 6.54 -1.90 -0.63
C LYS A 15 6.02 -2.62 0.61
N PRO A 16 5.20 -2.03 1.54
CA PRO A 16 4.60 -2.71 2.68
C PRO A 16 3.49 -3.70 2.28
N CYS A 17 2.58 -3.37 1.33
CA CYS A 17 1.44 -4.17 0.87
C CYS A 17 1.79 -5.44 0.11
N LYS A 18 2.91 -5.46 -0.68
CA LYS A 18 3.42 -6.67 -1.35
C LYS A 18 4.38 -7.47 -0.48
N GLU A 19 4.75 -6.91 0.72
CA GLU A 19 5.40 -7.61 1.82
C GLU A 19 4.38 -8.25 2.77
N LEU A 20 3.12 -7.73 2.77
CA LEU A 20 1.98 -8.17 3.58
C LEU A 20 1.15 -9.21 2.83
N TYR A 21 0.50 -8.77 1.72
CA TYR A 21 -0.51 -9.48 0.94
C TYR A 21 0.11 -10.26 -0.21
N GLY A 22 1.37 -9.93 -0.59
CA GLY A 22 2.22 -10.74 -1.44
C GLY A 22 2.24 -10.28 -2.87
N SER A 23 1.13 -10.58 -3.60
CA SER A 23 0.97 -10.40 -5.03
C SER A 23 -0.47 -10.02 -5.28
N SER A 24 -1.33 -10.12 -4.23
CA SER A 24 -2.75 -9.77 -4.24
C SER A 24 -2.88 -8.53 -3.37
N ALA A 25 -2.22 -7.43 -3.80
CA ALA A 25 -2.15 -6.16 -3.10
C ALA A 25 -2.74 -5.12 -4.01
N GLY A 26 -3.76 -4.39 -3.50
CA GLY A 26 -4.33 -3.20 -4.11
C GLY A 26 -3.83 -2.03 -3.30
N ALA A 27 -2.61 -1.54 -3.65
CA ALA A 27 -1.84 -0.59 -2.88
C ALA A 27 -2.11 0.81 -3.39
N LYS A 28 -2.79 1.63 -2.53
CA LYS A 28 -3.29 2.94 -2.87
C LYS A 28 -2.63 3.92 -1.95
N CYS A 29 -2.37 5.14 -2.48
CA CYS A 29 -1.72 6.23 -1.78
C CYS A 29 -2.61 7.42 -1.99
N MET A 30 -3.21 7.92 -0.88
CA MET A 30 -4.04 9.11 -0.82
C MET A 30 -3.39 9.95 0.26
N ASN A 31 -3.06 11.26 -0.02
CA ASN A 31 -2.51 12.26 0.90
C ASN A 31 -1.02 12.05 1.08
N GLY A 32 -0.69 11.11 2.00
CA GLY A 32 0.63 10.58 2.18
C GLY A 32 0.49 9.51 3.21
N LYS A 33 -0.41 8.51 2.95
CA LYS A 33 -0.60 7.33 3.78
C LYS A 33 -1.12 6.25 2.86
N CYS A 34 -0.81 4.99 3.24
CA CYS A 34 -0.89 3.79 2.46
C CYS A 34 -2.08 2.97 2.90
N LYS A 35 -2.76 2.33 1.92
CA LYS A 35 -3.83 1.39 2.10
C LYS A 35 -3.44 0.13 1.39
N CYS A 36 -3.70 -1.06 2.01
CA CYS A 36 -3.41 -2.36 1.45
C CYS A 36 -4.70 -3.12 1.37
N TYR A 37 -5.19 -3.35 0.14
CA TYR A 37 -6.40 -4.06 -0.21
C TYR A 37 -6.01 -5.40 -0.79
N ASN A 38 -7.01 -6.16 -1.30
CA ASN A 38 -6.87 -7.50 -1.85
C ASN A 38 -7.29 -7.43 -3.29
N ASN A 39 -6.35 -7.06 -4.20
CA ASN A 39 -6.58 -6.98 -5.62
C ASN A 39 -5.38 -7.66 -6.30
N NH2 A 40 -5.57 -8.97 -6.67
HN1 NH2 A 40 -4.83 -9.47 -7.11
HN2 NH2 A 40 -6.45 -9.41 -6.50
N THR A 1 -7.51 -2.83 6.86
CA THR A 1 -7.03 -2.68 5.45
C THR A 1 -6.15 -1.46 5.26
N ILE A 2 -6.27 -0.42 6.13
CA ILE A 2 -5.62 0.87 5.99
C ILE A 2 -4.49 0.90 6.99
N ILE A 3 -3.24 0.96 6.47
CA ILE A 3 -2.00 0.94 7.23
C ILE A 3 -1.44 2.35 7.36
N ASN A 4 -0.25 2.50 8.01
CA ASN A 4 0.37 3.78 8.30
C ASN A 4 1.80 3.71 7.80
N VAL A 5 1.96 3.84 6.45
CA VAL A 5 3.24 3.97 5.76
C VAL A 5 3.06 5.20 4.92
N LYS A 6 4.01 6.17 5.05
CA LYS A 6 3.97 7.48 4.43
C LYS A 6 4.51 7.42 3.01
N CYS A 7 3.78 8.01 2.03
CA CYS A 7 3.99 7.78 0.62
C CYS A 7 3.81 9.09 -0.11
N THR A 8 4.14 9.10 -1.43
CA THR A 8 3.87 10.18 -2.35
C THR A 8 3.78 9.52 -3.72
N SER A 9 3.41 8.22 -3.75
CA SER A 9 3.32 7.38 -4.92
C SER A 9 2.62 6.11 -4.45
N PRO A 10 1.83 5.37 -5.27
CA PRO A 10 1.32 4.03 -4.94
C PRO A 10 2.38 2.92 -4.96
N LYS A 11 3.58 3.15 -5.59
CA LYS A 11 4.76 2.29 -5.58
C LYS A 11 5.61 2.40 -4.30
N GLN A 12 5.34 3.41 -3.42
CA GLN A 12 5.90 3.59 -2.08
C GLN A 12 5.00 2.94 -1.04
N CYS A 13 3.86 2.37 -1.52
CA CYS A 13 2.84 1.70 -0.75
C CYS A 13 2.75 0.26 -1.21
N SER A 14 3.37 -0.13 -2.39
CA SER A 14 3.47 -1.50 -2.90
C SER A 14 4.66 -2.23 -2.30
N LYS A 15 5.44 -1.53 -1.43
CA LYS A 15 6.51 -2.01 -0.60
C LYS A 15 5.99 -2.66 0.68
N PRO A 16 5.18 -2.03 1.59
CA PRO A 16 4.55 -2.69 2.74
C PRO A 16 3.45 -3.67 2.37
N CYS A 17 2.54 -3.36 1.39
CA CYS A 17 1.40 -4.15 0.96
C CYS A 17 1.74 -5.44 0.23
N LYS A 18 2.89 -5.50 -0.53
CA LYS A 18 3.43 -6.72 -1.14
C LYS A 18 4.34 -7.49 -0.22
N GLU A 19 4.68 -6.91 0.96
CA GLU A 19 5.29 -7.58 2.11
C GLU A 19 4.24 -8.19 3.04
N LEU A 20 2.98 -7.70 2.95
CA LEU A 20 1.81 -8.11 3.72
C LEU A 20 0.99 -9.15 2.97
N TYR A 21 0.35 -8.73 1.84
CA TYR A 21 -0.64 -9.43 1.04
C TYR A 21 0.01 -10.23 -0.08
N GLY A 22 1.31 -9.99 -0.38
CA GLY A 22 2.17 -10.87 -1.15
C GLY A 22 2.39 -10.42 -2.57
N SER A 23 1.36 -10.61 -3.43
CA SER A 23 1.43 -10.45 -4.87
C SER A 23 0.12 -9.83 -5.29
N SER A 24 -0.96 -10.22 -4.58
CA SER A 24 -2.33 -9.73 -4.70
C SER A 24 -2.51 -8.60 -3.70
N ALA A 25 -2.01 -7.38 -4.06
CA ALA A 25 -2.01 -6.20 -3.22
C ALA A 25 -2.51 -5.08 -4.08
N GLY A 26 -3.65 -4.44 -3.66
CA GLY A 26 -4.22 -3.25 -4.26
C GLY A 26 -3.78 -2.07 -3.43
N ALA A 27 -2.57 -1.54 -3.73
CA ALA A 27 -1.86 -0.55 -2.95
C ALA A 27 -2.19 0.84 -3.45
N LYS A 28 -2.81 1.67 -2.57
CA LYS A 28 -3.36 2.97 -2.89
C LYS A 28 -2.70 3.96 -1.98
N CYS A 29 -2.38 5.16 -2.50
CA CYS A 29 -1.72 6.24 -1.79
C CYS A 29 -2.65 7.42 -1.90
N MET A 30 -3.25 7.81 -0.74
CA MET A 30 -4.11 8.97 -0.57
C MET A 30 -3.38 9.85 0.44
N ASN A 31 -3.07 11.16 0.09
CA ASN A 31 -2.48 12.19 0.95
C ASN A 31 -0.99 12.00 1.11
N GLY A 32 -0.63 11.12 2.06
CA GLY A 32 0.70 10.60 2.22
C GLY A 32 0.58 9.52 3.25
N LYS A 33 -0.31 8.53 2.99
CA LYS A 33 -0.51 7.34 3.82
C LYS A 33 -1.04 6.29 2.89
N CYS A 34 -0.76 5.01 3.27
CA CYS A 34 -0.86 3.82 2.45
C CYS A 34 -2.07 3.02 2.86
N LYS A 35 -2.71 2.37 1.86
CA LYS A 35 -3.79 1.43 2.01
C LYS A 35 -3.39 0.17 1.30
N CYS A 36 -3.78 -0.99 1.87
CA CYS A 36 -3.49 -2.32 1.33
C CYS A 36 -4.77 -3.08 1.22
N TYR A 37 -5.14 -3.43 -0.03
CA TYR A 37 -6.32 -4.19 -0.39
C TYR A 37 -5.81 -5.46 -1.03
N ASN A 38 -6.56 -6.00 -2.04
CA ASN A 38 -6.20 -7.17 -2.81
C ASN A 38 -6.50 -6.80 -4.25
N ASN A 39 -5.80 -7.47 -5.21
CA ASN A 39 -6.05 -7.36 -6.63
C ASN A 39 -7.15 -8.39 -6.99
N NH2 A 40 -8.29 -7.88 -7.55
HN1 NH2 A 40 -8.38 -6.89 -7.68
HN2 NH2 A 40 -9.04 -8.49 -7.79
N THR A 1 -7.88 -3.18 4.13
CA THR A 1 -7.28 -2.50 5.31
C THR A 1 -6.67 -1.18 4.92
N ILE A 2 -6.39 -0.34 5.95
CA ILE A 2 -5.73 0.95 5.86
C ILE A 2 -4.60 0.82 6.85
N ILE A 3 -3.32 0.92 6.37
CA ILE A 3 -2.10 0.82 7.15
C ILE A 3 -1.52 2.22 7.36
N ASN A 4 -0.29 2.32 7.91
CA ASN A 4 0.36 3.57 8.27
C ASN A 4 1.78 3.55 7.77
N VAL A 5 1.94 3.78 6.44
CA VAL A 5 3.21 3.98 5.75
C VAL A 5 2.99 5.24 4.96
N LYS A 6 3.93 6.23 5.11
CA LYS A 6 3.87 7.55 4.50
C LYS A 6 4.40 7.48 3.07
N CYS A 7 3.68 8.09 2.10
CA CYS A 7 3.89 7.84 0.69
C CYS A 7 3.73 9.11 -0.07
N THR A 8 4.20 8.99 -1.32
CA THR A 8 4.35 9.97 -2.34
C THR A 8 3.67 9.39 -3.56
N SER A 9 4.03 8.11 -3.86
CA SER A 9 3.58 7.30 -4.98
C SER A 9 2.77 6.13 -4.47
N PRO A 10 1.95 5.42 -5.28
CA PRO A 10 1.39 4.11 -4.95
C PRO A 10 2.40 2.95 -4.98
N LYS A 11 3.60 3.12 -5.63
CA LYS A 11 4.76 2.23 -5.63
C LYS A 11 5.58 2.29 -4.33
N GLN A 12 5.37 3.33 -3.47
CA GLN A 12 5.90 3.52 -2.13
C GLN A 12 5.04 2.81 -1.10
N CYS A 13 3.81 2.41 -1.52
CA CYS A 13 2.81 1.71 -0.76
C CYS A 13 2.73 0.27 -1.24
N SER A 14 3.32 -0.09 -2.42
CA SER A 14 3.43 -1.47 -2.95
C SER A 14 4.62 -2.19 -2.37
N LYS A 15 5.41 -1.49 -1.52
CA LYS A 15 6.51 -1.97 -0.71
C LYS A 15 5.99 -2.63 0.58
N PRO A 16 5.20 -2.01 1.51
CA PRO A 16 4.59 -2.67 2.67
C PRO A 16 3.48 -3.65 2.31
N CYS A 17 2.56 -3.36 1.34
CA CYS A 17 1.42 -4.16 0.92
C CYS A 17 1.77 -5.44 0.19
N LYS A 18 2.90 -5.49 -0.59
CA LYS A 18 3.45 -6.71 -1.21
C LYS A 18 4.39 -7.47 -0.31
N GLU A 19 4.74 -6.88 0.87
CA GLU A 19 5.39 -7.55 1.99
C GLU A 19 4.36 -8.19 2.94
N LEU A 20 3.08 -7.71 2.86
CA LEU A 20 1.91 -8.17 3.60
C LEU A 20 1.15 -9.24 2.83
N TYR A 21 0.55 -8.84 1.67
CA TYR A 21 -0.44 -9.56 0.89
C TYR A 21 0.18 -10.31 -0.28
N GLY A 22 1.50 -10.08 -0.56
CA GLY A 22 2.32 -10.90 -1.43
C GLY A 22 2.50 -10.33 -2.80
N SER A 23 1.47 -10.51 -3.67
CA SER A 23 1.46 -10.13 -5.07
C SER A 23 0.03 -9.78 -5.42
N SER A 24 -0.93 -10.06 -4.47
CA SER A 24 -2.35 -9.77 -4.57
C SER A 24 -2.59 -8.61 -3.62
N ALA A 25 -2.05 -7.43 -3.97
CA ALA A 25 -2.06 -6.22 -3.17
C ALA A 25 -2.63 -5.13 -4.04
N GLY A 26 -3.68 -4.44 -3.52
CA GLY A 26 -4.25 -3.24 -4.09
C GLY A 26 -3.76 -2.08 -3.28
N ALA A 27 -2.59 -1.53 -3.67
CA ALA A 27 -1.85 -0.54 -2.92
C ALA A 27 -2.18 0.84 -3.44
N LYS A 28 -2.84 1.66 -2.58
CA LYS A 28 -3.37 2.97 -2.90
C LYS A 28 -2.67 3.94 -2.01
N CYS A 29 -2.35 5.14 -2.55
CA CYS A 29 -1.69 6.22 -1.84
C CYS A 29 -2.62 7.40 -1.96
N MET A 30 -3.23 7.78 -0.81
CA MET A 30 -4.15 8.89 -0.66
C MET A 30 -3.50 9.79 0.38
N ASN A 31 -3.24 11.11 0.06
CA ASN A 31 -2.68 12.15 0.92
C ASN A 31 -1.18 11.99 1.06
N GLY A 32 -0.79 11.12 2.01
CA GLY A 32 0.56 10.63 2.15
C GLY A 32 0.49 9.56 3.18
N LYS A 33 -0.40 8.54 2.96
CA LYS A 33 -0.58 7.38 3.80
C LYS A 33 -1.08 6.29 2.89
N CYS A 34 -0.79 5.03 3.28
CA CYS A 34 -0.87 3.82 2.48
C CYS A 34 -2.08 3.02 2.91
N LYS A 35 -2.72 2.38 1.91
CA LYS A 35 -3.82 1.44 2.05
C LYS A 35 -3.42 0.18 1.36
N CYS A 36 -3.74 -1.00 1.96
CA CYS A 36 -3.47 -2.32 1.41
C CYS A 36 -4.76 -3.07 1.32
N TYR A 37 -5.13 -3.45 0.08
CA TYR A 37 -6.32 -4.19 -0.27
C TYR A 37 -5.86 -5.50 -0.87
N ASN A 38 -6.76 -6.20 -1.62
CA ASN A 38 -6.50 -7.46 -2.29
C ASN A 38 -6.96 -7.27 -3.70
N ASN A 39 -6.01 -6.90 -4.61
CA ASN A 39 -6.25 -6.77 -6.03
C ASN A 39 -4.99 -7.33 -6.70
N NH2 A 40 -5.02 -8.67 -7.02
HN1 NH2 A 40 -5.85 -9.20 -6.81
HN2 NH2 A 40 -4.23 -9.10 -7.46
N THR A 1 -8.55 -2.51 4.36
CA THR A 1 -7.50 -2.33 5.40
C THR A 1 -6.69 -1.12 4.99
N ILE A 2 -6.46 -0.20 5.98
CA ILE A 2 -5.70 1.02 5.84
C ILE A 2 -4.57 0.88 6.84
N ILE A 3 -3.30 0.96 6.35
CA ILE A 3 -2.08 0.87 7.14
C ILE A 3 -1.49 2.27 7.31
N ASN A 4 -0.25 2.38 7.86
CA ASN A 4 0.40 3.64 8.17
C ASN A 4 1.83 3.59 7.69
N VAL A 5 2.01 3.77 6.35
CA VAL A 5 3.29 3.93 5.68
C VAL A 5 3.10 5.17 4.86
N LYS A 6 4.04 6.15 5.01
CA LYS A 6 3.98 7.48 4.41
C LYS A 6 4.51 7.43 2.98
N CYS A 7 3.78 8.05 2.01
CA CYS A 7 3.97 7.85 0.59
C CYS A 7 3.77 9.17 -0.11
N THR A 8 4.09 9.19 -1.43
CA THR A 8 3.77 10.27 -2.35
C THR A 8 3.69 9.62 -3.72
N SER A 9 3.34 8.31 -3.75
CA SER A 9 3.26 7.47 -4.93
C SER A 9 2.60 6.19 -4.47
N PRO A 10 1.83 5.42 -5.28
CA PRO A 10 1.37 4.07 -4.96
C PRO A 10 2.46 2.99 -4.99
N LYS A 11 3.66 3.28 -5.59
CA LYS A 11 4.87 2.47 -5.56
C LYS A 11 5.77 2.74 -4.35
N GLN A 12 5.27 3.55 -3.35
CA GLN A 12 5.84 3.75 -2.03
C GLN A 12 4.88 3.15 -1.02
N CYS A 13 4.00 2.24 -1.50
CA CYS A 13 2.94 1.60 -0.78
C CYS A 13 2.82 0.15 -1.23
N SER A 14 3.40 -0.27 -2.40
CA SER A 14 3.44 -1.64 -2.90
C SER A 14 4.59 -2.42 -2.29
N LYS A 15 5.39 -1.76 -1.42
CA LYS A 15 6.47 -2.28 -0.60
C LYS A 15 5.92 -2.91 0.70
N PRO A 16 5.15 -2.23 1.61
CA PRO A 16 4.53 -2.83 2.79
C PRO A 16 3.38 -3.79 2.45
N CYS A 17 2.49 -3.48 1.46
CA CYS A 17 1.34 -4.25 1.02
C CYS A 17 1.67 -5.54 0.30
N LYS A 18 2.81 -5.64 -0.46
CA LYS A 18 3.32 -6.88 -1.05
C LYS A 18 4.24 -7.66 -0.13
N GLU A 19 4.55 -7.08 1.07
CA GLU A 19 5.14 -7.76 2.22
C GLU A 19 4.05 -8.38 3.10
N LEU A 20 2.81 -7.83 3.04
CA LEU A 20 1.61 -8.25 3.76
C LEU A 20 0.81 -9.29 2.99
N TYR A 21 0.29 -8.89 1.80
CA TYR A 21 -0.70 -9.58 0.98
C TYR A 21 -0.07 -10.39 -0.14
N GLY A 22 1.27 -10.22 -0.37
CA GLY A 22 2.09 -11.11 -1.19
C GLY A 22 2.38 -10.56 -2.55
N SER A 23 1.40 -10.68 -3.48
CA SER A 23 1.51 -10.30 -4.88
C SER A 23 0.15 -9.82 -5.31
N SER A 24 -0.90 -10.14 -4.50
CA SER A 24 -2.29 -9.76 -4.68
C SER A 24 -2.56 -8.63 -3.70
N ALA A 25 -2.04 -7.42 -4.03
CA ALA A 25 -2.11 -6.23 -3.20
C ALA A 25 -2.60 -5.11 -4.07
N GLY A 26 -3.71 -4.44 -3.64
CA GLY A 26 -4.25 -3.24 -4.24
C GLY A 26 -3.79 -2.08 -3.41
N ALA A 27 -2.56 -1.56 -3.72
CA ALA A 27 -1.83 -0.59 -2.94
C ALA A 27 -2.13 0.80 -3.45
N LYS A 28 -2.73 1.65 -2.58
CA LYS A 28 -3.27 2.96 -2.92
C LYS A 28 -2.61 3.95 -2.01
N CYS A 29 -2.33 5.16 -2.54
CA CYS A 29 -1.70 6.26 -1.82
C CYS A 29 -2.67 7.42 -1.92
N MET A 30 -3.24 7.82 -0.75
CA MET A 30 -4.16 8.93 -0.59
C MET A 30 -3.54 9.78 0.50
N ASN A 31 -3.32 11.12 0.25
CA ASN A 31 -2.77 12.12 1.17
C ASN A 31 -1.25 12.01 1.19
N GLY A 32 -0.76 11.10 2.05
CA GLY A 32 0.58 10.62 2.05
C GLY A 32 0.61 9.52 3.06
N LYS A 33 -0.30 8.53 2.90
CA LYS A 33 -0.46 7.37 3.76
C LYS A 33 -0.98 6.28 2.87
N CYS A 34 -0.68 5.01 3.25
CA CYS A 34 -0.78 3.81 2.44
C CYS A 34 -1.99 3.02 2.86
N LYS A 35 -2.65 2.39 1.85
CA LYS A 35 -3.77 1.47 2.01
C LYS A 35 -3.37 0.20 1.32
N CYS A 36 -3.77 -0.96 1.91
CA CYS A 36 -3.49 -2.29 1.38
C CYS A 36 -4.79 -3.02 1.27
N TYR A 37 -5.15 -3.41 0.02
CA TYR A 37 -6.33 -4.15 -0.34
C TYR A 37 -5.84 -5.44 -0.98
N ASN A 38 -6.61 -5.97 -1.97
CA ASN A 38 -6.28 -7.16 -2.74
C ASN A 38 -6.56 -6.80 -4.17
N ASN A 39 -5.92 -7.52 -5.13
CA ASN A 39 -6.21 -7.44 -6.54
C ASN A 39 -7.31 -8.47 -6.85
N NH2 A 40 -8.44 -7.99 -7.46
HN1 NH2 A 40 -9.20 -8.61 -7.67
HN2 NH2 A 40 -8.51 -7.01 -7.67
N THR A 1 -7.65 -3.25 4.57
CA THR A 1 -7.04 -2.49 5.68
C THR A 1 -6.49 -1.17 5.17
N ILE A 2 -6.26 -0.23 6.12
CA ILE A 2 -5.65 1.06 5.92
C ILE A 2 -4.49 1.05 6.90
N ILE A 3 -3.23 1.06 6.38
CA ILE A 3 -1.99 1.00 7.15
C ILE A 3 -1.40 2.40 7.29
N ASN A 4 -0.21 2.51 7.94
CA ASN A 4 0.45 3.76 8.27
C ASN A 4 1.86 3.70 7.75
N VAL A 5 2.01 3.83 6.40
CA VAL A 5 3.27 3.97 5.69
C VAL A 5 3.06 5.21 4.86
N LYS A 6 3.94 6.23 5.04
CA LYS A 6 3.84 7.55 4.44
C LYS A 6 4.46 7.53 3.06
N CYS A 7 3.77 8.17 2.07
CA CYS A 7 3.97 7.91 0.67
C CYS A 7 3.78 9.20 -0.10
N THR A 8 4.13 9.16 -1.41
CA THR A 8 3.93 10.23 -2.36
C THR A 8 3.78 9.55 -3.72
N SER A 9 3.40 8.25 -3.71
CA SER A 9 3.31 7.40 -4.88
C SER A 9 2.62 6.14 -4.40
N PRO A 10 1.81 5.40 -5.22
CA PRO A 10 1.36 4.03 -4.94
C PRO A 10 2.47 2.96 -5.04
N LYS A 11 3.65 3.31 -5.65
CA LYS A 11 4.89 2.53 -5.70
C LYS A 11 5.69 2.52 -4.40
N GLN A 12 5.39 3.46 -3.44
CA GLN A 12 5.93 3.58 -2.09
C GLN A 12 5.06 2.80 -1.10
N CYS A 13 3.87 2.34 -1.57
CA CYS A 13 2.85 1.68 -0.79
C CYS A 13 2.74 0.22 -1.23
N SER A 14 3.35 -0.18 -2.39
CA SER A 14 3.41 -1.56 -2.88
C SER A 14 4.62 -2.30 -2.30
N LYS A 15 5.42 -1.62 -1.44
CA LYS A 15 6.49 -2.13 -0.61
C LYS A 15 5.95 -2.80 0.66
N PRO A 16 5.16 -2.15 1.57
CA PRO A 16 4.57 -2.77 2.75
C PRO A 16 3.44 -3.73 2.41
N CYS A 17 2.52 -3.42 1.45
CA CYS A 17 1.36 -4.20 1.03
C CYS A 17 1.69 -5.49 0.28
N LYS A 18 2.81 -5.53 -0.50
CA LYS A 18 3.32 -6.74 -1.16
C LYS A 18 4.26 -7.55 -0.29
N GLU A 19 4.62 -7.00 0.90
CA GLU A 19 5.26 -7.69 2.02
C GLU A 19 4.22 -8.30 2.97
N LEU A 20 2.97 -7.77 2.97
CA LEU A 20 1.83 -8.17 3.78
C LEU A 20 0.99 -9.22 3.07
N TYR A 21 0.32 -8.81 1.96
CA TYR A 21 -0.72 -9.51 1.23
C TYR A 21 -0.16 -10.32 0.09
N GLY A 22 0.97 -9.86 -0.50
CA GLY A 22 1.66 -10.49 -1.61
C GLY A 22 1.43 -9.67 -2.85
N SER A 23 1.82 -10.22 -4.03
CA SER A 23 1.81 -9.61 -5.36
C SER A 23 0.45 -9.33 -5.99
N SER A 24 -0.65 -9.77 -5.30
CA SER A 24 -2.03 -9.40 -5.55
C SER A 24 -2.45 -8.51 -4.39
N ALA A 25 -1.85 -7.30 -4.31
CA ALA A 25 -2.16 -6.25 -3.34
C ALA A 25 -2.67 -5.08 -4.14
N GLY A 26 -3.71 -4.39 -3.59
CA GLY A 26 -4.28 -3.17 -4.12
C GLY A 26 -3.75 -2.04 -3.28
N ALA A 27 -2.55 -1.52 -3.67
CA ALA A 27 -1.78 -0.55 -2.92
C ALA A 27 -2.11 0.84 -3.42
N LYS A 28 -2.77 1.65 -2.55
CA LYS A 28 -3.32 2.95 -2.89
C LYS A 28 -2.70 3.95 -1.95
N CYS A 29 -2.33 5.13 -2.49
CA CYS A 29 -1.69 6.22 -1.77
C CYS A 29 -2.63 7.38 -1.89
N MET A 30 -3.22 7.78 -0.73
CA MET A 30 -4.14 8.90 -0.58
C MET A 30 -3.48 9.80 0.45
N ASN A 31 -3.22 11.12 0.13
CA ASN A 31 -2.68 12.16 1.01
C ASN A 31 -1.18 12.01 1.14
N GLY A 32 -0.78 11.13 2.09
CA GLY A 32 0.57 10.66 2.24
C GLY A 32 0.49 9.58 3.27
N LYS A 33 -0.37 8.55 3.03
CA LYS A 33 -0.51 7.36 3.84
C LYS A 33 -1.05 6.30 2.92
N CYS A 34 -0.75 5.02 3.26
CA CYS A 34 -0.86 3.84 2.44
C CYS A 34 -2.07 3.04 2.86
N LYS A 35 -2.68 2.34 1.87
CA LYS A 35 -3.78 1.42 2.04
C LYS A 35 -3.39 0.14 1.34
N CYS A 36 -3.77 -1.02 1.94
CA CYS A 36 -3.52 -2.34 1.38
C CYS A 36 -4.84 -3.05 1.25
N TYR A 37 -5.16 -3.49 0.01
CA TYR A 37 -6.36 -4.20 -0.36
C TYR A 37 -5.89 -5.50 -0.98
N ASN A 38 -6.72 -6.11 -1.86
CA ASN A 38 -6.47 -7.42 -2.48
C ASN A 38 -6.67 -7.29 -3.98
N ASN A 39 -6.55 -6.06 -4.53
CA ASN A 39 -6.77 -5.75 -5.94
C ASN A 39 -5.43 -5.79 -6.70
N NH2 A 40 -4.94 -7.03 -6.98
HN1 NH2 A 40 -5.43 -7.85 -6.70
HN2 NH2 A 40 -4.07 -7.12 -7.48
N THR A 1 -7.76 -3.23 4.46
CA THR A 1 -7.18 -2.49 5.60
C THR A 1 -6.60 -1.19 5.11
N ILE A 2 -6.37 -0.24 6.07
CA ILE A 2 -5.72 1.03 5.89
C ILE A 2 -4.58 0.98 6.88
N ILE A 3 -3.31 0.99 6.36
CA ILE A 3 -2.08 0.92 7.15
C ILE A 3 -1.49 2.32 7.31
N ASN A 4 -0.32 2.43 7.99
CA ASN A 4 0.32 3.70 8.34
C ASN A 4 1.75 3.65 7.85
N VAL A 5 1.93 3.79 6.51
CA VAL A 5 3.21 3.92 5.83
C VAL A 5 3.02 5.14 4.97
N LYS A 6 3.98 6.11 5.05
CA LYS A 6 3.95 7.39 4.36
C LYS A 6 4.45 7.23 2.93
N CYS A 7 3.80 7.93 1.98
CA CYS A 7 3.97 7.71 0.55
C CYS A 7 3.80 9.03 -0.15
N THR A 8 4.19 9.07 -1.45
CA THR A 8 3.98 10.17 -2.37
C THR A 8 3.82 9.53 -3.75
N SER A 9 3.45 8.23 -3.77
CA SER A 9 3.33 7.40 -4.96
C SER A 9 2.64 6.13 -4.49
N PRO A 10 1.85 5.39 -5.31
CA PRO A 10 1.33 4.06 -4.98
C PRO A 10 2.40 2.94 -4.98
N LYS A 11 3.59 3.17 -5.60
CA LYS A 11 4.77 2.30 -5.58
C LYS A 11 5.64 2.46 -4.34
N GLN A 12 5.31 3.43 -3.41
CA GLN A 12 5.89 3.61 -2.10
C GLN A 12 4.98 3.01 -1.04
N CYS A 13 3.88 2.36 -1.51
CA CYS A 13 2.84 1.72 -0.74
C CYS A 13 2.76 0.26 -1.20
N SER A 14 3.36 -0.13 -2.36
CA SER A 14 3.47 -1.51 -2.86
C SER A 14 4.68 -2.21 -2.26
N LYS A 15 5.43 -1.48 -1.40
CA LYS A 15 6.53 -1.92 -0.57
C LYS A 15 6.01 -2.60 0.71
N PRO A 16 5.18 -2.00 1.62
CA PRO A 16 4.54 -2.68 2.74
C PRO A 16 3.45 -3.67 2.33
N CYS A 17 2.55 -3.36 1.35
CA CYS A 17 1.42 -4.15 0.91
C CYS A 17 1.77 -5.43 0.15
N LYS A 18 2.94 -5.49 -0.57
CA LYS A 18 3.47 -6.70 -1.19
C LYS A 18 4.37 -7.49 -0.26
N GLU A 19 4.75 -6.88 0.90
CA GLU A 19 5.38 -7.56 2.05
C GLU A 19 4.33 -8.18 2.97
N LEU A 20 3.06 -7.70 2.90
CA LEU A 20 1.89 -8.15 3.63
C LEU A 20 1.12 -9.19 2.85
N TYR A 21 0.51 -8.77 1.70
CA TYR A 21 -0.49 -9.47 0.91
C TYR A 21 0.11 -10.21 -0.27
N GLY A 22 1.45 -10.04 -0.52
CA GLY A 22 2.25 -10.89 -1.39
C GLY A 22 2.45 -10.33 -2.77
N SER A 23 1.41 -10.47 -3.63
CA SER A 23 1.43 -10.10 -5.03
C SER A 23 0.00 -9.79 -5.42
N SER A 24 -0.96 -10.07 -4.49
CA SER A 24 -2.38 -9.77 -4.57
C SER A 24 -2.62 -8.62 -3.63
N ALA A 25 -2.07 -7.42 -3.99
CA ALA A 25 -2.07 -6.22 -3.19
C ALA A 25 -2.66 -5.14 -4.05
N GLY A 26 -3.67 -4.41 -3.49
CA GLY A 26 -4.25 -3.21 -4.05
C GLY A 26 -3.74 -2.06 -3.25
N ALA A 27 -2.56 -1.53 -3.65
CA ALA A 27 -1.80 -0.53 -2.92
C ALA A 27 -2.13 0.84 -3.43
N LYS A 28 -2.78 1.67 -2.56
CA LYS A 28 -3.34 2.95 -2.91
C LYS A 28 -2.72 3.96 -1.98
N CYS A 29 -2.39 5.15 -2.52
CA CYS A 29 -1.73 6.23 -1.81
C CYS A 29 -2.66 7.41 -1.90
N MET A 30 -3.21 7.82 -0.73
CA MET A 30 -4.11 8.95 -0.55
C MET A 30 -3.42 9.82 0.49
N ASN A 31 -3.16 11.14 0.19
CA ASN A 31 -2.59 12.16 1.07
C ASN A 31 -1.08 12.00 1.17
N GLY A 32 -0.67 11.11 2.12
CA GLY A 32 0.67 10.63 2.26
C GLY A 32 0.60 9.54 3.26
N LYS A 33 -0.30 8.53 3.00
CA LYS A 33 -0.47 7.35 3.81
C LYS A 33 -1.01 6.29 2.89
N CYS A 34 -0.76 5.01 3.25
CA CYS A 34 -0.86 3.83 2.43
C CYS A 34 -2.09 3.04 2.85
N LYS A 35 -2.71 2.37 1.86
CA LYS A 35 -3.82 1.45 2.01
C LYS A 35 -3.41 0.17 1.33
N CYS A 36 -3.77 -1.00 1.93
CA CYS A 36 -3.52 -2.32 1.38
C CYS A 36 -4.83 -3.04 1.27
N TYR A 37 -5.15 -3.51 0.04
CA TYR A 37 -6.35 -4.21 -0.31
C TYR A 37 -5.90 -5.53 -0.92
N ASN A 38 -6.77 -6.19 -1.72
CA ASN A 38 -6.50 -7.46 -2.38
C ASN A 38 -6.93 -7.28 -3.81
N ASN A 39 -6.01 -6.77 -4.67
CA ASN A 39 -6.20 -6.67 -6.10
C ASN A 39 -5.17 -7.63 -6.72
N NH2 A 40 -5.64 -8.86 -7.10
HN1 NH2 A 40 -5.02 -9.53 -7.50
HN2 NH2 A 40 -6.60 -9.08 -6.97
N THR A 1 -7.80 -3.23 4.94
CA THR A 1 -6.56 -3.35 5.75
C THR A 1 -5.68 -2.16 5.46
N ILE A 2 -5.88 -1.04 6.20
CA ILE A 2 -5.29 0.26 5.95
C ILE A 2 -4.19 0.43 6.99
N ILE A 3 -2.95 0.63 6.48
CA ILE A 3 -1.71 0.67 7.25
C ILE A 3 -1.23 2.11 7.37
N ASN A 4 -0.06 2.32 8.03
CA ASN A 4 0.51 3.63 8.35
C ASN A 4 1.92 3.66 7.82
N VAL A 5 2.06 3.82 6.48
CA VAL A 5 3.30 4.02 5.77
C VAL A 5 3.07 5.26 4.96
N LYS A 6 3.96 6.28 5.11
CA LYS A 6 3.89 7.59 4.47
C LYS A 6 4.41 7.50 3.04
N CYS A 7 3.67 8.08 2.07
CA CYS A 7 3.89 7.85 0.66
C CYS A 7 3.71 9.14 -0.10
N THR A 8 4.09 9.12 -1.40
CA THR A 8 3.90 10.19 -2.35
C THR A 8 3.79 9.52 -3.72
N SER A 9 3.41 8.21 -3.74
CA SER A 9 3.33 7.38 -4.91
C SER A 9 2.63 6.10 -4.45
N PRO A 10 1.85 5.36 -5.27
CA PRO A 10 1.34 4.02 -4.96
C PRO A 10 2.42 2.92 -4.97
N LYS A 11 3.61 3.16 -5.59
CA LYS A 11 4.79 2.30 -5.56
C LYS A 11 5.67 2.48 -4.31
N GLN A 12 5.32 3.42 -3.38
CA GLN A 12 5.87 3.59 -2.05
C GLN A 12 4.99 2.86 -1.03
N CYS A 13 3.85 2.31 -1.51
CA CYS A 13 2.84 1.62 -0.73
C CYS A 13 2.77 0.17 -1.21
N SER A 14 3.40 -0.17 -2.38
CA SER A 14 3.57 -1.52 -2.91
C SER A 14 4.83 -2.16 -2.34
N LYS A 15 5.57 -1.41 -1.51
CA LYS A 15 6.69 -1.80 -0.68
C LYS A 15 6.23 -2.50 0.60
N PRO A 16 5.40 -1.93 1.52
CA PRO A 16 4.85 -2.61 2.69
C PRO A 16 3.79 -3.66 2.35
N CYS A 17 2.80 -3.40 1.45
CA CYS A 17 1.70 -4.28 1.07
C CYS A 17 2.11 -5.52 0.27
N LYS A 18 3.21 -5.48 -0.54
CA LYS A 18 3.80 -6.67 -1.19
C LYS A 18 4.82 -7.39 -0.34
N GLU A 19 5.22 -6.78 0.81
CA GLU A 19 5.98 -7.42 1.89
C GLU A 19 5.06 -8.14 2.87
N LEU A 20 3.77 -7.70 2.93
CA LEU A 20 2.67 -8.25 3.72
C LEU A 20 1.95 -9.37 2.98
N TYR A 21 1.36 -9.03 1.80
CA TYR A 21 0.35 -9.79 1.09
C TYR A 21 0.90 -10.44 -0.17
N GLY A 22 2.22 -10.28 -0.45
CA GLY A 22 2.97 -11.07 -1.42
C GLY A 22 3.11 -10.40 -2.77
N SER A 23 2.06 -10.54 -3.61
CA SER A 23 1.97 -10.02 -4.96
C SER A 23 0.52 -9.69 -5.21
N SER A 24 -0.37 -10.09 -4.25
CA SER A 24 -1.80 -9.89 -4.25
C SER A 24 -2.08 -8.73 -3.31
N ALA A 25 -1.84 -7.48 -3.78
CA ALA A 25 -1.92 -6.27 -2.99
C ALA A 25 -2.43 -5.20 -3.91
N GLY A 26 -3.54 -4.51 -3.49
CA GLY A 26 -4.09 -3.35 -4.14
C GLY A 26 -3.65 -2.14 -3.35
N ALA A 27 -2.46 -1.61 -3.70
CA ALA A 27 -1.73 -0.62 -2.94
C ALA A 27 -2.07 0.77 -3.42
N LYS A 28 -2.76 1.58 -2.56
CA LYS A 28 -3.27 2.89 -2.89
C LYS A 28 -2.59 3.87 -1.99
N CYS A 29 -2.34 5.08 -2.52
CA CYS A 29 -1.71 6.18 -1.82
C CYS A 29 -2.67 7.34 -1.94
N MET A 30 -3.25 7.75 -0.77
CA MET A 30 -4.17 8.85 -0.63
C MET A 30 -3.52 9.74 0.42
N ASN A 31 -3.27 11.06 0.12
CA ASN A 31 -2.71 12.10 1.01
C ASN A 31 -1.22 11.93 1.17
N GLY A 32 -0.84 11.05 2.11
CA GLY A 32 0.51 10.57 2.27
C GLY A 32 0.43 9.49 3.29
N LYS A 33 -0.44 8.46 3.04
CA LYS A 33 -0.58 7.27 3.84
C LYS A 33 -1.06 6.19 2.91
N CYS A 34 -0.72 4.92 3.29
CA CYS A 34 -0.77 3.73 2.48
C CYS A 34 -1.95 2.90 2.90
N LYS A 35 -2.60 2.26 1.89
CA LYS A 35 -3.68 1.32 2.04
C LYS A 35 -3.30 0.05 1.33
N CYS A 36 -3.74 -1.12 1.87
CA CYS A 36 -3.66 -2.43 1.24
C CYS A 36 -5.09 -2.88 1.08
N TYR A 37 -5.44 -3.44 -0.11
CA TYR A 37 -6.80 -3.83 -0.47
C TYR A 37 -6.84 -5.31 -0.70
N ASN A 38 -5.68 -5.91 -1.10
CA ASN A 38 -5.40 -7.34 -1.27
C ASN A 38 -5.91 -7.86 -2.60
N ASN A 39 -5.74 -7.01 -3.67
CA ASN A 39 -6.25 -7.25 -5.01
C ASN A 39 -5.25 -8.11 -5.80
N NH2 A 40 -4.16 -7.50 -6.34
HN1 NH2 A 40 -4.04 -6.51 -6.25
HN2 NH2 A 40 -3.49 -8.02 -6.86
N THR A 1 -9.16 -2.04 5.58
CA THR A 1 -7.76 -2.51 5.53
C THR A 1 -6.88 -1.36 5.07
N ILE A 2 -6.52 -0.48 6.04
CA ILE A 2 -5.74 0.73 5.87
C ILE A 2 -4.60 0.58 6.86
N ILE A 3 -3.34 0.77 6.38
CA ILE A 3 -2.12 0.75 7.19
C ILE A 3 -1.61 2.18 7.34
N ASN A 4 -0.39 2.36 7.93
CA ASN A 4 0.22 3.66 8.18
C ASN A 4 1.65 3.56 7.71
N VAL A 5 1.87 3.81 6.40
CA VAL A 5 3.17 3.97 5.76
C VAL A 5 3.01 5.22 4.95
N LYS A 6 3.97 6.18 5.09
CA LYS A 6 3.99 7.48 4.44
C LYS A 6 4.50 7.34 3.00
N CYS A 7 3.82 8.00 2.03
CA CYS A 7 4.00 7.77 0.61
C CYS A 7 3.86 9.09 -0.10
N THR A 8 4.14 9.10 -1.43
CA THR A 8 3.86 10.20 -2.33
C THR A 8 3.76 9.54 -3.71
N SER A 9 3.36 8.25 -3.74
CA SER A 9 3.28 7.41 -4.92
C SER A 9 2.59 6.14 -4.46
N PRO A 10 1.79 5.41 -5.27
CA PRO A 10 1.29 4.06 -4.95
C PRO A 10 2.35 2.96 -4.97
N LYS A 11 3.54 3.19 -5.61
CA LYS A 11 4.72 2.34 -5.61
C LYS A 11 5.60 2.46 -4.36
N GLN A 12 5.31 3.45 -3.46
CA GLN A 12 5.90 3.63 -2.13
C GLN A 12 5.02 2.95 -1.07
N CYS A 13 3.88 2.37 -1.53
CA CYS A 13 2.87 1.69 -0.74
C CYS A 13 2.80 0.25 -1.21
N SER A 14 3.41 -0.13 -2.38
CA SER A 14 3.52 -1.49 -2.91
C SER A 14 4.68 -2.25 -2.30
N LYS A 15 5.48 -1.58 -1.42
CA LYS A 15 6.53 -2.11 -0.58
C LYS A 15 5.97 -2.77 0.69
N PRO A 16 5.18 -2.11 1.59
CA PRO A 16 4.56 -2.74 2.76
C PRO A 16 3.43 -3.71 2.40
N CYS A 17 2.54 -3.40 1.41
CA CYS A 17 1.39 -4.18 0.96
C CYS A 17 1.75 -5.48 0.23
N LYS A 18 2.89 -5.54 -0.52
CA LYS A 18 3.41 -6.75 -1.14
C LYS A 18 4.34 -7.53 -0.22
N GLU A 19 4.65 -6.97 0.97
CA GLU A 19 5.26 -7.64 2.11
C GLU A 19 4.21 -8.27 3.02
N LEU A 20 2.94 -7.77 2.93
CA LEU A 20 1.75 -8.21 3.66
C LEU A 20 0.98 -9.25 2.87
N TYR A 21 0.38 -8.83 1.72
CA TYR A 21 -0.60 -9.53 0.91
C TYR A 21 0.04 -10.30 -0.24
N GLY A 22 1.36 -10.07 -0.50
CA GLY A 22 2.20 -10.92 -1.34
C GLY A 22 2.42 -10.36 -2.72
N SER A 23 1.42 -10.54 -3.61
CA SER A 23 1.45 -10.17 -5.01
C SER A 23 0.06 -9.76 -5.40
N SER A 24 -0.94 -10.06 -4.52
CA SER A 24 -2.35 -9.72 -4.65
C SER A 24 -2.59 -8.58 -3.68
N ALA A 25 -2.03 -7.38 -4.01
CA ALA A 25 -2.04 -6.19 -3.19
C ALA A 25 -2.59 -5.08 -4.05
N GLY A 26 -3.65 -4.40 -3.53
CA GLY A 26 -4.22 -3.19 -4.10
C GLY A 26 -3.73 -2.03 -3.29
N ALA A 27 -2.53 -1.51 -3.66
CA ALA A 27 -1.80 -0.52 -2.91
C ALA A 27 -2.12 0.86 -3.43
N LYS A 28 -2.78 1.69 -2.57
CA LYS A 28 -3.30 3.00 -2.91
C LYS A 28 -2.63 3.99 -2.00
N CYS A 29 -2.38 5.21 -2.52
CA CYS A 29 -1.73 6.29 -1.82
C CYS A 29 -2.63 7.50 -1.96
N MET A 30 -3.25 7.93 -0.83
CA MET A 30 -4.11 9.09 -0.71
C MET A 30 -3.56 9.81 0.52
N ASN A 31 -3.30 11.17 0.45
CA ASN A 31 -2.92 12.04 1.57
C ASN A 31 -1.45 11.96 1.97
N GLY A 32 -0.74 10.90 1.50
CA GLY A 32 0.59 10.49 1.87
C GLY A 32 0.55 9.44 2.94
N LYS A 33 -0.40 8.46 2.82
CA LYS A 33 -0.57 7.34 3.72
C LYS A 33 -1.08 6.22 2.85
N CYS A 34 -0.77 4.97 3.26
CA CYS A 34 -0.83 3.76 2.47
C CYS A 34 -2.03 2.95 2.90
N LYS A 35 -2.72 2.36 1.89
CA LYS A 35 -3.82 1.43 2.03
C LYS A 35 -3.41 0.17 1.34
N CYS A 36 -3.75 -1.01 1.94
CA CYS A 36 -3.44 -2.32 1.40
C CYS A 36 -4.72 -3.10 1.30
N TYR A 37 -5.14 -3.39 0.04
CA TYR A 37 -6.32 -4.12 -0.33
C TYR A 37 -5.86 -5.42 -0.96
N ASN A 38 -6.70 -6.04 -1.82
CA ASN A 38 -6.42 -7.28 -2.52
C ASN A 38 -6.83 -7.05 -3.95
N ASN A 39 -5.83 -6.84 -4.85
CA ASN A 39 -6.02 -6.72 -6.28
C ASN A 39 -4.80 -7.42 -6.89
N NH2 A 40 -4.99 -8.70 -7.34
HN1 NH2 A 40 -5.90 -9.12 -7.26
HN2 NH2 A 40 -4.24 -9.21 -7.74
N THR A 1 -8.46 -2.64 4.44
CA THR A 1 -7.38 -2.40 5.43
C THR A 1 -6.63 -1.16 4.99
N ILE A 2 -6.38 -0.23 5.95
CA ILE A 2 -5.67 1.00 5.78
C ILE A 2 -4.55 0.93 6.80
N ILE A 3 -3.27 0.99 6.31
CA ILE A 3 -2.06 0.91 7.12
C ILE A 3 -1.46 2.29 7.30
N ASN A 4 -0.31 2.37 8.04
CA ASN A 4 0.35 3.61 8.43
C ASN A 4 1.77 3.58 7.92
N VAL A 5 1.92 3.73 6.58
CA VAL A 5 3.19 3.87 5.87
C VAL A 5 2.99 5.09 5.02
N LYS A 6 3.96 6.05 5.06
CA LYS A 6 3.90 7.35 4.41
C LYS A 6 4.37 7.21 2.97
N CYS A 7 3.69 7.93 2.04
CA CYS A 7 3.84 7.73 0.61
C CYS A 7 3.68 9.06 -0.08
N THR A 8 4.03 9.10 -1.40
CA THR A 8 3.72 10.17 -2.31
C THR A 8 3.69 9.53 -3.70
N SER A 9 3.38 8.20 -3.76
CA SER A 9 3.33 7.39 -4.95
C SER A 9 2.66 6.09 -4.52
N PRO A 10 1.87 5.36 -5.34
CA PRO A 10 1.35 4.02 -5.01
C PRO A 10 2.40 2.90 -5.03
N LYS A 11 3.62 3.13 -5.63
CA LYS A 11 4.80 2.27 -5.57
C LYS A 11 5.58 2.36 -4.26
N GLN A 12 5.33 3.42 -3.42
CA GLN A 12 5.86 3.62 -2.07
C GLN A 12 4.96 2.97 -1.03
N CYS A 13 3.82 2.42 -1.52
CA CYS A 13 2.78 1.75 -0.77
C CYS A 13 2.71 0.29 -1.24
N SER A 14 3.35 -0.09 -2.39
CA SER A 14 3.48 -1.45 -2.91
C SER A 14 4.68 -2.15 -2.30
N LYS A 15 5.45 -1.43 -1.45
CA LYS A 15 6.52 -1.87 -0.60
C LYS A 15 6.01 -2.58 0.67
N PRO A 16 5.18 -2.00 1.58
CA PRO A 16 4.58 -2.67 2.72
C PRO A 16 3.48 -3.66 2.35
N CYS A 17 2.58 -3.36 1.37
CA CYS A 17 1.43 -4.17 0.95
C CYS A 17 1.79 -5.44 0.18
N LYS A 18 2.95 -5.47 -0.56
CA LYS A 18 3.50 -6.67 -1.18
C LYS A 18 4.42 -7.45 -0.27
N GLU A 19 4.79 -6.87 0.90
CA GLU A 19 5.42 -7.53 2.04
C GLU A 19 4.40 -8.17 2.96
N LEU A 20 3.10 -7.71 2.88
CA LEU A 20 1.94 -8.18 3.63
C LEU A 20 1.18 -9.23 2.83
N TYR A 21 0.57 -8.82 1.68
CA TYR A 21 -0.42 -9.53 0.89
C TYR A 21 0.20 -10.28 -0.27
N GLY A 22 1.53 -10.09 -0.53
CA GLY A 22 2.35 -10.93 -1.38
C GLY A 22 2.58 -10.35 -2.75
N SER A 23 1.56 -10.48 -3.64
CA SER A 23 1.61 -10.09 -5.03
C SER A 23 0.19 -9.77 -5.45
N SER A 24 -0.79 -10.08 -4.54
CA SER A 24 -2.21 -9.79 -4.67
C SER A 24 -2.47 -8.66 -3.70
N ALA A 25 -1.93 -7.45 -4.03
CA ALA A 25 -1.96 -6.26 -3.21
C ALA A 25 -2.55 -5.17 -4.07
N GLY A 26 -3.60 -4.50 -3.55
CA GLY A 26 -4.20 -3.31 -4.11
C GLY A 26 -3.71 -2.14 -3.30
N ALA A 27 -2.53 -1.60 -3.68
CA ALA A 27 -1.80 -0.60 -2.96
C ALA A 27 -2.16 0.77 -3.48
N LYS A 28 -2.84 1.58 -2.64
CA LYS A 28 -3.44 2.86 -3.00
C LYS A 28 -2.79 3.85 -2.09
N CYS A 29 -2.42 5.04 -2.62
CA CYS A 29 -1.74 6.09 -1.91
C CYS A 29 -2.68 7.26 -1.87
N MET A 30 -2.92 7.77 -0.63
CA MET A 30 -3.65 8.97 -0.30
C MET A 30 -2.59 9.92 0.21
N ASN A 31 -1.69 10.39 -0.73
CA ASN A 31 -0.45 11.18 -0.66
C ASN A 31 0.00 11.72 0.69
N GLY A 32 0.48 10.76 1.54
CA GLY A 32 0.65 10.98 2.95
C GLY A 32 0.62 9.66 3.66
N LYS A 33 -0.27 8.71 3.26
CA LYS A 33 -0.45 7.42 3.92
C LYS A 33 -0.98 6.42 2.93
N CYS A 34 -0.75 5.11 3.24
CA CYS A 34 -0.89 3.94 2.41
C CYS A 34 -2.12 3.15 2.81
N LYS A 35 -2.68 2.39 1.84
CA LYS A 35 -3.79 1.47 1.99
C LYS A 35 -3.38 0.19 1.33
N CYS A 36 -3.78 -0.97 1.92
CA CYS A 36 -3.51 -2.30 1.38
C CYS A 36 -4.82 -3.03 1.26
N TYR A 37 -5.13 -3.49 0.01
CA TYR A 37 -6.31 -4.23 -0.34
C TYR A 37 -5.81 -5.53 -0.95
N ASN A 38 -6.68 -6.23 -1.72
CA ASN A 38 -6.38 -7.47 -2.40
C ASN A 38 -6.85 -7.29 -3.83
N ASN A 39 -5.95 -6.78 -4.71
CA ASN A 39 -6.20 -6.62 -6.13
C ASN A 39 -4.92 -7.13 -6.82
N NH2 A 40 -4.86 -8.48 -7.07
HN1 NH2 A 40 -5.62 -9.06 -6.80
HN2 NH2 A 40 -4.05 -8.87 -7.51
N THR A 1 -6.47 -3.45 7.26
CA THR A 1 -6.75 -3.06 5.85
C THR A 1 -5.87 -1.88 5.52
N ILE A 2 -6.02 -0.74 6.26
CA ILE A 2 -5.41 0.54 5.99
C ILE A 2 -4.30 0.69 7.01
N ILE A 3 -3.05 0.85 6.49
CA ILE A 3 -1.81 0.87 7.26
C ILE A 3 -1.30 2.30 7.39
N ASN A 4 -0.11 2.48 8.02
CA ASN A 4 0.52 3.75 8.30
C ASN A 4 1.93 3.68 7.75
N VAL A 5 2.05 3.86 6.41
CA VAL A 5 3.30 4.03 5.69
C VAL A 5 3.07 5.28 4.90
N LYS A 6 3.96 6.29 5.08
CA LYS A 6 3.88 7.62 4.50
C LYS A 6 4.43 7.58 3.08
N CYS A 7 3.67 8.13 2.09
CA CYS A 7 3.90 7.89 0.68
C CYS A 7 3.74 9.18 -0.08
N THR A 8 4.09 9.15 -1.39
CA THR A 8 3.91 10.21 -2.36
C THR A 8 3.78 9.53 -3.71
N SER A 9 3.38 8.24 -3.71
CA SER A 9 3.30 7.37 -4.87
C SER A 9 2.60 6.12 -4.40
N PRO A 10 1.81 5.38 -5.21
CA PRO A 10 1.36 4.01 -4.92
C PRO A 10 2.46 2.94 -5.03
N LYS A 11 3.64 3.28 -5.63
CA LYS A 11 4.88 2.51 -5.70
C LYS A 11 5.69 2.51 -4.40
N GLN A 12 5.39 3.44 -3.44
CA GLN A 12 5.94 3.56 -2.10
C GLN A 12 5.11 2.76 -1.11
N CYS A 13 3.90 2.31 -1.56
CA CYS A 13 2.88 1.65 -0.79
C CYS A 13 2.75 0.20 -1.23
N SER A 14 3.35 -0.21 -2.39
CA SER A 14 3.38 -1.59 -2.89
C SER A 14 4.58 -2.36 -2.33
N LYS A 15 5.43 -1.67 -1.51
CA LYS A 15 6.50 -2.20 -0.69
C LYS A 15 5.96 -2.84 0.59
N PRO A 16 5.21 -2.18 1.52
CA PRO A 16 4.63 -2.77 2.73
C PRO A 16 3.49 -3.74 2.42
N CYS A 17 2.53 -3.42 1.50
CA CYS A 17 1.36 -4.20 1.11
C CYS A 17 1.65 -5.49 0.36
N LYS A 18 2.73 -5.57 -0.48
CA LYS A 18 3.18 -6.79 -1.14
C LYS A 18 4.16 -7.60 -0.31
N GLU A 19 4.56 -7.05 0.87
CA GLU A 19 5.23 -7.77 1.96
C GLU A 19 4.22 -8.37 2.95
N LEU A 20 2.98 -7.80 3.00
CA LEU A 20 1.87 -8.18 3.87
C LEU A 20 0.97 -9.22 3.21
N TYR A 21 0.32 -8.82 2.07
CA TYR A 21 -0.76 -9.52 1.37
C TYR A 21 -0.19 -10.45 0.32
N GLY A 22 0.96 -10.07 -0.30
CA GLY A 22 1.82 -10.96 -1.07
C GLY A 22 1.51 -11.01 -2.54
N SER A 23 2.19 -10.15 -3.34
CA SER A 23 2.25 -10.12 -4.80
C SER A 23 1.09 -9.39 -5.47
N SER A 24 -0.17 -9.79 -5.13
CA SER A 24 -1.41 -9.28 -5.66
C SER A 24 -2.07 -8.46 -4.56
N ALA A 25 -1.49 -7.27 -4.27
CA ALA A 25 -1.98 -6.29 -3.31
C ALA A 25 -2.48 -5.11 -4.10
N GLY A 26 -3.55 -4.45 -3.57
CA GLY A 26 -4.11 -3.22 -4.11
C GLY A 26 -3.64 -2.09 -3.27
N ALA A 27 -2.47 -1.51 -3.65
CA ALA A 27 -1.75 -0.51 -2.91
C ALA A 27 -2.14 0.87 -3.41
N LYS A 28 -2.78 1.69 -2.54
CA LYS A 28 -3.33 2.98 -2.88
C LYS A 28 -2.67 3.97 -1.96
N CYS A 29 -2.33 5.17 -2.51
CA CYS A 29 -1.70 6.26 -1.80
C CYS A 29 -2.66 7.42 -1.89
N MET A 30 -3.27 7.78 -0.74
CA MET A 30 -4.18 8.88 -0.56
C MET A 30 -3.53 9.78 0.48
N ASN A 31 -3.27 11.10 0.15
CA ASN A 31 -2.70 12.15 1.01
C ASN A 31 -1.20 11.99 1.14
N GLY A 32 -0.80 11.13 2.09
CA GLY A 32 0.55 10.66 2.24
C GLY A 32 0.47 9.57 3.26
N LYS A 33 -0.39 8.55 3.01
CA LYS A 33 -0.57 7.37 3.84
C LYS A 33 -1.06 6.30 2.90
N CYS A 34 -0.75 5.03 3.26
CA CYS A 34 -0.83 3.84 2.44
C CYS A 34 -2.02 3.02 2.88
N LYS A 35 -2.70 2.40 1.88
CA LYS A 35 -3.78 1.45 2.05
C LYS A 35 -3.36 0.18 1.37
N CYS A 36 -3.82 -0.97 1.90
CA CYS A 36 -3.58 -2.29 1.35
C CYS A 36 -4.92 -2.96 1.16
N TYR A 37 -5.13 -3.57 -0.03
CA TYR A 37 -6.31 -4.29 -0.42
C TYR A 37 -5.79 -5.59 -1.02
N ASN A 38 -6.62 -6.27 -1.84
CA ASN A 38 -6.28 -7.52 -2.53
C ASN A 38 -6.77 -7.35 -3.95
N ASN A 39 -6.24 -6.36 -4.69
CA ASN A 39 -6.59 -6.10 -6.08
C ASN A 39 -5.44 -6.69 -6.94
N NH2 A 40 -5.80 -7.65 -7.84
HN1 NH2 A 40 -5.10 -8.06 -8.44
HN2 NH2 A 40 -6.75 -7.94 -7.92
N THR A 1 -6.97 -3.22 5.37
CA THR A 1 -7.66 -2.25 4.49
C THR A 1 -6.86 -0.98 4.35
N ILE A 2 -6.50 -0.34 5.51
CA ILE A 2 -5.78 0.91 5.60
C ILE A 2 -4.67 0.61 6.59
N ILE A 3 -3.39 0.89 6.20
CA ILE A 3 -2.20 0.79 7.04
C ILE A 3 -1.66 2.19 7.30
N ASN A 4 -0.46 2.30 7.92
CA ASN A 4 0.19 3.56 8.25
C ASN A 4 1.61 3.49 7.77
N VAL A 5 1.83 3.77 6.46
CA VAL A 5 3.12 3.92 5.81
C VAL A 5 2.96 5.17 5.00
N LYS A 6 3.93 6.13 5.13
CA LYS A 6 3.92 7.43 4.48
C LYS A 6 4.44 7.30 3.05
N CYS A 7 3.75 7.96 2.08
CA CYS A 7 3.96 7.74 0.65
C CYS A 7 3.80 9.06 -0.05
N THR A 8 4.12 9.08 -1.37
CA THR A 8 3.85 10.18 -2.28
C THR A 8 3.77 9.53 -3.66
N SER A 9 3.39 8.23 -3.71
CA SER A 9 3.30 7.41 -4.89
C SER A 9 2.62 6.13 -4.44
N PRO A 10 1.84 5.40 -5.26
CA PRO A 10 1.36 4.03 -4.97
C PRO A 10 2.46 2.96 -5.05
N LYS A 11 3.65 3.29 -5.63
CA LYS A 11 4.89 2.53 -5.68
C LYS A 11 5.69 2.54 -4.37
N GLN A 12 5.35 3.45 -3.41
CA GLN A 12 5.92 3.60 -2.09
C GLN A 12 5.03 2.92 -1.05
N CYS A 13 3.92 2.30 -1.55
CA CYS A 13 2.88 1.67 -0.77
C CYS A 13 2.76 0.23 -1.19
N SER A 14 3.28 -0.20 -2.38
CA SER A 14 3.29 -1.58 -2.87
C SER A 14 4.51 -2.34 -2.36
N LYS A 15 5.35 -1.64 -1.53
CA LYS A 15 6.46 -2.11 -0.76
C LYS A 15 5.98 -2.74 0.57
N PRO A 16 5.22 -2.08 1.49
CA PRO A 16 4.62 -2.70 2.66
C PRO A 16 3.51 -3.69 2.33
N CYS A 17 2.53 -3.38 1.43
CA CYS A 17 1.37 -4.16 1.03
C CYS A 17 1.69 -5.50 0.34
N LYS A 18 2.74 -5.56 -0.52
CA LYS A 18 3.23 -6.78 -1.16
C LYS A 18 4.25 -7.53 -0.34
N GLU A 19 4.65 -6.97 0.84
CA GLU A 19 5.32 -7.67 1.93
C GLU A 19 4.34 -8.30 2.92
N LEU A 20 3.10 -7.72 3.02
CA LEU A 20 2.06 -8.06 3.98
C LEU A 20 1.04 -9.06 3.42
N TYR A 21 0.32 -8.69 2.32
CA TYR A 21 -0.93 -9.28 1.85
C TYR A 21 -0.70 -10.39 0.86
N GLY A 22 0.37 -10.29 0.01
CA GLY A 22 0.68 -11.36 -0.90
C GLY A 22 1.79 -10.91 -1.79
N SER A 23 1.47 -10.75 -3.10
CA SER A 23 2.37 -10.30 -4.15
C SER A 23 1.52 -9.55 -5.14
N SER A 24 0.17 -9.64 -4.99
CA SER A 24 -0.83 -9.02 -5.83
C SER A 24 -1.75 -8.30 -4.85
N ALA A 25 -1.27 -7.16 -4.28
CA ALA A 25 -1.97 -6.31 -3.34
C ALA A 25 -2.48 -5.10 -4.08
N GLY A 26 -3.60 -4.49 -3.58
CA GLY A 26 -4.18 -3.27 -4.08
C GLY A 26 -3.69 -2.11 -3.25
N ALA A 27 -2.52 -1.55 -3.66
CA ALA A 27 -1.78 -0.55 -2.92
C ALA A 27 -2.14 0.83 -3.46
N LYS A 28 -2.75 1.67 -2.59
CA LYS A 28 -3.32 2.96 -2.95
C LYS A 28 -2.68 3.96 -2.02
N CYS A 29 -2.35 5.15 -2.56
CA CYS A 29 -1.71 6.24 -1.84
C CYS A 29 -2.64 7.42 -1.96
N MET A 30 -3.20 7.85 -0.80
CA MET A 30 -4.09 8.96 -0.63
C MET A 30 -3.43 9.85 0.41
N ASN A 31 -3.16 11.17 0.10
CA ASN A 31 -2.60 12.20 0.98
C ASN A 31 -1.10 12.04 1.11
N GLY A 32 -0.70 11.15 2.06
CA GLY A 32 0.63 10.67 2.20
C GLY A 32 0.56 9.57 3.21
N LYS A 33 -0.34 8.56 2.96
CA LYS A 33 -0.53 7.39 3.78
C LYS A 33 -1.07 6.33 2.86
N CYS A 34 -0.77 5.05 3.22
CA CYS A 34 -0.86 3.87 2.41
C CYS A 34 -2.08 3.07 2.84
N LYS A 35 -2.71 2.41 1.83
CA LYS A 35 -3.82 1.50 1.98
C LYS A 35 -3.41 0.23 1.32
N CYS A 36 -3.75 -0.94 1.95
CA CYS A 36 -3.44 -2.26 1.44
C CYS A 36 -4.72 -3.05 1.36
N TYR A 37 -5.10 -3.43 0.13
CA TYR A 37 -6.26 -4.19 -0.22
C TYR A 37 -5.76 -5.49 -0.83
N ASN A 38 -6.67 -6.27 -1.46
CA ASN A 38 -6.38 -7.54 -2.12
C ASN A 38 -6.91 -7.42 -3.52
N ASN A 39 -6.16 -6.72 -4.41
CA ASN A 39 -6.48 -6.57 -5.82
C ASN A 39 -5.33 -7.22 -6.60
N NH2 A 40 -4.33 -6.40 -7.07
HN1 NH2 A 40 -4.38 -5.41 -6.93
HN2 NH2 A 40 -3.56 -6.79 -7.57
N THR A 1 -7.41 -2.87 6.77
CA THR A 1 -7.20 -2.72 5.30
C THR A 1 -6.59 -1.38 4.93
N ILE A 2 -6.30 -0.50 5.95
CA ILE A 2 -5.67 0.79 5.82
C ILE A 2 -4.54 0.72 6.83
N ILE A 3 -3.28 0.88 6.36
CA ILE A 3 -2.05 0.85 7.16
C ILE A 3 -1.53 2.27 7.32
N ASN A 4 -0.33 2.42 7.97
CA ASN A 4 0.28 3.70 8.28
C ASN A 4 1.71 3.66 7.80
N VAL A 5 1.89 3.83 6.45
CA VAL A 5 3.17 3.98 5.78
C VAL A 5 3.01 5.22 4.96
N LYS A 6 3.96 6.18 5.11
CA LYS A 6 3.97 7.49 4.48
C LYS A 6 4.47 7.40 3.04
N CYS A 7 3.74 8.03 2.08
CA CYS A 7 3.90 7.78 0.66
C CYS A 7 3.74 9.07 -0.07
N THR A 8 4.02 8.95 -1.39
CA THR A 8 4.21 9.98 -2.37
C THR A 8 3.56 9.38 -3.59
N SER A 9 4.01 8.14 -3.93
CA SER A 9 3.57 7.31 -5.04
C SER A 9 2.74 6.15 -4.51
N PRO A 10 1.92 5.42 -5.31
CA PRO A 10 1.36 4.11 -4.98
C PRO A 10 2.39 2.97 -4.99
N LYS A 11 3.57 3.13 -5.65
CA LYS A 11 4.72 2.22 -5.64
C LYS A 11 5.63 2.37 -4.41
N GLN A 12 5.32 3.34 -3.49
CA GLN A 12 5.89 3.55 -2.17
C GLN A 12 5.04 2.83 -1.12
N CYS A 13 3.84 2.34 -1.54
CA CYS A 13 2.83 1.69 -0.74
C CYS A 13 2.75 0.23 -1.19
N SER A 14 3.33 -0.14 -2.37
CA SER A 14 3.45 -1.50 -2.90
C SER A 14 4.66 -2.20 -2.30
N LYS A 15 5.42 -1.49 -1.43
CA LYS A 15 6.52 -1.92 -0.61
C LYS A 15 6.02 -2.60 0.67
N PRO A 16 5.21 -2.01 1.59
CA PRO A 16 4.58 -2.68 2.72
C PRO A 16 3.49 -3.68 2.32
N CYS A 17 2.57 -3.36 1.36
CA CYS A 17 1.43 -4.17 0.93
C CYS A 17 1.79 -5.46 0.19
N LYS A 18 2.94 -5.49 -0.56
CA LYS A 18 3.48 -6.70 -1.21
C LYS A 18 4.40 -7.48 -0.31
N GLU A 19 4.76 -6.91 0.87
CA GLU A 19 5.40 -7.58 2.00
C GLU A 19 4.36 -8.20 2.96
N LEU A 20 3.09 -7.68 2.94
CA LEU A 20 1.97 -8.07 3.79
C LEU A 20 1.08 -9.07 3.08
N TYR A 21 0.33 -8.60 2.05
CA TYR A 21 -0.74 -9.27 1.32
C TYR A 21 -0.21 -10.06 0.14
N GLY A 22 0.97 -9.64 -0.41
CA GLY A 22 1.67 -10.28 -1.50
C GLY A 22 1.37 -9.58 -2.79
N SER A 23 1.51 -10.31 -3.93
CA SER A 23 1.28 -9.88 -5.31
C SER A 23 -0.19 -9.70 -5.69
N SER A 24 -1.12 -10.03 -4.75
CA SER A 24 -2.53 -9.69 -4.72
C SER A 24 -2.67 -8.58 -3.68
N ALA A 25 -2.15 -7.36 -4.02
CA ALA A 25 -2.18 -6.18 -3.19
C ALA A 25 -2.69 -5.08 -4.07
N GLY A 26 -3.75 -4.36 -3.58
CA GLY A 26 -4.29 -3.15 -4.15
C GLY A 26 -3.77 -2.02 -3.33
N ALA A 27 -2.57 -1.50 -3.69
CA ALA A 27 -1.80 -0.54 -2.93
C ALA A 27 -2.10 0.86 -3.42
N LYS A 28 -2.79 1.67 -2.56
CA LYS A 28 -3.33 2.97 -2.90
C LYS A 28 -2.69 3.96 -1.98
N CYS A 29 -2.37 5.15 -2.52
CA CYS A 29 -1.73 6.23 -1.81
C CYS A 29 -2.66 7.42 -1.93
N MET A 30 -3.25 7.82 -0.77
CA MET A 30 -4.15 8.94 -0.61
C MET A 30 -3.47 9.84 0.41
N ASN A 31 -3.23 11.16 0.08
CA ASN A 31 -2.58 12.20 0.90
C ASN A 31 -1.08 11.99 1.07
N GLY A 32 -0.72 11.09 2.00
CA GLY A 32 0.61 10.58 2.17
C GLY A 32 0.52 9.51 3.20
N LYS A 33 -0.38 8.51 2.97
CA LYS A 33 -0.57 7.35 3.81
C LYS A 33 -1.11 6.28 2.89
N CYS A 34 -0.80 5.00 3.26
CA CYS A 34 -0.88 3.81 2.44
C CYS A 34 -2.08 3.01 2.86
N LYS A 35 -2.73 2.36 1.86
CA LYS A 35 -3.83 1.44 2.01
C LYS A 35 -3.43 0.17 1.32
N CYS A 36 -3.78 -1.00 1.93
CA CYS A 36 -3.49 -2.32 1.40
C CYS A 36 -4.79 -3.08 1.30
N TYR A 37 -5.25 -3.34 0.05
CA TYR A 37 -6.42 -4.09 -0.32
C TYR A 37 -5.93 -5.41 -0.90
N ASN A 38 -6.81 -6.12 -1.66
CA ASN A 38 -6.49 -7.38 -2.32
C ASN A 38 -6.99 -7.24 -3.74
N ASN A 39 -6.07 -6.86 -4.66
CA ASN A 39 -6.34 -6.74 -6.08
C ASN A 39 -5.10 -7.31 -6.78
N NH2 A 40 -5.20 -8.59 -7.25
HN1 NH2 A 40 -6.05 -9.10 -7.13
HN2 NH2 A 40 -4.43 -9.01 -7.71
N THR A 1 -7.78 -3.27 4.44
CA THR A 1 -7.22 -2.54 5.60
C THR A 1 -6.59 -1.24 5.14
N ILE A 2 -6.35 -0.31 6.11
CA ILE A 2 -5.68 0.96 5.96
C ILE A 2 -4.51 0.86 6.92
N ILE A 3 -3.26 0.91 6.40
CA ILE A 3 -2.02 0.83 7.16
C ILE A 3 -1.44 2.24 7.33
N ASN A 4 -0.21 2.35 7.89
CA ASN A 4 0.42 3.62 8.25
C ASN A 4 1.85 3.60 7.73
N VAL A 5 2.00 3.74 6.39
CA VAL A 5 3.26 3.93 5.69
C VAL A 5 3.04 5.17 4.89
N LYS A 6 3.94 6.19 5.06
CA LYS A 6 3.81 7.54 4.53
C LYS A 6 4.42 7.57 3.13
N CYS A 7 3.64 8.02 2.11
CA CYS A 7 3.92 7.78 0.71
C CYS A 7 3.80 9.09 -0.04
N THR A 8 4.11 9.04 -1.37
CA THR A 8 3.99 10.14 -2.30
C THR A 8 3.83 9.50 -3.67
N SER A 9 3.38 8.21 -3.70
CA SER A 9 3.29 7.38 -4.87
C SER A 9 2.57 6.13 -4.41
N PRO A 10 1.79 5.39 -5.24
CA PRO A 10 1.27 4.05 -4.94
C PRO A 10 2.34 2.95 -4.95
N LYS A 11 3.54 3.20 -5.57
CA LYS A 11 4.74 2.36 -5.62
C LYS A 11 5.57 2.41 -4.34
N GLN A 12 5.33 3.39 -3.41
CA GLN A 12 5.88 3.53 -2.08
C GLN A 12 5.02 2.79 -1.07
N CYS A 13 3.80 2.36 -1.51
CA CYS A 13 2.81 1.66 -0.75
C CYS A 13 2.73 0.21 -1.23
N SER A 14 3.35 -0.13 -2.41
CA SER A 14 3.48 -1.50 -2.93
C SER A 14 4.70 -2.20 -2.35
N LYS A 15 5.45 -1.50 -1.47
CA LYS A 15 6.54 -1.95 -0.63
C LYS A 15 6.02 -2.65 0.63
N PRO A 16 5.21 -2.06 1.54
CA PRO A 16 4.61 -2.74 2.70
C PRO A 16 3.50 -3.72 2.31
N CYS A 17 2.58 -3.40 1.36
CA CYS A 17 1.44 -4.19 0.93
C CYS A 17 1.77 -5.45 0.14
N LYS A 18 2.90 -5.49 -0.63
CA LYS A 18 3.42 -6.69 -1.29
C LYS A 18 4.37 -7.49 -0.41
N GLU A 19 4.75 -6.92 0.77
CA GLU A 19 5.41 -7.61 1.88
C GLU A 19 4.38 -8.26 2.83
N LEU A 20 3.11 -7.76 2.80
CA LEU A 20 1.96 -8.23 3.55
C LEU A 20 1.17 -9.28 2.77
N TYR A 21 0.55 -8.85 1.64
CA TYR A 21 -0.46 -9.54 0.85
C TYR A 21 0.14 -10.25 -0.34
N GLY A 22 1.46 -10.04 -0.64
CA GLY A 22 2.27 -10.85 -1.52
C GLY A 22 2.40 -10.29 -2.91
N SER A 23 1.34 -10.51 -3.73
CA SER A 23 1.27 -10.16 -5.14
C SER A 23 -0.16 -9.82 -5.45
N SER A 24 -1.08 -10.04 -4.46
CA SER A 24 -2.50 -9.74 -4.51
C SER A 24 -2.70 -8.56 -3.57
N ALA A 25 -2.13 -7.39 -3.96
CA ALA A 25 -2.13 -6.17 -3.19
C ALA A 25 -2.70 -5.09 -4.08
N GLY A 26 -3.76 -4.39 -3.58
CA GLY A 26 -4.33 -3.20 -4.17
C GLY A 26 -3.85 -2.05 -3.36
N ALA A 27 -2.62 -1.57 -3.67
CA ALA A 27 -1.87 -0.62 -2.89
C ALA A 27 -2.10 0.79 -3.38
N LYS A 28 -2.76 1.62 -2.53
CA LYS A 28 -3.25 2.93 -2.87
C LYS A 28 -2.58 3.93 -1.97
N CYS A 29 -2.39 5.15 -2.50
CA CYS A 29 -1.75 6.25 -1.81
C CYS A 29 -2.67 7.43 -2.01
N MET A 30 -3.26 7.93 -0.89
CA MET A 30 -4.06 9.14 -0.81
C MET A 30 -3.36 9.97 0.26
N ASN A 31 -3.02 11.28 -0.04
CA ASN A 31 -2.45 12.28 0.87
C ASN A 31 -0.96 12.05 1.03
N GLY A 32 -0.62 11.12 1.95
CA GLY A 32 0.68 10.56 2.11
C GLY A 32 0.55 9.52 3.16
N LYS A 33 -0.36 8.52 2.94
CA LYS A 33 -0.57 7.37 3.80
C LYS A 33 -1.09 6.28 2.89
N CYS A 34 -0.77 5.01 3.27
CA CYS A 34 -0.86 3.81 2.47
C CYS A 34 -2.06 2.99 2.89
N LYS A 35 -2.72 2.36 1.90
CA LYS A 35 -3.81 1.42 2.07
C LYS A 35 -3.40 0.14 1.39
N CYS A 36 -3.73 -1.02 1.99
CA CYS A 36 -3.49 -2.34 1.44
C CYS A 36 -4.81 -3.05 1.32
N TYR A 37 -5.18 -3.41 0.07
CA TYR A 37 -6.39 -4.13 -0.28
C TYR A 37 -5.93 -5.43 -0.90
N ASN A 38 -6.87 -6.18 -1.54
CA ASN A 38 -6.63 -7.48 -2.14
C ASN A 38 -7.10 -7.37 -3.57
N ASN A 39 -6.19 -6.96 -4.49
CA ASN A 39 -6.46 -6.84 -5.91
C ASN A 39 -5.20 -7.41 -6.60
N NH2 A 40 -5.25 -8.73 -6.95
HN1 NH2 A 40 -6.06 -9.27 -6.76
HN2 NH2 A 40 -4.46 -9.16 -7.41
N THR A 1 -7.37 -2.82 6.91
CA THR A 1 -7.17 -2.73 5.44
C THR A 1 -6.57 -1.39 5.02
N ILE A 2 -6.33 -0.47 6.00
CA ILE A 2 -5.70 0.83 5.83
C ILE A 2 -4.55 0.77 6.82
N ILE A 3 -3.29 0.91 6.31
CA ILE A 3 -2.06 0.89 7.10
C ILE A 3 -1.54 2.31 7.26
N ASN A 4 -0.34 2.47 7.89
CA ASN A 4 0.27 3.74 8.22
C ASN A 4 1.69 3.72 7.71
N VAL A 5 1.86 3.93 6.37
CA VAL A 5 3.13 4.07 5.69
C VAL A 5 3.01 5.34 4.91
N LYS A 6 3.96 6.29 5.15
CA LYS A 6 4.05 7.62 4.55
C LYS A 6 4.66 7.53 3.16
N CYS A 7 4.05 8.23 2.17
CA CYS A 7 4.32 7.99 0.76
C CYS A 7 4.34 9.30 0.00
N THR A 8 4.56 9.17 -1.33
CA THR A 8 4.41 10.22 -2.32
C THR A 8 4.00 9.54 -3.63
N SER A 9 3.48 8.28 -3.55
CA SER A 9 3.18 7.44 -4.70
C SER A 9 2.47 6.19 -4.20
N PRO A 10 1.66 5.48 -5.03
CA PRO A 10 1.20 4.10 -4.81
C PRO A 10 2.30 3.03 -4.93
N LYS A 11 3.45 3.34 -5.58
CA LYS A 11 4.66 2.52 -5.71
C LYS A 11 5.52 2.47 -4.45
N GLN A 12 5.30 3.43 -3.48
CA GLN A 12 5.88 3.52 -2.16
C GLN A 12 5.02 2.81 -1.13
N CYS A 13 3.80 2.37 -1.57
CA CYS A 13 2.78 1.67 -0.81
C CYS A 13 2.73 0.22 -1.27
N SER A 14 3.34 -0.15 -2.44
CA SER A 14 3.47 -1.50 -2.95
C SER A 14 4.66 -2.22 -2.35
N LYS A 15 5.43 -1.51 -1.48
CA LYS A 15 6.51 -1.97 -0.64
C LYS A 15 5.98 -2.64 0.64
N PRO A 16 5.17 -2.02 1.54
CA PRO A 16 4.58 -2.66 2.71
C PRO A 16 3.46 -3.65 2.37
N CYS A 17 2.55 -3.36 1.39
CA CYS A 17 1.41 -4.15 0.96
C CYS A 17 1.77 -5.45 0.24
N LYS A 18 2.92 -5.50 -0.53
CA LYS A 18 3.46 -6.72 -1.14
C LYS A 18 4.40 -7.47 -0.22
N GLU A 19 4.72 -6.89 0.96
CA GLU A 19 5.36 -7.56 2.10
C GLU A 19 4.32 -8.17 3.03
N LEU A 20 3.04 -7.69 2.96
CA LEU A 20 1.88 -8.12 3.73
C LEU A 20 1.09 -9.19 2.99
N TYR A 21 0.47 -8.78 1.84
CA TYR A 21 -0.52 -9.52 1.05
C TYR A 21 0.15 -10.32 -0.06
N GLY A 22 1.45 -10.04 -0.38
CA GLY A 22 2.32 -10.89 -1.15
C GLY A 22 2.51 -10.45 -2.58
N SER A 23 1.47 -10.66 -3.41
CA SER A 23 1.50 -10.50 -4.85
C SER A 23 0.18 -9.91 -5.26
N SER A 24 -0.90 -10.32 -4.53
CA SER A 24 -2.28 -9.86 -4.64
C SER A 24 -2.47 -8.73 -3.65
N ALA A 25 -1.95 -7.51 -3.98
CA ALA A 25 -1.98 -6.32 -3.15
C ALA A 25 -2.52 -5.22 -4.02
N GLY A 26 -3.66 -4.60 -3.58
CA GLY A 26 -4.25 -3.42 -4.17
C GLY A 26 -3.80 -2.23 -3.38
N ALA A 27 -2.59 -1.70 -3.73
CA ALA A 27 -1.87 -0.69 -3.00
C ALA A 27 -2.23 0.69 -3.54
N LYS A 28 -2.90 1.50 -2.68
CA LYS A 28 -3.48 2.79 -3.00
C LYS A 28 -2.85 3.74 -2.04
N CYS A 29 -2.55 4.97 -2.48
CA CYS A 29 -1.87 5.92 -1.61
C CYS A 29 -2.52 7.26 -1.86
N MET A 30 -3.21 7.77 -0.80
CA MET A 30 -4.01 8.99 -0.80
C MET A 30 -3.30 9.93 0.17
N ASN A 31 -2.88 11.16 -0.28
CA ASN A 31 -2.25 12.23 0.50
C ASN A 31 -0.79 11.93 0.75
N GLY A 32 -0.53 11.13 1.80
CA GLY A 32 0.75 10.57 2.11
C GLY A 32 0.56 9.50 3.14
N LYS A 33 -0.42 8.57 2.91
CA LYS A 33 -0.63 7.40 3.74
C LYS A 33 -1.22 6.33 2.86
N CYS A 34 -0.90 5.05 3.21
CA CYS A 34 -0.99 3.85 2.40
C CYS A 34 -2.19 3.02 2.83
N LYS A 35 -2.76 2.27 1.85
CA LYS A 35 -3.87 1.37 2.01
C LYS A 35 -3.48 0.10 1.31
N CYS A 36 -3.79 -1.06 1.94
CA CYS A 36 -3.48 -2.38 1.41
C CYS A 36 -4.75 -3.18 1.32
N TYR A 37 -5.16 -3.49 0.07
CA TYR A 37 -6.32 -4.26 -0.30
C TYR A 37 -5.79 -5.55 -0.91
N ASN A 38 -6.55 -6.13 -1.90
CA ASN A 38 -6.18 -7.29 -2.67
C ASN A 38 -6.50 -6.94 -4.11
N ASN A 39 -5.81 -7.62 -5.06
CA ASN A 39 -6.09 -7.53 -6.48
C ASN A 39 -7.19 -8.57 -6.81
N NH2 A 40 -8.34 -8.08 -7.36
HN1 NH2 A 40 -8.43 -7.10 -7.53
HN2 NH2 A 40 -9.08 -8.70 -7.60
N THR A 1 -7.80 -3.19 4.38
CA THR A 1 -7.23 -2.43 5.52
C THR A 1 -6.63 -1.13 5.02
N ILE A 2 -6.38 -0.20 5.97
CA ILE A 2 -5.72 1.07 5.78
C ILE A 2 -4.57 1.03 6.76
N ILE A 3 -3.31 1.03 6.25
CA ILE A 3 -2.08 0.96 7.03
C ILE A 3 -1.49 2.36 7.17
N ASN A 4 -0.30 2.48 7.84
CA ASN A 4 0.33 3.74 8.18
C ASN A 4 1.76 3.69 7.68
N VAL A 5 1.93 3.89 6.34
CA VAL A 5 3.21 4.01 5.66
C VAL A 5 3.10 5.28 4.86
N LYS A 6 4.07 6.21 5.06
CA LYS A 6 4.16 7.54 4.45
C LYS A 6 4.70 7.44 3.02
N CYS A 7 4.11 8.22 2.08
CA CYS A 7 4.31 8.04 0.65
C CYS A 7 4.25 9.36 -0.05
N THR A 8 4.35 9.31 -1.40
CA THR A 8 3.99 10.37 -2.33
C THR A 8 3.68 9.67 -3.64
N SER A 9 3.23 8.38 -3.57
CA SER A 9 3.08 7.50 -4.72
C SER A 9 2.42 6.21 -4.23
N PRO A 10 1.65 5.46 -5.06
CA PRO A 10 1.23 4.08 -4.83
C PRO A 10 2.35 3.02 -4.90
N LYS A 11 3.54 3.36 -5.51
CA LYS A 11 4.75 2.54 -5.53
C LYS A 11 5.67 2.78 -4.33
N GLN A 12 5.24 3.60 -3.32
CA GLN A 12 5.82 3.76 -2.00
C GLN A 12 4.83 3.19 -0.99
N CYS A 13 3.99 2.25 -1.48
CA CYS A 13 2.90 1.61 -0.76
C CYS A 13 2.77 0.18 -1.20
N SER A 14 3.32 -0.26 -2.37
CA SER A 14 3.31 -1.64 -2.87
C SER A 14 4.50 -2.41 -2.34
N LYS A 15 5.35 -1.75 -1.50
CA LYS A 15 6.44 -2.26 -0.71
C LYS A 15 5.94 -2.86 0.61
N PRO A 16 5.17 -2.18 1.52
CA PRO A 16 4.56 -2.77 2.70
C PRO A 16 3.41 -3.73 2.40
N CYS A 17 2.53 -3.45 1.39
CA CYS A 17 1.38 -4.25 0.97
C CYS A 17 1.72 -5.56 0.28
N LYS A 18 2.89 -5.66 -0.44
CA LYS A 18 3.43 -6.90 -1.00
C LYS A 18 4.33 -7.65 -0.03
N GLU A 19 4.64 -7.01 1.14
CA GLU A 19 5.27 -7.63 2.31
C GLU A 19 4.21 -8.21 3.25
N LEU A 20 2.94 -7.73 3.12
CA LEU A 20 1.75 -8.14 3.86
C LEU A 20 1.00 -9.23 3.10
N TYR A 21 0.43 -8.86 1.91
CA TYR A 21 -0.55 -9.60 1.13
C TYR A 21 0.09 -10.39 0.00
N GLY A 22 1.42 -10.20 -0.25
CA GLY A 22 2.25 -11.07 -1.06
C GLY A 22 2.48 -10.57 -2.46
N SER A 23 1.47 -10.79 -3.34
CA SER A 23 1.50 -10.48 -4.76
C SER A 23 0.09 -10.12 -5.17
N SER A 24 -0.90 -10.37 -4.27
CA SER A 24 -2.31 -10.04 -4.41
C SER A 24 -2.55 -8.86 -3.50
N ALA A 25 -2.00 -7.67 -3.87
CA ALA A 25 -2.02 -6.45 -3.10
C ALA A 25 -2.59 -5.38 -3.98
N GLY A 26 -3.59 -4.64 -3.45
CA GLY A 26 -4.16 -3.45 -4.05
C GLY A 26 -3.67 -2.28 -3.27
N ALA A 27 -2.50 -1.73 -3.69
CA ALA A 27 -1.77 -0.69 -3.01
C ALA A 27 -2.16 0.67 -3.57
N LYS A 28 -2.79 1.51 -2.70
CA LYS A 28 -3.41 2.76 -3.06
C LYS A 28 -2.83 3.72 -2.09
N CYS A 29 -2.55 4.98 -2.50
CA CYS A 29 -1.87 5.91 -1.63
C CYS A 29 -2.48 7.26 -1.86
N MET A 30 -3.15 7.79 -0.80
CA MET A 30 -3.86 9.05 -0.79
C MET A 30 -3.09 9.97 0.15
N ASN A 31 -2.61 11.17 -0.34
CA ASN A 31 -1.97 12.25 0.43
C ASN A 31 -0.52 11.91 0.72
N GLY A 32 -0.31 11.14 1.81
CA GLY A 32 0.96 10.58 2.17
C GLY A 32 0.72 9.53 3.20
N LYS A 33 -0.26 8.60 2.95
CA LYS A 33 -0.49 7.41 3.76
C LYS A 33 -1.09 6.36 2.86
N CYS A 34 -0.82 5.07 3.20
CA CYS A 34 -0.93 3.88 2.39
C CYS A 34 -2.16 3.08 2.79
N LYS A 35 -2.69 2.29 1.81
CA LYS A 35 -3.81 1.40 1.95
C LYS A 35 -3.41 0.12 1.29
N CYS A 36 -3.79 -1.05 1.88
CA CYS A 36 -3.51 -2.37 1.35
C CYS A 36 -4.81 -3.11 1.25
N TYR A 37 -5.09 -3.67 0.05
CA TYR A 37 -6.29 -4.39 -0.29
C TYR A 37 -5.82 -5.71 -0.88
N ASN A 38 -6.69 -6.37 -1.69
CA ASN A 38 -6.42 -7.64 -2.35
C ASN A 38 -6.85 -7.47 -3.79
N ASN A 39 -5.90 -7.02 -4.65
CA ASN A 39 -6.07 -6.94 -6.09
C ASN A 39 -5.04 -7.93 -6.67
N NH2 A 40 -5.52 -9.16 -7.03
HN1 NH2 A 40 -4.90 -9.84 -7.42
HN2 NH2 A 40 -6.49 -9.37 -6.92
N THR A 1 -7.81 -3.17 4.24
CA THR A 1 -7.18 -2.45 5.38
C THR A 1 -6.64 -1.12 4.94
N ILE A 2 -6.38 -0.23 5.94
CA ILE A 2 -5.75 1.07 5.80
C ILE A 2 -4.59 1.00 6.78
N ILE A 3 -3.34 1.03 6.25
CA ILE A 3 -2.10 0.93 7.03
C ILE A 3 -1.49 2.30 7.23
N ASN A 4 -0.32 2.37 7.92
CA ASN A 4 0.34 3.60 8.34
C ASN A 4 1.75 3.59 7.79
N VAL A 5 1.89 3.81 6.46
CA VAL A 5 3.16 3.97 5.75
C VAL A 5 2.99 5.23 4.97
N LYS A 6 3.95 6.19 5.13
CA LYS A 6 3.96 7.52 4.54
C LYS A 6 4.54 7.44 3.14
N CYS A 7 3.96 8.21 2.18
CA CYS A 7 4.19 8.00 0.77
C CYS A 7 4.14 9.32 0.04
N THR A 8 4.33 9.23 -1.31
CA THR A 8 4.08 10.27 -2.27
C THR A 8 3.80 9.57 -3.60
N SER A 9 3.32 8.30 -3.54
CA SER A 9 3.14 7.44 -4.69
C SER A 9 2.44 6.16 -4.22
N PRO A 10 1.66 5.45 -5.07
CA PRO A 10 1.21 4.06 -4.85
C PRO A 10 2.30 2.99 -4.93
N LYS A 11 3.49 3.28 -5.55
CA LYS A 11 4.68 2.44 -5.58
C LYS A 11 5.52 2.47 -4.30
N GLN A 12 5.27 3.46 -3.39
CA GLN A 12 5.83 3.59 -2.04
C GLN A 12 4.91 2.88 -1.03
N CYS A 13 3.76 2.36 -1.52
CA CYS A 13 2.74 1.65 -0.79
C CYS A 13 2.69 0.20 -1.29
N SER A 14 3.33 -0.15 -2.45
CA SER A 14 3.45 -1.50 -2.99
C SER A 14 4.65 -2.21 -2.39
N LYS A 15 5.44 -1.49 -1.55
CA LYS A 15 6.52 -1.93 -0.70
C LYS A 15 6.00 -2.61 0.59
N PRO A 16 5.20 -2.00 1.50
CA PRO A 16 4.60 -2.66 2.67
C PRO A 16 3.49 -3.65 2.32
N CYS A 17 2.58 -3.37 1.34
CA CYS A 17 1.44 -4.19 0.94
C CYS A 17 1.81 -5.47 0.22
N LYS A 18 2.95 -5.51 -0.54
CA LYS A 18 3.52 -6.73 -1.14
C LYS A 18 4.45 -7.47 -0.22
N GLU A 19 4.78 -6.87 0.95
CA GLU A 19 5.43 -7.52 2.10
C GLU A 19 4.38 -8.15 3.04
N LEU A 20 3.10 -7.68 2.95
CA LEU A 20 1.94 -8.15 3.68
C LEU A 20 1.19 -9.23 2.92
N TYR A 21 0.59 -8.85 1.76
CA TYR A 21 -0.38 -9.60 0.96
C TYR A 21 0.29 -10.37 -0.17
N GLY A 22 1.60 -10.12 -0.44
CA GLY A 22 2.45 -10.97 -1.26
C GLY A 22 2.67 -10.42 -2.65
N SER A 23 1.68 -10.64 -3.54
CA SER A 23 1.71 -10.30 -4.95
C SER A 23 0.31 -9.93 -5.35
N SER A 24 -0.69 -10.25 -4.48
CA SER A 24 -2.10 -9.94 -4.62
C SER A 24 -2.38 -8.80 -3.65
N ALA A 25 -1.84 -7.59 -3.97
CA ALA A 25 -1.91 -6.39 -3.18
C ALA A 25 -2.50 -5.32 -4.04
N GLY A 26 -3.62 -4.71 -3.58
CA GLY A 26 -4.25 -3.55 -4.18
C GLY A 26 -3.81 -2.35 -3.41
N ALA A 27 -2.61 -1.81 -3.76
CA ALA A 27 -1.91 -0.75 -3.04
C ALA A 27 -2.29 0.58 -3.63
N LYS A 28 -2.96 1.42 -2.79
CA LYS A 28 -3.53 2.70 -3.13
C LYS A 28 -2.86 3.64 -2.19
N CYS A 29 -2.58 4.89 -2.60
CA CYS A 29 -1.93 5.82 -1.71
C CYS A 29 -2.58 7.17 -1.91
N MET A 30 -2.94 7.80 -0.76
CA MET A 30 -3.49 9.12 -0.62
C MET A 30 -2.35 9.98 -0.09
N ASN A 31 -1.35 10.27 -0.98
CA ASN A 31 -0.05 10.96 -0.90
C ASN A 31 0.39 11.54 0.43
N GLY A 32 0.68 10.61 1.38
CA GLY A 32 0.73 10.92 2.79
C GLY A 32 0.59 9.66 3.58
N LYS A 33 -0.33 8.72 3.19
CA LYS A 33 -0.55 7.45 3.88
C LYS A 33 -1.10 6.43 2.89
N CYS A 34 -0.86 5.14 3.22
CA CYS A 34 -0.99 3.94 2.39
C CYS A 34 -2.20 3.14 2.80
N LYS A 35 -2.76 2.35 1.83
CA LYS A 35 -3.86 1.44 1.98
C LYS A 35 -3.45 0.15 1.30
N CYS A 36 -3.75 -1.01 1.95
CA CYS A 36 -3.46 -2.33 1.42
C CYS A 36 -4.74 -3.09 1.31
N TYR A 37 -5.07 -3.56 0.09
CA TYR A 37 -6.23 -4.34 -0.25
C TYR A 37 -5.70 -5.60 -0.89
N ASN A 38 -6.48 -6.20 -1.82
CA ASN A 38 -6.13 -7.38 -2.59
C ASN A 38 -6.47 -7.06 -4.03
N ASN A 39 -5.81 -7.77 -4.99
CA ASN A 39 -6.14 -7.72 -6.40
C ASN A 39 -7.21 -8.79 -6.66
N NH2 A 40 -8.36 -8.36 -7.25
HN1 NH2 A 40 -8.47 -7.39 -7.48
HN2 NH2 A 40 -9.10 -9.00 -7.45
N THR A 1 -8.45 -2.80 4.36
CA THR A 1 -7.43 -2.53 5.41
C THR A 1 -6.70 -1.28 5.01
N ILE A 2 -6.48 -0.37 5.99
CA ILE A 2 -5.77 0.88 5.86
C ILE A 2 -4.62 0.77 6.85
N ILE A 3 -3.36 0.87 6.35
CA ILE A 3 -2.13 0.83 7.14
C ILE A 3 -1.59 2.25 7.27
N ASN A 4 -0.36 2.41 7.81
CA ASN A 4 0.26 3.70 8.03
C ASN A 4 1.69 3.57 7.55
N VAL A 5 1.91 3.91 6.25
CA VAL A 5 3.20 4.07 5.61
C VAL A 5 3.06 5.36 4.87
N LYS A 6 3.99 6.32 5.13
CA LYS A 6 4.03 7.66 4.56
C LYS A 6 4.65 7.60 3.16
N CYS A 7 4.03 8.29 2.17
CA CYS A 7 4.29 8.04 0.76
C CYS A 7 4.27 9.34 -0.01
N THR A 8 4.46 9.22 -1.35
CA THR A 8 4.26 10.26 -2.33
C THR A 8 3.90 9.56 -3.64
N SER A 9 3.41 8.28 -3.55
CA SER A 9 3.20 7.41 -4.68
C SER A 9 2.49 6.15 -4.20
N PRO A 10 1.69 5.44 -5.03
CA PRO A 10 1.22 4.07 -4.81
C PRO A 10 2.30 2.99 -4.90
N LYS A 11 3.48 3.27 -5.52
CA LYS A 11 4.67 2.42 -5.57
C LYS A 11 5.51 2.43 -4.29
N GLN A 12 5.29 3.43 -3.38
CA GLN A 12 5.85 3.54 -2.03
C GLN A 12 4.94 2.84 -1.03
N CYS A 13 3.77 2.34 -1.51
CA CYS A 13 2.75 1.63 -0.78
C CYS A 13 2.69 0.19 -1.28
N SER A 14 3.32 -0.15 -2.45
CA SER A 14 3.44 -1.50 -3.00
C SER A 14 4.64 -2.22 -2.41
N LYS A 15 5.43 -1.52 -1.56
CA LYS A 15 6.52 -1.96 -0.73
C LYS A 15 6.00 -2.63 0.56
N PRO A 16 5.19 -2.02 1.48
CA PRO A 16 4.60 -2.65 2.65
C PRO A 16 3.50 -3.66 2.31
N CYS A 17 2.57 -3.37 1.35
CA CYS A 17 1.43 -4.19 0.94
C CYS A 17 1.79 -5.47 0.21
N LYS A 18 2.92 -5.52 -0.58
CA LYS A 18 3.48 -6.73 -1.20
C LYS A 18 4.43 -7.48 -0.30
N GLU A 19 4.78 -6.89 0.87
CA GLU A 19 5.43 -7.55 2.01
C GLU A 19 4.41 -8.22 2.92
N LEU A 20 3.15 -7.70 2.92
CA LEU A 20 2.00 -8.16 3.69
C LEU A 20 1.21 -9.22 2.95
N TYR A 21 0.62 -8.84 1.78
CA TYR A 21 -0.38 -9.57 0.99
C TYR A 21 0.24 -10.33 -0.16
N GLY A 22 1.56 -10.11 -0.44
CA GLY A 22 2.39 -10.94 -1.30
C GLY A 22 2.56 -10.41 -2.68
N SER A 23 1.54 -10.62 -3.55
CA SER A 23 1.53 -10.28 -4.95
C SER A 23 0.10 -9.92 -5.31
N SER A 24 -0.86 -10.21 -4.38
CA SER A 24 -2.27 -9.91 -4.47
C SER A 24 -2.52 -8.74 -3.53
N ALA A 25 -1.99 -7.55 -3.91
CA ALA A 25 -2.03 -6.33 -3.14
C ALA A 25 -2.63 -5.28 -4.02
N GLY A 26 -3.68 -4.58 -3.50
CA GLY A 26 -4.28 -3.40 -4.10
C GLY A 26 -3.81 -2.22 -3.32
N ALA A 27 -2.62 -1.69 -3.71
CA ALA A 27 -1.90 -0.66 -2.99
C ALA A 27 -2.25 0.70 -3.54
N LYS A 28 -2.93 1.52 -2.69
CA LYS A 28 -3.49 2.81 -3.01
C LYS A 28 -2.81 3.74 -2.06
N CYS A 29 -2.51 4.99 -2.50
CA CYS A 29 -1.82 5.92 -1.62
C CYS A 29 -2.42 7.27 -1.89
N MET A 30 -3.18 7.78 -0.88
CA MET A 30 -3.93 9.02 -0.89
C MET A 30 -3.28 9.92 0.14
N ASN A 31 -2.87 11.18 -0.24
CA ASN A 31 -2.32 12.23 0.62
C ASN A 31 -0.84 11.98 0.85
N GLY A 32 -0.55 11.14 1.87
CA GLY A 32 0.75 10.60 2.13
C GLY A 32 0.57 9.53 3.15
N LYS A 33 -0.39 8.57 2.93
CA LYS A 33 -0.61 7.40 3.78
C LYS A 33 -1.17 6.32 2.89
N CYS A 34 -0.87 5.04 3.27
CA CYS A 34 -0.97 3.85 2.46
C CYS A 34 -2.17 3.02 2.87
N LYS A 35 -2.74 2.28 1.89
CA LYS A 35 -3.86 1.37 2.03
C LYS A 35 -3.45 0.11 1.33
N CYS A 36 -3.79 -1.06 1.94
CA CYS A 36 -3.52 -2.39 1.39
C CYS A 36 -4.82 -3.14 1.28
N TYR A 37 -5.16 -3.57 0.05
CA TYR A 37 -6.34 -4.32 -0.29
C TYR A 37 -5.83 -5.62 -0.89
N ASN A 38 -6.68 -6.32 -1.69
CA ASN A 38 -6.39 -7.59 -2.32
C ASN A 38 -6.83 -7.48 -3.75
N ASN A 39 -5.92 -7.00 -4.64
CA ASN A 39 -6.12 -6.93 -6.08
C ASN A 39 -5.06 -7.89 -6.67
N NH2 A 40 -5.50 -9.13 -7.04
HN1 NH2 A 40 -4.87 -9.79 -7.42
HN2 NH2 A 40 -6.46 -9.38 -6.92
N THR A 1 -6.95 -4.09 5.02
CA THR A 1 -6.86 -3.02 6.04
C THR A 1 -6.04 -1.87 5.50
N ILE A 2 -6.15 -0.68 6.15
CA ILE A 2 -5.43 0.54 5.82
C ILE A 2 -4.35 0.67 6.88
N ILE A 3 -3.08 0.76 6.42
CA ILE A 3 -1.87 0.76 7.23
C ILE A 3 -1.35 2.18 7.41
N ASN A 4 -0.14 2.33 8.00
CA ASN A 4 0.48 3.61 8.32
C ASN A 4 1.89 3.57 7.78
N VAL A 5 2.04 3.84 6.45
CA VAL A 5 3.29 4.03 5.75
C VAL A 5 3.08 5.28 4.96
N LYS A 6 4.03 6.25 5.08
CA LYS A 6 3.99 7.56 4.45
C LYS A 6 4.52 7.45 3.02
N CYS A 7 3.79 8.03 2.04
CA CYS A 7 4.00 7.78 0.62
C CYS A 7 3.83 9.08 -0.11
N THR A 8 4.19 9.07 -1.42
CA THR A 8 3.93 10.15 -2.37
C THR A 8 3.84 9.48 -3.73
N SER A 9 3.47 8.17 -3.75
CA SER A 9 3.36 7.34 -4.92
C SER A 9 2.64 6.09 -4.46
N PRO A 10 1.83 5.37 -5.28
CA PRO A 10 1.31 4.03 -4.97
C PRO A 10 2.36 2.91 -5.00
N LYS A 11 3.56 3.16 -5.62
CA LYS A 11 4.74 2.31 -5.64
C LYS A 11 5.58 2.38 -4.35
N GLN A 12 5.29 3.36 -3.44
CA GLN A 12 5.86 3.52 -2.10
C GLN A 12 4.95 2.86 -1.07
N CYS A 13 3.79 2.33 -1.53
CA CYS A 13 2.75 1.69 -0.74
C CYS A 13 2.61 0.25 -1.19
N SER A 14 3.20 -0.15 -2.35
CA SER A 14 3.30 -1.53 -2.85
C SER A 14 4.54 -2.22 -2.31
N LYS A 15 5.33 -1.50 -1.47
CA LYS A 15 6.45 -1.93 -0.68
C LYS A 15 5.99 -2.63 0.62
N PRO A 16 5.21 -2.03 1.56
CA PRO A 16 4.69 -2.69 2.76
C PRO A 16 3.58 -3.70 2.46
N CYS A 17 2.63 -3.43 1.52
CA CYS A 17 1.48 -4.25 1.17
C CYS A 17 1.82 -5.49 0.33
N LYS A 18 2.95 -5.51 -0.45
CA LYS A 18 3.50 -6.72 -1.07
C LYS A 18 4.47 -7.48 -0.18
N GLU A 19 4.83 -6.87 0.99
CA GLU A 19 5.52 -7.54 2.10
C GLU A 19 4.52 -8.19 3.06
N LEU A 20 3.23 -7.75 3.00
CA LEU A 20 2.09 -8.24 3.77
C LEU A 20 1.33 -9.31 3.00
N TYR A 21 0.70 -8.91 1.86
CA TYR A 21 -0.28 -9.64 1.07
C TYR A 21 0.34 -10.39 -0.08
N GLY A 22 1.67 -10.20 -0.34
CA GLY A 22 2.50 -11.03 -1.19
C GLY A 22 2.72 -10.46 -2.56
N SER A 23 1.72 -10.64 -3.45
CA SER A 23 1.73 -10.22 -4.84
C SER A 23 0.31 -9.82 -5.20
N SER A 24 -0.64 -10.04 -4.25
CA SER A 24 -2.06 -9.74 -4.35
C SER A 24 -2.30 -8.47 -3.55
N ALA A 25 -1.85 -7.31 -4.10
CA ALA A 25 -1.98 -6.02 -3.47
C ALA A 25 -2.03 -5.01 -4.57
N GLY A 26 -3.19 -4.30 -4.66
CA GLY A 26 -3.43 -3.13 -5.47
C GLY A 26 -3.54 -1.96 -4.52
N ALA A 27 -2.36 -1.58 -3.96
CA ALA A 27 -2.15 -0.68 -2.85
C ALA A 27 -2.22 0.78 -3.28
N LYS A 28 -2.84 1.65 -2.44
CA LYS A 28 -3.30 2.96 -2.82
C LYS A 28 -2.64 3.97 -1.91
N CYS A 29 -2.28 5.14 -2.48
CA CYS A 29 -1.65 6.24 -1.78
C CYS A 29 -2.61 7.40 -1.88
N MET A 30 -3.31 7.67 -0.74
CA MET A 30 -4.25 8.75 -0.55
C MET A 30 -3.59 9.68 0.46
N ASN A 31 -3.35 11.00 0.10
CA ASN A 31 -2.76 12.07 0.92
C ASN A 31 -1.25 11.92 0.97
N GLY A 32 -0.78 11.07 1.91
CA GLY A 32 0.57 10.60 1.99
C GLY A 32 0.55 9.54 3.04
N LYS A 33 -0.35 8.54 2.90
CA LYS A 33 -0.51 7.40 3.78
C LYS A 33 -1.05 6.30 2.93
N CYS A 34 -0.73 5.04 3.34
CA CYS A 34 -0.81 3.84 2.54
C CYS A 34 -2.01 3.02 2.97
N LYS A 35 -2.69 2.41 1.95
CA LYS A 35 -3.78 1.49 2.09
C LYS A 35 -3.33 0.20 1.43
N CYS A 36 -3.80 -0.94 1.99
CA CYS A 36 -3.57 -2.27 1.41
C CYS A 36 -4.91 -2.84 1.03
N TYR A 37 -4.95 -3.48 -0.15
CA TYR A 37 -6.09 -4.09 -0.76
C TYR A 37 -5.62 -5.46 -1.21
N ASN A 38 -6.53 -6.25 -1.83
CA ASN A 38 -6.29 -7.60 -2.30
C ASN A 38 -6.70 -7.62 -3.75
N ASN A 39 -5.75 -7.28 -4.66
CA ASN A 39 -5.96 -7.28 -6.09
C ASN A 39 -4.76 -8.05 -6.69
N NH2 A 40 -4.98 -9.36 -7.01
HN1 NH2 A 40 -5.89 -9.76 -6.85
HN2 NH2 A 40 -4.25 -9.90 -7.40
N THR A 1 -7.61 -3.08 7.03
CA THR A 1 -6.67 -3.41 5.95
C THR A 1 -5.83 -2.21 5.51
N ILE A 2 -5.99 -1.04 6.19
CA ILE A 2 -5.35 0.23 5.88
C ILE A 2 -4.27 0.41 6.93
N ILE A 3 -3.01 0.64 6.45
CA ILE A 3 -1.80 0.69 7.25
C ILE A 3 -1.33 2.13 7.39
N ASN A 4 -0.13 2.34 8.01
CA ASN A 4 0.45 3.64 8.28
C ASN A 4 1.88 3.59 7.77
N VAL A 5 2.02 3.81 6.43
CA VAL A 5 3.29 3.99 5.73
C VAL A 5 3.06 5.24 4.93
N LYS A 6 3.96 6.24 5.07
CA LYS A 6 3.87 7.55 4.46
C LYS A 6 4.42 7.48 3.03
N CYS A 7 3.68 8.03 2.03
CA CYS A 7 3.92 7.79 0.63
C CYS A 7 3.76 9.09 -0.12
N THR A 8 4.11 9.07 -1.43
CA THR A 8 3.86 10.14 -2.38
C THR A 8 3.77 9.47 -3.75
N SER A 9 3.40 8.16 -3.76
CA SER A 9 3.30 7.31 -4.92
C SER A 9 2.60 6.04 -4.45
N PRO A 10 1.80 5.32 -5.26
CA PRO A 10 1.29 3.97 -4.92
C PRO A 10 2.35 2.86 -4.95
N LYS A 11 3.54 3.09 -5.59
CA LYS A 11 4.72 2.23 -5.56
C LYS A 11 5.63 2.42 -4.34
N GLN A 12 5.27 3.36 -3.40
CA GLN A 12 5.85 3.54 -2.08
C GLN A 12 4.98 2.85 -1.04
N CYS A 13 3.86 2.23 -1.51
CA CYS A 13 2.83 1.58 -0.74
C CYS A 13 2.71 0.13 -1.20
N SER A 14 3.32 -0.27 -2.35
CA SER A 14 3.44 -1.63 -2.87
C SER A 14 4.68 -2.29 -2.29
N LYS A 15 5.43 -1.56 -1.44
CA LYS A 15 6.56 -1.96 -0.62
C LYS A 15 6.08 -2.65 0.67
N PRO A 16 5.27 -2.05 1.59
CA PRO A 16 4.70 -2.71 2.75
C PRO A 16 3.58 -3.71 2.42
N CYS A 17 2.67 -3.42 1.44
CA CYS A 17 1.55 -4.26 1.01
C CYS A 17 1.95 -5.48 0.21
N LYS A 18 3.14 -5.52 -0.48
CA LYS A 18 3.74 -6.73 -1.04
C LYS A 18 4.63 -7.49 -0.08
N GLU A 19 4.92 -6.89 1.09
CA GLU A 19 5.55 -7.53 2.26
C GLU A 19 4.50 -8.17 3.17
N LEU A 20 3.22 -7.72 3.05
CA LEU A 20 2.05 -8.16 3.80
C LEU A 20 1.25 -9.16 2.98
N TYR A 21 0.57 -8.64 1.93
CA TYR A 21 -0.43 -9.27 1.08
C TYR A 21 0.17 -9.60 -0.28
N GLY A 22 1.45 -10.07 -0.32
CA GLY A 22 2.28 -10.21 -1.50
C GLY A 22 2.05 -11.43 -2.34
N SER A 23 1.03 -11.34 -3.24
CA SER A 23 0.72 -12.29 -4.28
C SER A 23 0.01 -11.46 -5.31
N SER A 24 -1.15 -10.88 -4.89
CA SER A 24 -1.99 -10.02 -5.68
C SER A 24 -2.37 -8.90 -4.73
N ALA A 25 -1.39 -8.01 -4.39
CA ALA A 25 -1.56 -6.83 -3.54
C ALA A 25 -2.09 -5.65 -4.32
N GLY A 26 -3.10 -4.94 -3.72
CA GLY A 26 -3.55 -3.62 -4.10
C GLY A 26 -2.92 -2.66 -3.13
N ALA A 27 -2.64 -1.43 -3.61
CA ALA A 27 -1.86 -0.47 -2.87
C ALA A 27 -2.29 0.87 -3.39
N LYS A 28 -2.86 1.73 -2.50
CA LYS A 28 -3.33 3.05 -2.85
C LYS A 28 -2.61 4.01 -1.96
N CYS A 29 -2.35 5.22 -2.51
CA CYS A 29 -1.70 6.32 -1.83
C CYS A 29 -2.65 7.48 -1.90
N MET A 30 -3.28 7.81 -0.74
CA MET A 30 -4.19 8.90 -0.54
C MET A 30 -3.54 9.77 0.52
N ASN A 31 -3.31 11.11 0.23
CA ASN A 31 -2.75 12.13 1.11
C ASN A 31 -1.23 12.00 1.20
N GLY A 32 -0.80 11.10 2.10
CA GLY A 32 0.56 10.63 2.21
C GLY A 32 0.50 9.53 3.23
N LYS A 33 -0.37 8.51 2.97
CA LYS A 33 -0.56 7.34 3.81
C LYS A 33 -1.03 6.27 2.87
N CYS A 34 -0.71 5.00 3.26
CA CYS A 34 -0.80 3.80 2.47
C CYS A 34 -2.00 3.01 2.91
N LYS A 35 -2.72 2.45 1.91
CA LYS A 35 -3.77 1.48 2.07
C LYS A 35 -3.32 0.21 1.41
N CYS A 36 -3.72 -0.96 1.98
CA CYS A 36 -3.55 -2.27 1.36
C CYS A 36 -4.93 -2.79 1.06
N TYR A 37 -5.04 -3.58 -0.02
CA TYR A 37 -6.26 -4.11 -0.55
C TYR A 37 -5.97 -5.52 -0.96
N ASN A 38 -7.03 -6.37 -0.99
CA ASN A 38 -7.00 -7.79 -1.27
C ASN A 38 -7.69 -7.99 -2.60
N ASN A 39 -6.89 -8.39 -3.63
CA ASN A 39 -7.36 -8.69 -4.97
C ASN A 39 -7.02 -10.17 -5.20
N NH2 A 40 -7.63 -10.77 -6.28
HN1 NH2 A 40 -7.45 -11.73 -6.48
HN2 NH2 A 40 -8.24 -10.24 -6.86
N THR A 1 -7.76 -3.36 4.38
CA THR A 1 -7.22 -2.62 5.54
C THR A 1 -6.66 -1.29 5.08
N ILE A 2 -6.43 -0.38 6.06
CA ILE A 2 -5.79 0.90 5.92
C ILE A 2 -4.62 0.83 6.88
N ILE A 3 -3.37 0.92 6.34
CA ILE A 3 -2.12 0.90 7.11
C ILE A 3 -1.60 2.32 7.21
N ASN A 4 -0.37 2.52 7.77
CA ASN A 4 0.24 3.84 7.95
C ASN A 4 1.68 3.71 7.52
N VAL A 5 1.92 3.90 6.19
CA VAL A 5 3.22 4.02 5.57
C VAL A 5 3.10 5.29 4.77
N LYS A 6 4.04 6.24 5.02
CA LYS A 6 4.05 7.61 4.51
C LYS A 6 4.71 7.63 3.13
N CYS A 7 4.04 8.25 2.12
CA CYS A 7 4.31 8.01 0.72
C CYS A 7 4.29 9.32 -0.03
N THR A 8 4.43 9.23 -1.38
CA THR A 8 4.15 10.28 -2.32
C THR A 8 3.82 9.57 -3.64
N SER A 9 3.34 8.30 -3.55
CA SER A 9 3.14 7.41 -4.69
C SER A 9 2.45 6.16 -4.20
N PRO A 10 1.63 5.45 -5.02
CA PRO A 10 1.17 4.07 -4.79
C PRO A 10 2.25 2.99 -4.89
N LYS A 11 3.43 3.29 -5.52
CA LYS A 11 4.62 2.45 -5.57
C LYS A 11 5.44 2.45 -4.26
N GLN A 12 5.27 3.47 -3.37
CA GLN A 12 5.84 3.59 -2.03
C GLN A 12 4.92 2.95 -1.01
N CYS A 13 3.79 2.37 -1.49
CA CYS A 13 2.77 1.65 -0.76
C CYS A 13 2.74 0.22 -1.25
N SER A 14 3.39 -0.12 -2.41
CA SER A 14 3.53 -1.47 -2.95
C SER A 14 4.72 -2.20 -2.36
N LYS A 15 5.53 -1.52 -1.52
CA LYS A 15 6.57 -2.06 -0.66
C LYS A 15 6.01 -2.71 0.61
N PRO A 16 5.20 -2.07 1.50
CA PRO A 16 4.59 -2.69 2.68
C PRO A 16 3.47 -3.68 2.35
N CYS A 17 2.56 -3.39 1.36
CA CYS A 17 1.42 -4.18 0.95
C CYS A 17 1.78 -5.46 0.19
N LYS A 18 2.93 -5.49 -0.55
CA LYS A 18 3.47 -6.71 -1.18
C LYS A 18 4.40 -7.49 -0.28
N GLU A 19 4.72 -6.92 0.92
CA GLU A 19 5.35 -7.59 2.05
C GLU A 19 4.31 -8.23 2.97
N LEU A 20 3.04 -7.73 2.90
CA LEU A 20 1.86 -8.18 3.65
C LEU A 20 1.08 -9.23 2.86
N TYR A 21 0.51 -8.81 1.70
CA TYR A 21 -0.49 -9.51 0.89
C TYR A 21 0.14 -10.24 -0.28
N GLY A 22 1.48 -10.07 -0.50
CA GLY A 22 2.30 -10.92 -1.35
C GLY A 22 2.53 -10.36 -2.73
N SER A 23 1.52 -10.51 -3.62
CA SER A 23 1.58 -10.13 -5.02
C SER A 23 0.16 -9.82 -5.44
N SER A 24 -0.82 -10.10 -4.53
CA SER A 24 -2.23 -9.80 -4.66
C SER A 24 -2.50 -8.67 -3.70
N ALA A 25 -1.93 -7.47 -4.02
CA ALA A 25 -1.98 -6.28 -3.21
C ALA A 25 -2.58 -5.20 -4.07
N GLY A 26 -3.66 -4.55 -3.55
CA GLY A 26 -4.27 -3.36 -4.11
C GLY A 26 -3.79 -2.20 -3.31
N ALA A 27 -2.59 -1.66 -3.69
CA ALA A 27 -1.86 -0.65 -2.97
C ALA A 27 -2.21 0.72 -3.51
N LYS A 28 -2.89 1.53 -2.67
CA LYS A 28 -3.49 2.80 -2.99
C LYS A 28 -2.84 3.76 -2.04
N CYS A 29 -2.54 5.00 -2.49
CA CYS A 29 -1.85 5.94 -1.62
C CYS A 29 -2.43 7.29 -1.92
N MET A 30 -3.10 7.88 -0.90
CA MET A 30 -3.81 9.14 -0.94
C MET A 30 -3.14 10.01 0.11
N ASN A 31 -2.68 11.27 -0.25
CA ASN A 31 -2.09 12.29 0.63
C ASN A 31 -0.64 11.98 0.90
N GLY A 32 -0.42 11.13 1.93
CA GLY A 32 0.85 10.54 2.23
C GLY A 32 0.61 9.48 3.26
N LYS A 33 -0.36 8.55 3.00
CA LYS A 33 -0.63 7.38 3.82
C LYS A 33 -1.19 6.31 2.90
N CYS A 34 -0.89 5.04 3.27
CA CYS A 34 -0.99 3.83 2.45
C CYS A 34 -2.20 3.03 2.88
N LYS A 35 -2.72 2.22 1.91
CA LYS A 35 -3.86 1.33 2.06
C LYS A 35 -3.47 0.07 1.35
N CYS A 36 -3.76 -1.11 1.95
CA CYS A 36 -3.49 -2.42 1.38
C CYS A 36 -4.80 -3.15 1.25
N TYR A 37 -5.12 -3.61 0.03
CA TYR A 37 -6.31 -4.32 -0.33
C TYR A 37 -5.84 -5.61 -0.98
N ASN A 38 -6.71 -6.27 -1.78
CA ASN A 38 -6.43 -7.51 -2.48
C ASN A 38 -6.88 -7.30 -3.90
N ASN A 39 -5.93 -6.93 -4.79
CA ASN A 39 -6.14 -6.79 -6.22
C ASN A 39 -4.87 -7.37 -6.87
N NH2 A 40 -4.91 -8.69 -7.21
HN1 NH2 A 40 -4.12 -9.13 -7.63
HN2 NH2 A 40 -5.74 -9.22 -7.04
N THR A 1 -8.34 -2.67 4.41
CA THR A 1 -7.33 -2.39 5.47
C THR A 1 -6.61 -1.13 5.06
N ILE A 2 -6.39 -0.21 6.03
CA ILE A 2 -5.70 1.05 5.89
C ILE A 2 -4.54 0.95 6.87
N ILE A 3 -3.28 0.99 6.34
CA ILE A 3 -2.04 0.88 7.11
C ILE A 3 -1.43 2.27 7.30
N ASN A 4 -0.27 2.32 8.02
CA ASN A 4 0.39 3.54 8.44
C ASN A 4 1.78 3.59 7.83
N VAL A 5 1.85 3.87 6.50
CA VAL A 5 3.10 4.05 5.76
C VAL A 5 2.93 5.33 5.00
N LYS A 6 3.90 6.26 5.17
CA LYS A 6 3.99 7.58 4.54
C LYS A 6 4.60 7.45 3.15
N CYS A 7 4.04 8.18 2.15
CA CYS A 7 4.34 7.93 0.75
C CYS A 7 4.39 9.23 0.00
N THR A 8 4.62 9.11 -1.34
CA THR A 8 4.48 10.17 -2.32
C THR A 8 4.05 9.49 -3.62
N SER A 9 3.52 8.24 -3.55
CA SER A 9 3.22 7.41 -4.69
C SER A 9 2.49 6.16 -4.20
N PRO A 10 1.67 5.47 -5.04
CA PRO A 10 1.18 4.10 -4.81
C PRO A 10 2.25 3.01 -4.92
N LYS A 11 3.43 3.28 -5.57
CA LYS A 11 4.60 2.42 -5.65
C LYS A 11 5.50 2.42 -4.41
N GLN A 12 5.27 3.37 -3.46
CA GLN A 12 5.86 3.48 -2.13
C GLN A 12 4.97 2.80 -1.10
N CYS A 13 3.77 2.33 -1.55
CA CYS A 13 2.76 1.65 -0.78
C CYS A 13 2.68 0.21 -1.26
N SER A 14 3.28 -0.15 -2.43
CA SER A 14 3.44 -1.51 -2.96
C SER A 14 4.67 -2.18 -2.38
N LYS A 15 5.42 -1.44 -1.51
CA LYS A 15 6.54 -1.86 -0.70
C LYS A 15 6.05 -2.54 0.59
N PRO A 16 5.22 -1.94 1.50
CA PRO A 16 4.61 -2.62 2.64
C PRO A 16 3.55 -3.65 2.26
N CYS A 17 2.59 -3.34 1.33
CA CYS A 17 1.46 -4.16 0.92
C CYS A 17 1.82 -5.43 0.14
N LYS A 18 2.95 -5.44 -0.62
CA LYS A 18 3.48 -6.64 -1.30
C LYS A 18 4.42 -7.43 -0.43
N GLU A 19 4.84 -6.86 0.74
CA GLU A 19 5.52 -7.54 1.84
C GLU A 19 4.52 -8.18 2.82
N LEU A 20 3.25 -7.69 2.82
CA LEU A 20 2.14 -8.12 3.67
C LEU A 20 1.28 -9.16 2.96
N TYR A 21 0.55 -8.72 1.90
CA TYR A 21 -0.52 -9.42 1.19
C TYR A 21 0.00 -10.22 0.01
N GLY A 22 1.14 -9.78 -0.58
CA GLY A 22 1.80 -10.42 -1.70
C GLY A 22 1.59 -9.58 -2.93
N SER A 23 1.97 -10.11 -4.12
CA SER A 23 1.98 -9.47 -5.43
C SER A 23 0.61 -9.24 -6.06
N SER A 24 -0.47 -9.75 -5.39
CA SER A 24 -1.86 -9.46 -5.65
C SER A 24 -2.34 -8.59 -4.49
N ALA A 25 -1.77 -7.37 -4.39
CA ALA A 25 -2.10 -6.34 -3.42
C ALA A 25 -2.70 -5.20 -4.20
N GLY A 26 -3.72 -4.53 -3.59
CA GLY A 26 -4.33 -3.31 -4.07
C GLY A 26 -3.80 -2.19 -3.25
N ALA A 27 -2.62 -1.65 -3.66
CA ALA A 27 -1.85 -0.65 -2.94
C ALA A 27 -2.20 0.71 -3.48
N LYS A 28 -2.90 1.52 -2.64
CA LYS A 28 -3.50 2.79 -2.99
C LYS A 28 -2.88 3.75 -2.03
N CYS A 29 -2.57 4.98 -2.49
CA CYS A 29 -1.90 5.94 -1.63
C CYS A 29 -2.53 7.28 -1.89
N MET A 30 -3.29 7.76 -0.87
CA MET A 30 -4.05 8.98 -0.85
C MET A 30 -3.35 9.92 0.11
N ASN A 31 -2.94 11.16 -0.35
CA ASN A 31 -2.29 12.23 0.43
C ASN A 31 -0.82 11.94 0.63
N GLY A 32 -0.52 11.15 1.69
CA GLY A 32 0.78 10.60 1.94
C GLY A 32 0.60 9.55 2.99
N LYS A 33 -0.38 8.62 2.82
CA LYS A 33 -0.62 7.48 3.70
C LYS A 33 -1.21 6.38 2.84
N CYS A 34 -0.89 5.11 3.22
CA CYS A 34 -0.99 3.90 2.42
C CYS A 34 -2.18 3.08 2.86
N LYS A 35 -2.74 2.29 1.89
CA LYS A 35 -3.84 1.38 2.06
C LYS A 35 -3.45 0.11 1.36
N CYS A 36 -3.78 -1.05 1.98
CA CYS A 36 -3.52 -2.37 1.43
C CYS A 36 -4.83 -3.11 1.31
N TYR A 37 -5.13 -3.60 0.09
CA TYR A 37 -6.30 -4.35 -0.26
C TYR A 37 -5.79 -5.63 -0.90
N ASN A 38 -6.68 -6.36 -1.63
CA ASN A 38 -6.36 -7.61 -2.31
C ASN A 38 -6.91 -7.49 -3.71
N ASN A 39 -6.30 -6.62 -4.55
CA ASN A 39 -6.66 -6.45 -5.95
C ASN A 39 -5.83 -7.43 -6.81
N NH2 A 40 -4.58 -7.04 -7.18
HN1 NH2 A 40 -4.23 -6.12 -6.95
HN2 NH2 A 40 -4.00 -7.65 -7.72
N THR A 1 -7.76 -3.24 4.36
CA THR A 1 -7.16 -2.49 5.49
C THR A 1 -6.56 -1.19 4.98
N ILE A 2 -6.34 -0.23 5.92
CA ILE A 2 -5.67 1.03 5.70
C ILE A 2 -4.56 1.01 6.74
N ILE A 3 -3.28 1.01 6.26
CA ILE A 3 -2.07 0.91 7.07
C ILE A 3 -1.45 2.29 7.27
N ASN A 4 -0.31 2.36 8.01
CA ASN A 4 0.33 3.59 8.43
C ASN A 4 1.76 3.58 7.93
N VAL A 5 1.92 3.73 6.59
CA VAL A 5 3.19 3.88 5.88
C VAL A 5 2.99 5.09 5.05
N LYS A 6 3.97 6.05 5.06
CA LYS A 6 3.92 7.34 4.39
C LYS A 6 4.35 7.18 2.94
N CYS A 7 3.67 7.92 2.01
CA CYS A 7 3.81 7.71 0.59
C CYS A 7 3.64 9.03 -0.12
N THR A 8 4.14 9.07 -1.38
CA THR A 8 3.94 10.13 -2.34
C THR A 8 3.56 9.49 -3.68
N SER A 9 3.48 8.13 -3.74
CA SER A 9 3.22 7.36 -4.95
C SER A 9 2.55 6.07 -4.50
N PRO A 10 1.78 5.32 -5.34
CA PRO A 10 1.30 3.97 -5.03
C PRO A 10 2.38 2.87 -5.08
N LYS A 11 3.56 3.16 -5.71
CA LYS A 11 4.77 2.32 -5.69
C LYS A 11 5.65 2.51 -4.46
N GLN A 12 5.27 3.42 -3.52
CA GLN A 12 5.84 3.65 -2.21
C GLN A 12 4.98 2.97 -1.15
N CYS A 13 3.88 2.32 -1.60
CA CYS A 13 2.84 1.72 -0.80
C CYS A 13 2.71 0.26 -1.19
N SER A 14 3.28 -0.20 -2.36
CA SER A 14 3.34 -1.60 -2.78
C SER A 14 4.58 -2.28 -2.22
N LYS A 15 5.37 -1.54 -1.40
CA LYS A 15 6.48 -1.95 -0.57
C LYS A 15 6.00 -2.64 0.72
N PRO A 16 5.18 -2.04 1.64
CA PRO A 16 4.61 -2.70 2.81
C PRO A 16 3.50 -3.71 2.47
N CYS A 17 2.61 -3.45 1.47
CA CYS A 17 1.47 -4.27 1.07
C CYS A 17 1.84 -5.55 0.33
N LYS A 18 3.00 -5.60 -0.39
CA LYS A 18 3.58 -6.81 -0.98
C LYS A 18 4.51 -7.53 -0.02
N GLU A 19 4.84 -6.90 1.13
CA GLU A 19 5.48 -7.51 2.29
C GLU A 19 4.46 -8.15 3.24
N LEU A 20 3.17 -7.71 3.13
CA LEU A 20 1.99 -8.17 3.87
C LEU A 20 1.27 -9.28 3.11
N TYR A 21 0.68 -8.92 1.94
CA TYR A 21 -0.28 -9.67 1.15
C TYR A 21 0.39 -10.44 0.03
N GLY A 22 1.72 -10.19 -0.22
CA GLY A 22 2.59 -11.03 -1.03
C GLY A 22 2.77 -10.53 -2.43
N SER A 23 1.76 -10.81 -3.30
CA SER A 23 1.75 -10.51 -4.72
C SER A 23 0.31 -10.24 -5.09
N SER A 24 -0.62 -10.45 -4.13
CA SER A 24 -2.06 -10.22 -4.24
C SER A 24 -2.35 -8.98 -3.41
N ALA A 25 -1.76 -7.84 -3.83
CA ALA A 25 -1.84 -6.54 -3.18
C ALA A 25 -2.33 -5.57 -4.21
N GLY A 26 -3.21 -4.64 -3.77
CA GLY A 26 -3.70 -3.48 -4.53
C GLY A 26 -2.74 -2.33 -4.43
N ALA A 27 -2.75 -1.63 -3.26
CA ALA A 27 -1.77 -0.62 -2.83
C ALA A 27 -2.13 0.74 -3.38
N LYS A 28 -2.78 1.59 -2.55
CA LYS A 28 -3.35 2.86 -2.95
C LYS A 28 -2.75 3.87 -2.04
N CYS A 29 -2.44 5.05 -2.59
CA CYS A 29 -1.78 6.14 -1.90
C CYS A 29 -2.74 7.30 -1.85
N MET A 30 -2.99 7.79 -0.61
CA MET A 30 -3.71 9.00 -0.28
C MET A 30 -2.64 9.93 0.24
N ASN A 31 -1.77 10.45 -0.69
CA ASN A 31 -0.53 11.24 -0.62
C ASN A 31 -0.07 11.76 0.73
N GLY A 32 0.43 10.81 1.56
CA GLY A 32 0.66 11.00 2.95
C GLY A 32 0.63 9.68 3.67
N LYS A 33 -0.27 8.72 3.27
CA LYS A 33 -0.43 7.43 3.94
C LYS A 33 -0.98 6.45 2.94
N CYS A 34 -0.75 5.14 3.24
CA CYS A 34 -0.88 3.97 2.39
C CYS A 34 -2.11 3.18 2.80
N LYS A 35 -2.67 2.41 1.82
CA LYS A 35 -3.76 1.48 1.98
C LYS A 35 -3.31 0.19 1.35
N CYS A 36 -3.76 -0.97 1.90
CA CYS A 36 -3.50 -2.29 1.34
C CYS A 36 -4.82 -2.97 1.08
N TYR A 37 -5.02 -3.36 -0.20
CA TYR A 37 -6.18 -4.07 -0.70
C TYR A 37 -5.66 -5.42 -1.17
N ASN A 38 -6.57 -6.26 -1.73
CA ASN A 38 -6.28 -7.61 -2.20
C ASN A 38 -6.67 -7.63 -3.66
N ASN A 39 -5.68 -7.45 -4.56
CA ASN A 39 -5.86 -7.47 -6.00
C ASN A 39 -4.70 -8.31 -6.56
N NH2 A 40 -4.98 -9.63 -6.80
HN1 NH2 A 40 -4.27 -10.23 -7.17
HN2 NH2 A 40 -5.89 -9.99 -6.62
N THR A 1 -7.19 -2.94 6.83
CA THR A 1 -7.07 -2.77 5.35
C THR A 1 -6.51 -1.41 4.98
N ILE A 2 -6.26 -0.51 5.98
CA ILE A 2 -5.67 0.80 5.85
C ILE A 2 -4.52 0.77 6.82
N ILE A 3 -3.27 0.94 6.31
CA ILE A 3 -2.03 0.96 7.10
C ILE A 3 -1.53 2.38 7.20
N ASN A 4 -0.30 2.58 7.77
CA ASN A 4 0.29 3.89 8.00
C ASN A 4 1.74 3.83 7.55
N VAL A 5 1.96 3.89 6.21
CA VAL A 5 3.24 4.01 5.56
C VAL A 5 3.13 5.27 4.76
N LYS A 6 4.06 6.25 5.02
CA LYS A 6 4.08 7.60 4.50
C LYS A 6 4.65 7.62 3.09
N CYS A 7 4.00 8.34 2.13
CA CYS A 7 4.23 8.14 0.72
C CYS A 7 4.11 9.45 -0.03
N THR A 8 4.25 9.37 -1.37
CA THR A 8 3.88 10.41 -2.32
C THR A 8 3.59 9.69 -3.63
N SER A 9 3.19 8.39 -3.56
CA SER A 9 3.06 7.51 -4.70
C SER A 9 2.44 6.20 -4.23
N PRO A 10 1.65 5.46 -5.06
CA PRO A 10 1.24 4.06 -4.83
C PRO A 10 2.38 3.03 -4.92
N LYS A 11 3.56 3.37 -5.51
CA LYS A 11 4.78 2.59 -5.51
C LYS A 11 5.69 2.85 -4.30
N GLN A 12 5.20 3.64 -3.30
CA GLN A 12 5.77 3.79 -1.97
C GLN A 12 4.77 3.19 -0.99
N CYS A 13 3.99 2.21 -1.49
CA CYS A 13 2.91 1.55 -0.79
C CYS A 13 2.80 0.10 -1.24
N SER A 14 3.34 -0.33 -2.43
CA SER A 14 3.36 -1.72 -2.90
C SER A 14 4.56 -2.48 -2.35
N LYS A 15 5.39 -1.80 -1.52
CA LYS A 15 6.48 -2.31 -0.71
C LYS A 15 5.95 -2.91 0.60
N PRO A 16 5.18 -2.23 1.50
CA PRO A 16 4.55 -2.82 2.68
C PRO A 16 3.40 -3.78 2.35
N CYS A 17 2.51 -3.48 1.37
CA CYS A 17 1.34 -4.26 0.97
C CYS A 17 1.66 -5.59 0.27
N LYS A 18 2.79 -5.69 -0.48
CA LYS A 18 3.29 -6.94 -1.08
C LYS A 18 4.20 -7.72 -0.14
N GLU A 19 4.57 -7.10 1.02
CA GLU A 19 5.20 -7.76 2.17
C GLU A 19 4.15 -8.32 3.13
N LEU A 20 2.89 -7.80 3.06
CA LEU A 20 1.72 -8.18 3.83
C LEU A 20 0.90 -9.24 3.11
N TYR A 21 0.29 -8.86 1.94
CA TYR A 21 -0.72 -9.57 1.19
C TYR A 21 -0.11 -10.38 0.05
N GLY A 22 1.21 -10.18 -0.25
CA GLY A 22 2.02 -11.06 -1.07
C GLY A 22 2.20 -10.59 -2.49
N SER A 23 1.17 -10.83 -3.33
CA SER A 23 1.15 -10.57 -4.75
C SER A 23 -0.26 -10.18 -5.13
N SER A 24 -1.22 -10.37 -4.18
CA SER A 24 -2.63 -10.01 -4.28
C SER A 24 -2.80 -8.80 -3.38
N ALA A 25 -2.22 -7.64 -3.79
CA ALA A 25 -2.16 -6.41 -3.05
C ALA A 25 -2.70 -5.33 -3.96
N GLY A 26 -3.74 -4.59 -3.47
CA GLY A 26 -4.28 -3.40 -4.08
C GLY A 26 -3.76 -2.23 -3.30
N ALA A 27 -2.56 -1.73 -3.69
CA ALA A 27 -1.81 -0.71 -2.97
C ALA A 27 -2.15 0.65 -3.53
N LYS A 28 -2.81 1.48 -2.68
CA LYS A 28 -3.38 2.77 -3.03
C LYS A 28 -2.74 3.71 -2.07
N CYS A 29 -2.48 4.96 -2.50
CA CYS A 29 -1.79 5.90 -1.63
C CYS A 29 -2.34 7.26 -1.93
N MET A 30 -3.00 7.87 -0.91
CA MET A 30 -3.69 9.13 -0.97
C MET A 30 -3.02 10.00 0.08
N ASN A 31 -2.53 11.24 -0.30
CA ASN A 31 -1.96 12.28 0.57
C ASN A 31 -0.52 11.95 0.93
N GLY A 32 -0.36 11.13 1.99
CA GLY A 32 0.89 10.56 2.38
C GLY A 32 0.60 9.48 3.37
N LYS A 33 -0.34 8.54 3.05
CA LYS A 33 -0.58 7.33 3.81
C LYS A 33 -1.11 6.29 2.86
N CYS A 34 -0.81 5.00 3.20
CA CYS A 34 -0.90 3.81 2.38
C CYS A 34 -2.10 3.00 2.82
N LYS A 35 -2.67 2.22 1.85
CA LYS A 35 -3.81 1.35 2.02
C LYS A 35 -3.44 0.08 1.31
N CYS A 36 -3.76 -1.08 1.93
CA CYS A 36 -3.46 -2.40 1.41
C CYS A 36 -4.75 -3.18 1.34
N TYR A 37 -5.22 -3.44 0.10
CA TYR A 37 -6.41 -4.17 -0.26
C TYR A 37 -5.97 -5.50 -0.84
N ASN A 38 -6.86 -6.18 -1.60
CA ASN A 38 -6.62 -7.47 -2.23
C ASN A 38 -7.04 -7.30 -3.68
N ASN A 39 -6.06 -7.06 -4.58
CA ASN A 39 -6.25 -6.98 -6.01
C ASN A 39 -5.09 -7.79 -6.62
N NH2 A 40 -3.99 -7.09 -7.06
HN1 NH2 A 40 -3.97 -6.10 -7.02
HN2 NH2 A 40 -3.22 -7.59 -7.46
N THR A 1 -8.24 -2.80 4.72
CA THR A 1 -7.03 -3.05 5.57
C THR A 1 -6.03 -1.96 5.30
N ILE A 2 -6.13 -0.82 6.03
CA ILE A 2 -5.40 0.41 5.80
C ILE A 2 -4.33 0.50 6.87
N ILE A 3 -3.06 0.71 6.41
CA ILE A 3 -1.85 0.74 7.22
C ILE A 3 -1.37 2.18 7.36
N ASN A 4 -0.17 2.39 7.98
CA ASN A 4 0.41 3.69 8.27
C ASN A 4 1.83 3.68 7.77
N VAL A 5 1.99 3.88 6.43
CA VAL A 5 3.27 4.04 5.75
C VAL A 5 3.08 5.27 4.92
N LYS A 6 4.02 6.27 5.07
CA LYS A 6 3.99 7.57 4.42
C LYS A 6 4.51 7.46 2.99
N CYS A 7 3.77 8.05 2.01
CA CYS A 7 3.97 7.78 0.60
C CYS A 7 3.80 9.08 -0.16
N THR A 8 4.14 9.03 -1.48
CA THR A 8 3.95 10.10 -2.44
C THR A 8 3.79 9.42 -3.79
N SER A 9 3.39 8.13 -3.79
CA SER A 9 3.28 7.27 -4.94
C SER A 9 2.59 6.01 -4.46
N PRO A 10 1.78 5.27 -5.26
CA PRO A 10 1.28 3.93 -4.91
C PRO A 10 2.34 2.82 -4.94
N LYS A 11 3.53 3.05 -5.58
CA LYS A 11 4.71 2.19 -5.57
C LYS A 11 5.56 2.30 -4.30
N GLN A 12 5.32 3.32 -3.42
CA GLN A 12 5.88 3.51 -2.09
C GLN A 12 5.00 2.81 -1.05
N CYS A 13 3.84 2.27 -1.51
CA CYS A 13 2.82 1.63 -0.73
C CYS A 13 2.70 0.18 -1.19
N SER A 14 3.32 -0.22 -2.34
CA SER A 14 3.45 -1.59 -2.83
C SER A 14 4.70 -2.24 -2.26
N LYS A 15 5.44 -1.50 -1.39
CA LYS A 15 6.56 -1.91 -0.57
C LYS A 15 6.08 -2.60 0.72
N PRO A 16 5.26 -1.99 1.63
CA PRO A 16 4.67 -2.66 2.79
C PRO A 16 3.57 -3.66 2.45
N CYS A 17 2.66 -3.39 1.46
CA CYS A 17 1.56 -4.23 1.03
C CYS A 17 1.97 -5.46 0.22
N LYS A 18 3.18 -5.49 -0.45
CA LYS A 18 3.80 -6.70 -0.99
C LYS A 18 4.68 -7.45 -0.02
N GLU A 19 4.96 -6.82 1.17
CA GLU A 19 5.58 -7.45 2.34
C GLU A 19 4.53 -8.10 3.24
N LEU A 20 3.24 -7.67 3.08
CA LEU A 20 2.05 -8.15 3.78
C LEU A 20 1.30 -9.16 2.93
N TYR A 21 0.65 -8.66 1.84
CA TYR A 21 -0.30 -9.33 0.97
C TYR A 21 0.37 -9.63 -0.37
N GLY A 22 1.64 -10.11 -0.36
CA GLY A 22 2.52 -10.27 -1.50
C GLY A 22 2.28 -11.46 -2.37
N SER A 23 1.38 -11.28 -3.38
CA SER A 23 1.06 -12.24 -4.41
C SER A 23 0.26 -11.43 -5.40
N SER A 24 -0.89 -10.89 -4.93
CA SER A 24 -1.80 -10.08 -5.69
C SER A 24 -2.18 -8.95 -4.74
N ALA A 25 -1.23 -8.03 -4.44
CA ALA A 25 -1.41 -6.85 -3.60
C ALA A 25 -1.95 -5.68 -4.40
N GLY A 26 -2.90 -4.94 -3.78
CA GLY A 26 -3.35 -3.64 -4.19
C GLY A 26 -2.78 -2.67 -3.20
N ALA A 27 -2.56 -1.41 -3.65
CA ALA A 27 -1.85 -0.43 -2.88
C ALA A 27 -2.33 0.89 -3.39
N LYS A 28 -2.90 1.74 -2.49
CA LYS A 28 -3.42 3.04 -2.83
C LYS A 28 -2.72 4.02 -1.92
N CYS A 29 -2.37 5.21 -2.47
CA CYS A 29 -1.71 6.28 -1.77
C CYS A 29 -2.68 7.44 -1.79
N MET A 30 -3.34 7.68 -0.63
CA MET A 30 -4.30 8.73 -0.38
C MET A 30 -3.59 9.70 0.57
N ASN A 31 -3.43 11.02 0.20
CA ASN A 31 -2.74 12.10 0.92
C ASN A 31 -1.23 11.93 1.01
N GLY A 32 -0.79 11.06 1.93
CA GLY A 32 0.56 10.60 2.06
C GLY A 32 0.54 9.54 3.11
N LYS A 33 -0.33 8.52 2.91
CA LYS A 33 -0.50 7.37 3.79
C LYS A 33 -1.03 6.28 2.91
N CYS A 34 -0.72 5.01 3.31
CA CYS A 34 -0.81 3.81 2.50
C CYS A 34 -2.01 3.01 2.94
N LYS A 35 -2.70 2.42 1.93
CA LYS A 35 -3.78 1.48 2.07
C LYS A 35 -3.33 0.21 1.41
N CYS A 36 -3.78 -0.96 1.94
CA CYS A 36 -3.57 -2.25 1.32
C CYS A 36 -4.93 -2.80 0.98
N TYR A 37 -4.99 -3.50 -0.17
CA TYR A 37 -6.18 -4.03 -0.78
C TYR A 37 -5.84 -5.46 -1.15
N ASN A 38 -6.90 -6.31 -1.20
CA ASN A 38 -6.83 -7.75 -1.46
C ASN A 38 -7.50 -7.98 -2.79
N ASN A 39 -6.68 -8.19 -3.85
CA ASN A 39 -7.13 -8.47 -5.20
C ASN A 39 -6.95 -9.99 -5.40
N NH2 A 40 -7.69 -10.54 -6.43
HN1 NH2 A 40 -7.61 -11.52 -6.62
HN2 NH2 A 40 -8.29 -9.96 -6.97
N THR A 1 -8.67 -2.70 4.58
CA THR A 1 -7.46 -2.53 5.44
C THR A 1 -6.76 -1.30 4.96
N ILE A 2 -6.45 -0.37 5.91
CA ILE A 2 -5.69 0.83 5.70
C ILE A 2 -4.60 0.75 6.76
N ILE A 3 -3.31 0.85 6.31
CA ILE A 3 -2.11 0.78 7.14
C ILE A 3 -1.57 2.20 7.36
N ASN A 4 -0.35 2.33 7.94
CA ASN A 4 0.25 3.61 8.29
C ASN A 4 1.70 3.59 7.85
N VAL A 5 1.91 3.76 6.51
CA VAL A 5 3.21 3.92 5.88
C VAL A 5 3.04 5.14 5.02
N LYS A 6 4.03 6.08 5.08
CA LYS A 6 4.03 7.36 4.39
C LYS A 6 4.48 7.18 2.94
N CYS A 7 3.76 7.82 1.98
CA CYS A 7 3.90 7.57 0.56
C CYS A 7 3.80 8.89 -0.13
N THR A 8 3.90 8.82 -1.47
CA THR A 8 4.18 9.86 -2.41
C THR A 8 3.54 9.29 -3.66
N SER A 9 3.94 8.04 -3.99
CA SER A 9 3.49 7.23 -5.11
C SER A 9 2.70 6.05 -4.55
N PRO A 10 1.84 5.33 -5.32
CA PRO A 10 1.29 4.02 -4.95
C PRO A 10 2.30 2.87 -4.98
N LYS A 11 3.49 3.03 -5.64
CA LYS A 11 4.65 2.16 -5.61
C LYS A 11 5.48 2.26 -4.31
N GLN A 12 5.28 3.34 -3.50
CA GLN A 12 5.87 3.59 -2.18
C GLN A 12 4.99 2.99 -1.09
N CYS A 13 3.83 2.42 -1.52
CA CYS A 13 2.81 1.78 -0.72
C CYS A 13 2.71 0.32 -1.18
N SER A 14 3.32 -0.08 -2.33
CA SER A 14 3.42 -1.47 -2.82
C SER A 14 4.65 -2.16 -2.22
N LYS A 15 5.43 -1.42 -1.39
CA LYS A 15 6.53 -1.85 -0.55
C LYS A 15 6.02 -2.55 0.73
N PRO A 16 5.20 -1.95 1.63
CA PRO A 16 4.62 -2.61 2.80
C PRO A 16 3.51 -3.61 2.46
N CYS A 17 2.62 -3.36 1.45
CA CYS A 17 1.52 -4.21 1.01
C CYS A 17 1.96 -5.49 0.30
N LYS A 18 3.14 -5.52 -0.38
CA LYS A 18 3.78 -6.71 -0.94
C LYS A 18 4.68 -7.43 0.05
N GLU A 19 4.93 -6.79 1.22
CA GLU A 19 5.54 -7.39 2.41
C GLU A 19 4.49 -8.04 3.31
N LEU A 20 3.19 -7.63 3.15
CA LEU A 20 2.01 -8.11 3.84
C LEU A 20 1.31 -9.21 3.06
N TYR A 21 0.74 -8.84 1.88
CA TYR A 21 -0.18 -9.61 1.04
C TYR A 21 0.56 -10.38 -0.04
N GLY A 22 1.88 -10.09 -0.25
CA GLY A 22 2.81 -10.93 -0.99
C GLY A 22 3.06 -10.45 -2.40
N SER A 23 2.14 -10.78 -3.31
CA SER A 23 2.22 -10.54 -4.75
C SER A 23 0.81 -10.32 -5.24
N SER A 24 -0.20 -10.55 -4.36
CA SER A 24 -1.62 -10.33 -4.57
C SER A 24 -1.97 -9.13 -3.69
N ALA A 25 -1.34 -7.97 -4.03
CA ALA A 25 -1.40 -6.74 -3.28
C ALA A 25 -1.93 -5.67 -4.18
N GLY A 26 -2.94 -4.92 -3.66
CA GLY A 26 -3.36 -3.62 -4.14
C GLY A 26 -2.79 -2.63 -3.19
N ALA A 27 -2.55 -1.39 -3.65
CA ALA A 27 -1.84 -0.39 -2.90
C ALA A 27 -2.32 0.92 -3.42
N LYS A 28 -2.93 1.75 -2.54
CA LYS A 28 -3.51 3.03 -2.88
C LYS A 28 -2.82 4.02 -1.97
N CYS A 29 -2.45 5.19 -2.53
CA CYS A 29 -1.77 6.26 -1.84
C CYS A 29 -2.69 7.46 -1.89
N MET A 30 -3.31 7.77 -0.71
CA MET A 30 -4.18 8.90 -0.47
C MET A 30 -3.41 9.81 0.46
N ASN A 31 -3.15 11.12 0.07
CA ASN A 31 -2.42 12.18 0.80
C ASN A 31 -0.93 11.92 0.91
N GLY A 32 -0.54 11.06 1.87
CA GLY A 32 0.79 10.54 2.01
C GLY A 32 0.70 9.52 3.09
N LYS A 33 -0.23 8.54 2.92
CA LYS A 33 -0.44 7.41 3.80
C LYS A 33 -1.02 6.32 2.93
N CYS A 34 -0.73 5.05 3.32
CA CYS A 34 -0.85 3.86 2.52
C CYS A 34 -2.08 3.07 2.93
N LYS A 35 -2.72 2.43 1.92
CA LYS A 35 -3.82 1.52 2.04
C LYS A 35 -3.38 0.24 1.39
N CYS A 36 -3.83 -0.91 1.93
CA CYS A 36 -3.53 -2.23 1.35
C CYS A 36 -4.81 -2.95 1.07
N TYR A 37 -4.92 -3.43 -0.18
CA TYR A 37 -6.02 -4.14 -0.77
C TYR A 37 -5.43 -5.45 -1.27
N ASN A 38 -6.19 -6.18 -2.13
CA ASN A 38 -5.79 -7.42 -2.75
C ASN A 38 -6.09 -7.26 -4.23
N ASN A 39 -5.08 -7.55 -5.09
CA ASN A 39 -5.23 -7.63 -6.53
C ASN A 39 -5.03 -9.12 -6.89
N NH2 A 40 -6.14 -9.91 -6.82
HN1 NH2 A 40 -6.07 -10.89 -7.03
HN2 NH2 A 40 -7.01 -9.51 -6.54
N THR A 1 -8.21 -2.98 3.97
CA THR A 1 -7.57 -2.32 5.16
C THR A 1 -6.86 -1.06 4.74
N ILE A 2 -6.54 -0.20 5.74
CA ILE A 2 -5.76 1.01 5.61
C ILE A 2 -4.67 0.87 6.65
N ILE A 3 -3.38 0.97 6.21
CA ILE A 3 -2.18 0.92 7.05
C ILE A 3 -1.63 2.33 7.21
N ASN A 4 -0.41 2.48 7.81
CA ASN A 4 0.21 3.76 8.11
C ASN A 4 1.64 3.69 7.64
N VAL A 5 1.86 3.96 6.33
CA VAL A 5 3.17 4.09 5.69
C VAL A 5 3.06 5.35 4.88
N LYS A 6 4.02 6.30 5.12
CA LYS A 6 4.12 7.61 4.48
C LYS A 6 4.68 7.49 3.08
N CYS A 7 4.11 8.25 2.11
CA CYS A 7 4.33 8.00 0.69
C CYS A 7 4.34 9.30 -0.06
N THR A 8 4.56 9.18 -1.39
CA THR A 8 4.42 10.22 -2.40
C THR A 8 4.03 9.52 -3.70
N SER A 9 3.52 8.26 -3.62
CA SER A 9 3.24 7.40 -4.76
C SER A 9 2.51 6.16 -4.24
N PRO A 10 1.70 5.45 -5.06
CA PRO A 10 1.22 4.08 -4.80
C PRO A 10 2.29 2.98 -4.89
N LYS A 11 3.47 3.23 -5.54
CA LYS A 11 4.65 2.36 -5.58
C LYS A 11 5.49 2.37 -4.30
N GLN A 12 5.30 3.40 -3.42
CA GLN A 12 5.87 3.55 -2.09
C GLN A 12 4.97 2.88 -1.04
N CYS A 13 3.81 2.37 -1.51
CA CYS A 13 2.79 1.68 -0.75
C CYS A 13 2.71 0.24 -1.23
N SER A 14 3.33 -0.13 -2.39
CA SER A 14 3.44 -1.48 -2.93
C SER A 14 4.64 -2.21 -2.33
N LYS A 15 5.44 -1.50 -1.51
CA LYS A 15 6.52 -1.95 -0.67
C LYS A 15 6.01 -2.61 0.63
N PRO A 16 5.19 -1.98 1.52
CA PRO A 16 4.58 -2.62 2.69
C PRO A 16 3.48 -3.62 2.35
N CYS A 17 2.57 -3.35 1.36
CA CYS A 17 1.44 -4.18 0.96
C CYS A 17 1.82 -5.46 0.24
N LYS A 18 2.99 -5.52 -0.49
CA LYS A 18 3.56 -6.74 -1.07
C LYS A 18 4.46 -7.48 -0.11
N GLU A 19 4.81 -6.84 1.05
CA GLU A 19 5.45 -7.48 2.22
C GLU A 19 4.41 -8.09 3.16
N LEU A 20 3.13 -7.65 3.04
CA LEU A 20 1.95 -8.10 3.77
C LEU A 20 1.21 -9.18 3.00
N TYR A 21 0.62 -8.81 1.84
CA TYR A 21 -0.35 -9.57 1.05
C TYR A 21 0.31 -10.33 -0.09
N GLY A 22 1.62 -10.10 -0.36
CA GLY A 22 2.47 -10.94 -1.18
C GLY A 22 2.66 -10.41 -2.58
N SER A 23 1.66 -10.66 -3.45
CA SER A 23 1.67 -10.35 -4.87
C SER A 23 0.24 -10.03 -5.26
N SER A 24 -0.72 -10.27 -4.33
CA SER A 24 -2.14 -9.99 -4.46
C SER A 24 -2.40 -8.80 -3.55
N ALA A 25 -1.84 -7.62 -3.93
CA ALA A 25 -1.84 -6.40 -3.16
C ALA A 25 -2.42 -5.33 -4.04
N GLY A 26 -3.47 -4.63 -3.54
CA GLY A 26 -4.06 -3.46 -4.14
C GLY A 26 -3.63 -2.27 -3.34
N ALA A 27 -2.46 -1.69 -3.71
CA ALA A 27 -1.81 -0.62 -3.00
C ALA A 27 -2.26 0.72 -3.57
N LYS A 28 -2.94 1.53 -2.71
CA LYS A 28 -3.56 2.79 -3.04
C LYS A 28 -2.90 3.73 -2.08
N CYS A 29 -2.59 4.97 -2.50
CA CYS A 29 -1.92 5.91 -1.61
C CYS A 29 -2.62 7.23 -1.75
N MET A 30 -3.30 7.65 -0.67
CA MET A 30 -4.15 8.82 -0.57
C MET A 30 -3.44 9.80 0.35
N ASN A 31 -3.08 11.03 -0.15
CA ASN A 31 -2.43 12.14 0.58
C ASN A 31 -0.94 11.88 0.76
N GLY A 32 -0.61 11.13 1.83
CA GLY A 32 0.72 10.63 2.08
C GLY A 32 0.59 9.56 3.11
N LYS A 33 -0.36 8.61 2.93
CA LYS A 33 -0.53 7.42 3.76
C LYS A 33 -1.12 6.34 2.89
N CYS A 34 -0.84 5.07 3.26
CA CYS A 34 -0.94 3.86 2.45
C CYS A 34 -2.17 3.06 2.85
N LYS A 35 -2.70 2.29 1.86
CA LYS A 35 -3.85 1.41 1.96
C LYS A 35 -3.43 0.13 1.30
N CYS A 36 -3.86 -1.01 1.87
CA CYS A 36 -3.57 -2.34 1.35
C CYS A 36 -4.87 -3.08 1.20
N TYR A 37 -5.14 -3.58 -0.03
CA TYR A 37 -6.29 -4.32 -0.43
C TYR A 37 -5.78 -5.64 -0.98
N ASN A 38 -6.65 -6.39 -1.70
CA ASN A 38 -6.33 -7.66 -2.34
C ASN A 38 -6.75 -7.53 -3.78
N ASN A 39 -5.80 -7.12 -4.66
CA ASN A 39 -5.99 -7.02 -6.09
C ASN A 39 -4.76 -7.70 -6.72
N NH2 A 40 -3.74 -6.90 -7.16
HN1 NH2 A 40 -3.83 -5.90 -7.09
HN2 NH2 A 40 -2.93 -7.30 -7.57
N THR A 1 -7.99 -3.09 4.08
CA THR A 1 -7.40 -2.40 5.27
C THR A 1 -6.74 -1.10 4.89
N ILE A 2 -6.47 -0.25 5.91
CA ILE A 2 -5.77 1.01 5.82
C ILE A 2 -4.63 0.86 6.80
N ILE A 3 -3.36 0.96 6.31
CA ILE A 3 -2.13 0.91 7.10
C ILE A 3 -1.58 2.32 7.25
N ASN A 4 -0.34 2.47 7.81
CA ASN A 4 0.27 3.75 8.09
C ASN A 4 1.71 3.70 7.62
N VAL A 5 1.91 3.86 6.29
CA VAL A 5 3.20 3.99 5.63
C VAL A 5 3.07 5.24 4.81
N LYS A 6 4.03 6.19 5.01
CA LYS A 6 4.02 7.54 4.48
C LYS A 6 4.69 7.54 3.11
N CYS A 7 4.03 8.13 2.09
CA CYS A 7 4.34 7.90 0.68
C CYS A 7 4.39 9.22 -0.04
N THR A 8 4.56 9.15 -1.39
CA THR A 8 4.36 10.22 -2.33
C THR A 8 3.96 9.55 -3.64
N SER A 9 3.42 8.30 -3.57
CA SER A 9 3.19 7.43 -4.70
C SER A 9 2.47 6.18 -4.22
N PRO A 10 1.66 5.47 -5.05
CA PRO A 10 1.20 4.10 -4.82
C PRO A 10 2.28 3.02 -4.90
N LYS A 11 3.46 3.30 -5.52
CA LYS A 11 4.65 2.46 -5.59
C LYS A 11 5.55 2.52 -4.35
N GLN A 12 5.27 3.46 -3.39
CA GLN A 12 5.88 3.56 -2.07
C GLN A 12 4.93 2.97 -1.03
N CYS A 13 3.81 2.36 -1.52
CA CYS A 13 2.78 1.68 -0.77
C CYS A 13 2.71 0.23 -1.24
N SER A 14 3.33 -0.13 -2.41
CA SER A 14 3.47 -1.49 -2.93
C SER A 14 4.69 -2.18 -2.33
N LYS A 15 5.42 -1.46 -1.43
CA LYS A 15 6.50 -1.89 -0.59
C LYS A 15 5.97 -2.60 0.68
N PRO A 16 5.15 -2.00 1.59
CA PRO A 16 4.53 -2.67 2.73
C PRO A 16 3.41 -3.64 2.34
N CYS A 17 2.54 -3.32 1.33
CA CYS A 17 1.41 -4.11 0.86
C CYS A 17 1.81 -5.36 0.09
N LYS A 18 2.99 -5.40 -0.60
CA LYS A 18 3.57 -6.61 -1.18
C LYS A 18 4.45 -7.39 -0.23
N GLU A 19 4.71 -6.81 0.97
CA GLU A 19 5.29 -7.49 2.13
C GLU A 19 4.21 -8.12 3.01
N LEU A 20 2.93 -7.66 2.86
CA LEU A 20 1.73 -8.10 3.56
C LEU A 20 0.96 -9.08 2.69
N TYR A 21 0.29 -8.53 1.65
CA TYR A 21 -0.64 -9.16 0.72
C TYR A 21 0.06 -9.41 -0.61
N GLY A 22 1.31 -9.95 -0.60
CA GLY A 22 2.20 -10.09 -1.75
C GLY A 22 1.91 -11.21 -2.71
N SER A 23 0.94 -10.95 -3.62
CA SER A 23 0.50 -11.80 -4.71
C SER A 23 -0.67 -11.06 -5.32
N SER A 24 -1.59 -10.60 -4.44
CA SER A 24 -2.82 -9.92 -4.75
C SER A 24 -2.84 -8.72 -3.82
N ALA A 25 -2.03 -7.67 -4.12
CA ALA A 25 -1.95 -6.43 -3.35
C ALA A 25 -2.58 -5.32 -4.16
N GLY A 26 -3.67 -4.68 -3.61
CA GLY A 26 -4.26 -3.47 -4.16
C GLY A 26 -3.78 -2.30 -3.35
N ALA A 27 -2.59 -1.76 -3.73
CA ALA A 27 -1.88 -0.73 -3.00
C ALA A 27 -2.24 0.64 -3.55
N LYS A 28 -2.90 1.47 -2.68
CA LYS A 28 -3.48 2.74 -3.02
C LYS A 28 -2.85 3.71 -2.06
N CYS A 29 -2.57 4.95 -2.51
CA CYS A 29 -1.91 5.92 -1.65
C CYS A 29 -2.56 7.25 -1.90
N MET A 30 -3.28 7.74 -0.85
CA MET A 30 -4.05 8.97 -0.82
C MET A 30 -3.33 9.88 0.17
N ASN A 31 -2.93 11.13 -0.24
CA ASN A 31 -2.29 12.17 0.57
C ASN A 31 -0.81 11.89 0.74
N GLY A 32 -0.50 11.09 1.78
CA GLY A 32 0.81 10.52 2.00
C GLY A 32 0.65 9.47 3.05
N LYS A 33 -0.35 8.55 2.89
CA LYS A 33 -0.59 7.41 3.77
C LYS A 33 -1.16 6.32 2.90
N CYS A 34 -0.85 5.04 3.25
CA CYS A 34 -0.95 3.85 2.43
C CYS A 34 -2.15 3.03 2.86
N LYS A 35 -2.72 2.27 1.88
CA LYS A 35 -3.85 1.38 2.02
C LYS A 35 -3.46 0.11 1.32
N CYS A 36 -3.74 -1.06 1.98
CA CYS A 36 -3.47 -2.39 1.44
C CYS A 36 -4.77 -3.13 1.35
N TYR A 37 -5.13 -3.54 0.12
CA TYR A 37 -6.33 -4.24 -0.24
C TYR A 37 -5.88 -5.52 -0.91
N ASN A 38 -6.81 -6.12 -1.71
CA ASN A 38 -6.56 -7.26 -2.58
C ASN A 38 -7.06 -6.84 -3.94
N ASN A 39 -6.48 -7.44 -5.01
CA ASN A 39 -6.88 -7.24 -6.39
C ASN A 39 -8.05 -8.19 -6.70
N NH2 A 40 -9.24 -7.60 -7.03
HN1 NH2 A 40 -10.03 -8.17 -7.25
HN2 NH2 A 40 -9.30 -6.60 -7.07
N THR A 1 -6.79 -2.95 6.97
CA THR A 1 -6.83 -2.76 5.50
C THR A 1 -6.37 -1.37 5.09
N ILE A 2 -6.14 -0.45 6.08
CA ILE A 2 -5.59 0.87 5.92
C ILE A 2 -4.41 0.86 6.87
N ILE A 3 -3.16 0.94 6.32
CA ILE A 3 -1.92 0.85 7.09
C ILE A 3 -1.32 2.24 7.30
N ASN A 4 -0.14 2.30 7.99
CA ASN A 4 0.56 3.51 8.37
C ASN A 4 1.93 3.44 7.76
N VAL A 5 2.01 3.74 6.43
CA VAL A 5 3.24 3.93 5.67
C VAL A 5 3.00 5.20 4.93
N LYS A 6 3.93 6.19 5.09
CA LYS A 6 3.87 7.53 4.55
C LYS A 6 4.50 7.52 3.16
N CYS A 7 3.91 8.27 2.20
CA CYS A 7 4.16 8.08 0.79
C CYS A 7 4.10 9.40 0.07
N THR A 8 4.24 9.33 -1.28
CA THR A 8 3.92 10.39 -2.22
C THR A 8 3.61 9.68 -3.54
N SER A 9 3.18 8.39 -3.49
CA SER A 9 3.05 7.52 -4.64
C SER A 9 2.40 6.21 -4.20
N PRO A 10 1.64 5.49 -5.04
CA PRO A 10 1.22 4.08 -4.85
C PRO A 10 2.36 3.06 -4.94
N LYS A 11 3.55 3.41 -5.50
CA LYS A 11 4.78 2.62 -5.51
C LYS A 11 5.66 2.83 -4.27
N GLN A 12 5.19 3.62 -3.27
CA GLN A 12 5.73 3.77 -1.93
C GLN A 12 4.71 3.18 -0.97
N CYS A 13 3.94 2.20 -1.49
CA CYS A 13 2.83 1.54 -0.82
C CYS A 13 2.74 0.10 -1.28
N SER A 14 3.27 -0.31 -2.47
CA SER A 14 3.30 -1.69 -2.97
C SER A 14 4.52 -2.44 -2.44
N LYS A 15 5.35 -1.75 -1.63
CA LYS A 15 6.47 -2.20 -0.83
C LYS A 15 5.98 -2.84 0.48
N PRO A 16 5.23 -2.19 1.42
CA PRO A 16 4.65 -2.80 2.62
C PRO A 16 3.51 -3.77 2.33
N CYS A 17 2.58 -3.48 1.37
CA CYS A 17 1.41 -4.26 0.99
C CYS A 17 1.71 -5.57 0.27
N LYS A 18 2.83 -5.66 -0.52
CA LYS A 18 3.33 -6.89 -1.12
C LYS A 18 4.28 -7.66 -0.21
N GLU A 19 4.66 -7.05 0.94
CA GLU A 19 5.30 -7.70 2.08
C GLU A 19 4.27 -8.30 3.05
N LEU A 20 3.00 -7.82 2.95
CA LEU A 20 1.83 -8.24 3.72
C LEU A 20 1.04 -9.31 2.98
N TYR A 21 0.42 -8.94 1.82
CA TYR A 21 -0.58 -9.67 1.06
C TYR A 21 0.04 -10.49 -0.06
N GLY A 22 1.36 -10.29 -0.34
CA GLY A 22 2.17 -11.19 -1.16
C GLY A 22 2.42 -10.65 -2.55
N SER A 23 1.41 -10.77 -3.43
CA SER A 23 1.48 -10.41 -4.84
C SER A 23 0.08 -10.08 -5.28
N SER A 24 -0.92 -10.31 -4.38
CA SER A 24 -2.32 -9.99 -4.53
C SER A 24 -2.59 -8.84 -3.57
N ALA A 25 -2.03 -7.64 -3.90
CA ALA A 25 -2.13 -6.43 -3.12
C ALA A 25 -2.66 -5.36 -4.02
N GLY A 26 -3.76 -4.69 -3.58
CA GLY A 26 -4.33 -3.50 -4.20
C GLY A 26 -3.86 -2.31 -3.41
N ALA A 27 -2.62 -1.84 -3.73
CA ALA A 27 -1.89 -0.83 -2.99
C ALA A 27 -2.20 0.54 -3.54
N LYS A 28 -2.85 1.38 -2.70
CA LYS A 28 -3.42 2.66 -3.06
C LYS A 28 -2.78 3.62 -2.12
N CYS A 29 -2.56 4.86 -2.57
CA CYS A 29 -1.89 5.83 -1.72
C CYS A 29 -2.48 7.16 -2.04
N MET A 30 -2.87 7.91 -0.97
CA MET A 30 -3.31 9.29 -1.01
C MET A 30 -2.18 10.05 -0.34
N ASN A 31 -1.12 10.41 -1.16
CA ASN A 31 0.13 11.15 -0.93
C ASN A 31 0.46 11.66 0.47
N GLY A 32 0.66 10.70 1.39
CA GLY A 32 0.62 10.97 2.80
C GLY A 32 0.54 9.67 3.54
N LYS A 33 -0.36 8.71 3.13
CA LYS A 33 -0.56 7.44 3.82
C LYS A 33 -1.09 6.41 2.84
N CYS A 34 -0.82 5.12 3.17
CA CYS A 34 -0.93 3.91 2.37
C CYS A 34 -2.11 3.09 2.82
N LYS A 35 -2.69 2.31 1.87
CA LYS A 35 -3.79 1.39 2.06
C LYS A 35 -3.39 0.11 1.36
N CYS A 36 -3.71 -1.06 1.99
CA CYS A 36 -3.43 -2.38 1.47
C CYS A 36 -4.73 -3.15 1.38
N TYR A 37 -5.16 -3.45 0.14
CA TYR A 37 -6.33 -4.22 -0.22
C TYR A 37 -5.82 -5.51 -0.85
N ASN A 38 -6.59 -6.10 -1.79
CA ASN A 38 -6.26 -7.30 -2.53
C ASN A 38 -6.61 -7.00 -3.97
N ASN A 39 -5.96 -7.73 -4.92
CA ASN A 39 -6.28 -7.70 -6.33
C ASN A 39 -7.40 -8.75 -6.57
N NH2 A 40 -8.56 -8.29 -7.13
HN1 NH2 A 40 -9.31 -8.92 -7.31
HN2 NH2 A 40 -8.64 -7.32 -7.36
N THR A 1 -8.30 -2.56 4.58
CA THR A 1 -7.26 -2.45 5.64
C THR A 1 -6.37 -1.30 5.24
N ILE A 2 -6.43 -0.18 6.03
CA ILE A 2 -5.67 1.03 5.81
C ILE A 2 -4.56 1.04 6.85
N ILE A 3 -3.29 1.03 6.35
CA ILE A 3 -2.06 0.96 7.14
C ILE A 3 -1.46 2.36 7.29
N ASN A 4 -0.26 2.45 7.92
CA ASN A 4 0.40 3.70 8.25
C ASN A 4 1.81 3.62 7.70
N VAL A 5 1.96 3.94 6.39
CA VAL A 5 3.23 4.06 5.69
C VAL A 5 3.08 5.32 4.89
N LYS A 6 4.05 6.27 5.07
CA LYS A 6 4.13 7.58 4.43
C LYS A 6 4.69 7.45 3.02
N CYS A 7 4.12 8.19 2.05
CA CYS A 7 4.35 7.97 0.63
C CYS A 7 4.34 9.29 -0.09
N THR A 8 4.75 9.22 -1.39
CA THR A 8 4.49 10.20 -2.43
C THR A 8 3.70 9.51 -3.54
N SER A 9 3.78 8.16 -3.65
CA SER A 9 3.29 7.36 -4.75
C SER A 9 2.56 6.12 -4.23
N PRO A 10 1.71 5.43 -5.04
CA PRO A 10 1.22 4.07 -4.79
C PRO A 10 2.28 2.97 -4.90
N LYS A 11 3.45 3.22 -5.54
CA LYS A 11 4.65 2.38 -5.60
C LYS A 11 5.53 2.44 -4.34
N GLN A 12 5.26 3.43 -3.41
CA GLN A 12 5.86 3.58 -2.10
C GLN A 12 4.92 3.00 -1.04
N CYS A 13 3.82 2.34 -1.53
CA CYS A 13 2.79 1.67 -0.76
C CYS A 13 2.71 0.23 -1.24
N SER A 14 3.34 -0.16 -2.40
CA SER A 14 3.46 -1.52 -2.91
C SER A 14 4.66 -2.22 -2.31
N LYS A 15 5.42 -1.50 -1.44
CA LYS A 15 6.51 -1.93 -0.61
C LYS A 15 6.01 -2.59 0.68
N PRO A 16 5.18 -1.99 1.58
CA PRO A 16 4.57 -2.64 2.73
C PRO A 16 3.48 -3.66 2.36
N CYS A 17 2.57 -3.37 1.39
CA CYS A 17 1.44 -4.20 0.98
C CYS A 17 1.82 -5.47 0.23
N LYS A 18 2.97 -5.51 -0.51
CA LYS A 18 3.53 -6.72 -1.12
C LYS A 18 4.47 -7.47 -0.20
N GLU A 19 4.82 -6.87 0.98
CA GLU A 19 5.45 -7.52 2.12
C GLU A 19 4.41 -8.19 3.02
N LEU A 20 3.15 -7.68 3.00
CA LEU A 20 1.99 -8.14 3.77
C LEU A 20 1.20 -9.21 3.02
N TYR A 21 0.63 -8.82 1.84
CA TYR A 21 -0.36 -9.54 1.06
C TYR A 21 0.27 -10.31 -0.09
N GLY A 22 1.59 -10.09 -0.36
CA GLY A 22 2.43 -10.95 -1.20
C GLY A 22 2.63 -10.41 -2.60
N SER A 23 1.62 -10.64 -3.47
CA SER A 23 1.63 -10.32 -4.89
C SER A 23 0.21 -9.99 -5.27
N SER A 24 -0.76 -10.25 -4.34
CA SER A 24 -2.18 -9.94 -4.46
C SER A 24 -2.41 -8.77 -3.53
N ALA A 25 -1.88 -7.58 -3.92
CA ALA A 25 -1.92 -6.36 -3.15
C ALA A 25 -2.47 -5.29 -4.05
N GLY A 26 -3.52 -4.58 -3.57
CA GLY A 26 -4.11 -3.41 -4.18
C GLY A 26 -3.68 -2.23 -3.38
N ALA A 27 -2.50 -1.66 -3.73
CA ALA A 27 -1.85 -0.59 -3.01
C ALA A 27 -2.31 0.75 -3.55
N LYS A 28 -2.96 1.55 -2.67
CA LYS A 28 -3.57 2.83 -2.99
C LYS A 28 -2.90 3.77 -2.04
N CYS A 29 -2.55 5.00 -2.49
CA CYS A 29 -1.86 5.93 -1.62
C CYS A 29 -2.51 7.27 -1.82
N MET A 30 -3.28 7.69 -0.78
CA MET A 30 -4.12 8.87 -0.73
C MET A 30 -3.44 9.82 0.26
N ASN A 31 -3.11 11.08 -0.15
CA ASN A 31 -2.50 12.15 0.65
C ASN A 31 -0.99 11.93 0.76
N GLY A 32 -0.61 11.11 1.77
CA GLY A 32 0.72 10.60 1.92
C GLY A 32 0.65 9.53 2.96
N LYS A 33 -0.32 8.57 2.82
CA LYS A 33 -0.51 7.43 3.71
C LYS A 33 -1.11 6.34 2.88
N CYS A 34 -0.82 5.06 3.26
CA CYS A 34 -0.92 3.86 2.46
C CYS A 34 -2.13 3.04 2.87
N LYS A 35 -2.70 2.29 1.88
CA LYS A 35 -3.82 1.39 1.99
C LYS A 35 -3.40 0.12 1.32
N CYS A 36 -3.86 -1.03 1.86
CA CYS A 36 -3.60 -2.35 1.32
C CYS A 36 -4.91 -3.07 1.16
N TYR A 37 -5.15 -3.59 -0.06
CA TYR A 37 -6.32 -4.34 -0.46
C TYR A 37 -5.80 -5.64 -1.01
N ASN A 38 -6.65 -6.39 -1.77
CA ASN A 38 -6.32 -7.66 -2.39
C ASN A 38 -6.73 -7.53 -3.84
N ASN A 39 -5.75 -7.21 -4.71
CA ASN A 39 -5.93 -7.13 -6.16
C ASN A 39 -4.67 -7.78 -6.76
N NH2 A 40 -4.79 -9.08 -7.14
HN1 NH2 A 40 -4.01 -9.56 -7.54
HN2 NH2 A 40 -5.66 -9.57 -7.01
N THR A 1 -7.95 -3.03 4.11
CA THR A 1 -7.39 -2.28 5.28
C THR A 1 -6.79 -0.96 4.83
N ILE A 2 -6.60 -0.04 5.82
CA ILE A 2 -5.98 1.25 5.68
C ILE A 2 -4.87 1.22 6.71
N ILE A 3 -3.58 1.29 6.23
CA ILE A 3 -2.37 1.30 7.04
C ILE A 3 -1.82 2.72 7.09
N ASN A 4 -0.64 2.94 7.75
CA ASN A 4 -0.02 4.25 7.90
C ASN A 4 1.44 4.04 7.60
N VAL A 5 1.89 4.49 6.39
CA VAL A 5 3.23 4.25 5.85
C VAL A 5 4.00 5.54 5.73
N LYS A 6 3.36 6.56 5.08
CA LYS A 6 3.85 7.82 4.57
C LYS A 6 4.49 7.63 3.19
N CYS A 7 3.97 8.33 2.15
CA CYS A 7 4.27 8.05 0.77
C CYS A 7 4.23 9.34 -0.01
N THR A 8 4.44 9.23 -1.34
CA THR A 8 4.19 10.28 -2.31
C THR A 8 3.90 9.57 -3.63
N SER A 9 3.42 8.29 -3.56
CA SER A 9 3.26 7.42 -4.71
C SER A 9 2.54 6.15 -4.24
N PRO A 10 1.75 5.45 -5.08
CA PRO A 10 1.31 4.06 -4.89
C PRO A 10 2.42 3.01 -5.04
N LYS A 11 3.62 3.36 -5.61
CA LYS A 11 4.84 2.58 -5.66
C LYS A 11 5.63 2.55 -4.35
N GLN A 12 5.32 3.48 -3.38
CA GLN A 12 5.83 3.56 -2.02
C GLN A 12 4.82 2.91 -1.07
N CYS A 13 3.79 2.25 -1.65
CA CYS A 13 2.71 1.55 -0.98
C CYS A 13 2.66 0.11 -1.47
N SER A 14 3.34 -0.26 -2.60
CA SER A 14 3.45 -1.63 -3.11
C SER A 14 4.60 -2.37 -2.47
N LYS A 15 5.42 -1.66 -1.66
CA LYS A 15 6.48 -2.12 -0.80
C LYS A 15 5.93 -2.62 0.55
N PRO A 16 5.14 -1.88 1.39
CA PRO A 16 4.48 -2.35 2.61
C PRO A 16 3.40 -3.41 2.35
N CYS A 17 2.47 -3.22 1.36
CA CYS A 17 1.37 -4.09 1.01
C CYS A 17 1.75 -5.42 0.39
N LYS A 18 2.88 -5.52 -0.37
CA LYS A 18 3.44 -6.77 -0.90
C LYS A 18 4.39 -7.46 0.06
N GLU A 19 4.70 -6.79 1.20
CA GLU A 19 5.34 -7.36 2.38
C GLU A 19 4.31 -7.93 3.36
N LEU A 20 3.03 -7.45 3.24
CA LEU A 20 1.87 -7.85 4.03
C LEU A 20 1.10 -8.97 3.33
N TYR A 21 0.49 -8.65 2.16
CA TYR A 21 -0.49 -9.42 1.41
C TYR A 21 0.13 -10.23 0.29
N GLY A 22 1.45 -10.03 0.02
CA GLY A 22 2.27 -10.93 -0.78
C GLY A 22 2.45 -10.48 -2.21
N SER A 23 1.42 -10.74 -3.04
CA SER A 23 1.40 -10.47 -4.47
C SER A 23 -0.03 -10.14 -4.85
N SER A 24 -0.98 -10.35 -3.89
CA SER A 24 -2.40 -10.06 -4.00
C SER A 24 -2.63 -8.81 -3.16
N ALA A 25 -2.10 -7.66 -3.63
CA ALA A 25 -2.09 -6.40 -2.93
C ALA A 25 -2.66 -5.38 -3.89
N GLY A 26 -3.73 -4.66 -3.43
CA GLY A 26 -4.30 -3.51 -4.08
C GLY A 26 -3.82 -2.30 -3.34
N ALA A 27 -2.65 -1.75 -3.78
CA ALA A 27 -1.90 -0.73 -3.10
C ALA A 27 -2.25 0.63 -3.67
N LYS A 28 -2.93 1.46 -2.83
CA LYS A 28 -3.49 2.75 -3.18
C LYS A 28 -2.90 3.70 -2.18
N CYS A 29 -2.51 4.92 -2.59
CA CYS A 29 -1.82 5.83 -1.68
C CYS A 29 -2.48 7.17 -1.84
N MET A 30 -3.21 7.59 -0.78
CA MET A 30 -4.06 8.77 -0.72
C MET A 30 -3.53 9.60 0.44
N ASN A 31 -3.27 10.95 0.23
CA ASN A 31 -2.97 11.95 1.25
C ASN A 31 -1.57 11.90 1.84
N GLY A 32 -0.77 10.85 1.48
CA GLY A 32 0.53 10.54 2.00
C GLY A 32 0.45 9.52 3.11
N LYS A 33 -0.41 8.46 2.95
CA LYS A 33 -0.49 7.27 3.79
C LYS A 33 -1.04 6.22 2.84
N CYS A 34 -0.79 4.93 3.16
CA CYS A 34 -0.97 3.79 2.27
C CYS A 34 -2.21 3.02 2.67
N LYS A 35 -2.80 2.28 1.70
CA LYS A 35 -3.94 1.41 1.85
C LYS A 35 -3.57 0.12 1.19
N CYS A 36 -3.86 -1.02 1.86
CA CYS A 36 -3.57 -2.35 1.37
C CYS A 36 -4.84 -3.12 1.33
N TYR A 37 -5.24 -3.54 0.10
CA TYR A 37 -6.42 -4.29 -0.20
C TYR A 37 -5.95 -5.62 -0.74
N ASN A 38 -6.86 -6.40 -1.38
CA ASN A 38 -6.58 -7.72 -1.92
C ASN A 38 -7.03 -7.69 -3.37
N ASN A 39 -6.10 -7.34 -4.28
CA ASN A 39 -6.32 -7.30 -5.71
C ASN A 39 -5.04 -7.90 -6.33
N NH2 A 40 -5.08 -9.24 -6.61
HN1 NH2 A 40 -4.29 -9.70 -7.02
HN2 NH2 A 40 -5.92 -9.77 -6.41
#